data_6Z5R
#
_entry.id   6Z5R
#
_cell.length_a   1.00
_cell.length_b   1.00
_cell.length_c   1.00
_cell.angle_alpha   90.00
_cell.angle_beta   90.00
_cell.angle_gamma   90.00
#
_symmetry.space_group_name_H-M   'P 1'
#
loop_
_entity.id
_entity.type
_entity.pdbx_description
1 polymer 'Light-harvesting complex 1 alpha chain'
2 polymer 'Light-harvesting complex 1 beta chain'
3 polymer 'H subunit of photosynthetic reaction center complex'
4 polymer 'Reaction center protein L chain'
5 polymer 'Reaction center protein M chain'
6 non-polymer 'BACTERIOCHLOROPHYLL A'
7 non-polymer SPIRILLOXANTHIN
8 non-polymer '(4S,7R)-4-HYDROXY-N,N,N-TRIMETHYL-9-OXO-7-[(PALMITOYLOXY)METHYL]-3,5,8-TRIOXA-4-PHOSPHAHEXACOSAN-1-AMINIUM 4-OXIDE'
9 non-polymer CARDIOLIPIN
10 non-polymer DODECYL-BETA-D-MALTOSIDE
11 non-polymer 'BACTERIOPHEOPHYTIN A'
12 non-polymer UBIQUINONE-10
13 non-polymer 'FE (III) ION'
14 non-polymer (6~{R},10~{S},14~{R},19~{R},23~{S},24~{E},27~{S},28~{E})-2,6,10,14,19,23,27,31-octamethyldotriaconta-24,28-dien-2-ol
15 non-polymer '(1S)-2-{[{[(2R)-2,3-DIHYDROXYPROPYL]OXY}(HYDROXY)PHOSPHORYL]OXY}-1-[(PALMITOYLOXY)METHYL]ETHYL STEARATE'
16 water water
#
loop_
_entity_poly.entity_id
_entity_poly.type
_entity_poly.pdbx_seq_one_letter_code
_entity_poly.pdbx_strand_id
1 'polypeptide(L)' (FME)WRIWLLFDPRRALVLLFVFLFGLAIIIHFILLSTSRFNWLDGPRAAK C,E,G,J,N,R,T,V,P,Y,A,1,3,5,7,9
2 'polypeptide(L)' MSDGSISGLSEAEAKEFHSIFVTSFFLFIVVAVVAHILAWMWRPWLPKATGY D,F,I,K,O,S,U,X,Q,Z,B,2,4,6,8,0
3 'polypeptide(L)'
;MQPGAYLDLAQVTLYVFWIFFAGLLFYLRREDKREGYPLVADAGSGTRLAKIGVPAPPDPKTYLLRGGATKTVPSTSNDR
PNVALTPAAPWPGAPFVPTGNPFADGVGPGSYAQRADVPELGLDNLPIIVPLRAAKGMFLDPRDPNPVGMPVVGCDGVVG
GTVTEVWVDRAEVLARYLEVEVAKSRKRVLLPVPFALINDPFGKVSVDAIRGDQFAGVPTTSKGDQVSKLEEDKICAYYG
AGTLYATPLRSESLV
;
H
4 'polypeptide(L)'
;MAMLSFEKKYRVRGGTLIGGDLFDFWVGPFYVGIFGVMTVFFALIGIALIAWNTALGPTWNLWQISVNPPDAKYGLGFAP
LAEGGIWQWVSICATGAFVTWALREVEICRKLGIGFHVPFAFSFAIFAYVTLVVIRPVLMGSWSYGFPYGIFTHLDWVSN
TGYSYGQFHYNPAHMIAITFFFTTCLALALHGGLVLSALNPDRGEPVKSPEHENTVFRDLVGYSIGTIGIHRLGLFLALS
AVFFSAVCMIISGPVLAEGGSWPDWWNWWRNLPIWNP
;
L
5 'polypeptide(L)'
;MAQYQNIFTQVQVEGPAYAGVPLRPGSSPRETQTTFNYWLGKIGDAQVGPVYLGFTGVCSLLCGFVAIEIIGLNMLASVD
WSPIEFLRQFCWLALEPPKPEYGLTIPPLKEGGWWLMAGFFLTVSIALWWVRTYRRSRALGMGTHVSWAFASAILLYLAL
GFIQPLLMGSWSEAPPFGVFPHLDWTNNFSIKYGNLYYNPFHCLSIAFLYGSALLFAMHGATILAVSRYGGEREIEQMLD
RGTALERAALFWRWTMGFNATAESIHRWAWWFAVLCPLTGAIGIILTGPVVDNWFDWGVKHGLAPPR
;
M
#
# COMPACT_ATOMS: atom_id res chain seq x y z
N TRP A 2 23.29 -30.37 -40.86
CA TRP A 2 21.93 -30.93 -40.75
C TRP A 2 21.70 -31.48 -39.35
N ARG A 3 22.79 -31.67 -38.59
CA ARG A 3 22.69 -32.21 -37.25
C ARG A 3 22.00 -31.26 -36.29
N ILE A 4 21.87 -29.97 -36.66
CA ILE A 4 21.20 -29.00 -35.81
C ILE A 4 19.75 -29.39 -35.58
N TRP A 5 19.18 -30.23 -36.43
CA TRP A 5 17.80 -30.67 -36.29
C TRP A 5 17.68 -31.96 -35.49
N LEU A 6 18.78 -32.44 -34.92
CA LEU A 6 18.73 -33.48 -33.91
C LEU A 6 18.67 -32.90 -32.51
N LEU A 7 18.85 -31.59 -32.35
CA LEU A 7 18.82 -30.92 -31.06
C LEU A 7 17.58 -30.06 -30.85
N PHE A 8 17.00 -29.52 -31.92
CA PHE A 8 15.90 -28.57 -31.83
C PHE A 8 14.72 -29.07 -32.64
N ASP A 9 13.54 -28.97 -32.06
CA ASP A 9 12.30 -29.29 -32.76
C ASP A 9 12.07 -28.30 -33.89
N PRO A 10 11.93 -28.74 -35.13
CA PRO A 10 11.86 -27.78 -36.25
C PRO A 10 10.64 -26.86 -36.22
N ARG A 11 9.49 -27.32 -35.71
CA ARG A 11 8.29 -26.48 -35.70
C ARG A 11 8.50 -25.22 -34.88
N ARG A 12 8.81 -25.39 -33.60
CA ARG A 12 8.88 -24.25 -32.70
C ARG A 12 10.11 -23.41 -32.97
N ALA A 13 11.22 -24.03 -33.38
CA ALA A 13 12.37 -23.26 -33.84
C ALA A 13 12.00 -22.40 -35.03
N LEU A 14 11.23 -22.93 -35.97
CA LEU A 14 10.86 -22.18 -37.15
C LEU A 14 9.95 -21.00 -36.80
N VAL A 15 8.97 -21.22 -35.91
CA VAL A 15 8.07 -20.13 -35.57
C VAL A 15 8.80 -19.04 -34.77
N LEU A 16 9.72 -19.44 -33.89
CA LEU A 16 10.50 -18.45 -33.16
C LEU A 16 11.39 -17.67 -34.11
N LEU A 17 11.98 -18.34 -35.09
CA LEU A 17 12.81 -17.67 -36.08
C LEU A 17 12.00 -16.66 -36.88
N PHE A 18 10.78 -17.04 -37.26
CA PHE A 18 9.94 -16.11 -38.02
C PHE A 18 9.56 -14.90 -37.18
N VAL A 19 9.24 -15.11 -35.90
CA VAL A 19 8.91 -13.99 -35.02
C VAL A 19 10.10 -13.05 -34.90
N PHE A 20 11.29 -13.61 -34.70
CA PHE A 20 12.51 -12.80 -34.60
C PHE A 20 12.74 -11.99 -35.88
N LEU A 21 12.61 -12.63 -37.04
CA LEU A 21 12.84 -11.95 -38.30
C LEU A 21 11.84 -10.83 -38.52
N PHE A 22 10.57 -11.06 -38.18
CA PHE A 22 9.56 -10.02 -38.34
C PHE A 22 9.85 -8.84 -37.44
N GLY A 23 10.23 -9.09 -36.19
CA GLY A 23 10.58 -7.98 -35.31
C GLY A 23 11.76 -7.18 -35.83
N LEU A 24 12.79 -7.87 -36.33
CA LEU A 24 13.96 -7.18 -36.86
C LEU A 24 13.59 -6.31 -38.05
N ALA A 25 12.80 -6.86 -38.98
CA ALA A 25 12.37 -6.09 -40.14
C ALA A 25 11.58 -4.86 -39.74
N ILE A 26 10.67 -5.01 -38.78
CA ILE A 26 9.87 -3.87 -38.32
C ILE A 26 10.78 -2.80 -37.73
N ILE A 27 11.76 -3.20 -36.92
CA ILE A 27 12.65 -2.22 -36.30
C ILE A 27 13.46 -1.47 -37.35
N ILE A 28 13.99 -2.18 -38.35
CA ILE A 28 14.77 -1.50 -39.37
C ILE A 28 13.91 -0.54 -40.17
N HIS A 29 12.69 -0.95 -40.51
CA HIS A 29 11.81 -0.08 -41.27
C HIS A 29 11.45 1.18 -40.48
N PHE A 30 11.14 1.04 -39.20
CA PHE A 30 10.91 2.22 -38.35
C PHE A 30 12.12 3.14 -38.32
N ILE A 31 13.31 2.58 -38.09
CA ILE A 31 14.51 3.39 -38.00
C ILE A 31 14.72 4.19 -39.29
N LEU A 32 14.54 3.53 -40.44
CA LEU A 32 14.74 4.21 -41.70
C LEU A 32 13.65 5.26 -41.95
N LEU A 33 12.41 4.96 -41.59
CA LEU A 33 11.32 5.92 -41.78
C LEU A 33 11.43 7.10 -40.84
N SER A 34 12.19 6.98 -39.76
CA SER A 34 12.33 8.06 -38.79
C SER A 34 13.41 9.07 -39.17
N THR A 35 14.26 8.76 -40.14
CA THR A 35 15.31 9.68 -40.57
C THR A 35 14.73 10.72 -41.52
N SER A 36 15.60 11.57 -42.07
CA SER A 36 15.21 12.56 -43.06
C SER A 36 15.62 12.15 -44.47
N ARG A 37 16.80 11.55 -44.63
CA ARG A 37 17.27 11.17 -45.94
C ARG A 37 16.54 9.94 -46.48
N PHE A 38 16.17 9.00 -45.63
CA PHE A 38 15.60 7.74 -46.06
C PHE A 38 14.10 7.63 -45.77
N ASN A 39 13.44 8.76 -45.53
CA ASN A 39 11.99 8.77 -45.48
C ASN A 39 11.44 8.70 -46.89
N TRP A 40 10.78 7.59 -47.22
CA TRP A 40 10.26 7.36 -48.56
C TRP A 40 8.80 7.76 -48.70
N LEU A 41 8.26 8.51 -47.75
CA LEU A 41 6.87 8.97 -47.82
C LEU A 41 6.77 10.47 -47.97
N ASP A 42 7.34 11.24 -47.05
CA ASP A 42 7.33 12.70 -47.16
C ASP A 42 8.58 13.25 -47.82
N GLY A 43 9.71 12.56 -47.71
CA GLY A 43 10.95 13.04 -48.25
C GLY A 43 11.77 13.79 -47.22
N PRO A 44 12.77 14.54 -47.68
CA PRO A 44 13.65 15.25 -46.76
C PRO A 44 12.93 16.33 -46.00
N ARG A 45 13.51 16.70 -44.85
CA ARG A 45 12.91 17.73 -44.01
C ARG A 45 12.97 19.09 -44.69
N ALA A 46 14.17 19.54 -45.02
CA ALA A 46 14.39 20.84 -45.65
C ALA A 46 13.80 21.97 -44.82
N GLY B 4 16.84 -42.15 -28.49
CA GLY B 4 16.96 -41.42 -29.74
C GLY B 4 17.58 -40.05 -29.58
N SER B 5 17.15 -39.10 -30.41
CA SER B 5 17.67 -37.75 -30.37
C SER B 5 16.85 -36.88 -29.41
N ILE B 6 17.46 -35.78 -28.99
CA ILE B 6 16.76 -34.82 -28.16
C ILE B 6 15.56 -34.25 -28.91
N SER B 7 15.77 -33.89 -30.18
CA SER B 7 14.68 -33.40 -31.02
C SER B 7 13.56 -34.44 -31.14
N GLY B 8 13.91 -35.69 -31.35
CA GLY B 8 12.95 -36.72 -31.69
C GLY B 8 12.87 -37.04 -33.16
N LEU B 9 13.86 -36.65 -33.95
CA LEU B 9 13.90 -36.91 -35.38
C LEU B 9 14.97 -37.95 -35.70
N SER B 10 14.84 -38.58 -36.85
CA SER B 10 15.86 -39.48 -37.36
C SER B 10 16.74 -38.74 -38.36
N GLU B 11 17.84 -39.39 -38.75
CA GLU B 11 18.79 -38.76 -39.66
C GLU B 11 18.15 -38.43 -40.99
N ALA B 12 17.28 -39.32 -41.48
CA ALA B 12 16.62 -39.08 -42.77
C ALA B 12 15.73 -37.84 -42.71
N GLU B 13 14.88 -37.76 -41.69
CA GLU B 13 14.00 -36.61 -41.55
C GLU B 13 14.80 -35.34 -41.35
N ALA B 14 15.89 -35.42 -40.58
CA ALA B 14 16.72 -34.25 -40.35
C ALA B 14 17.33 -33.75 -41.66
N LYS B 15 17.84 -34.66 -42.48
CA LYS B 15 18.47 -34.25 -43.74
C LYS B 15 17.44 -33.69 -44.72
N GLU B 16 16.24 -34.28 -44.75
CA GLU B 16 15.18 -33.75 -45.60
C GLU B 16 14.81 -32.33 -45.19
N PHE B 17 14.50 -32.14 -43.91
CA PHE B 17 14.17 -30.81 -43.42
C PHE B 17 15.30 -29.84 -43.68
N HIS B 18 16.56 -30.29 -43.56
CA HIS B 18 17.67 -29.39 -43.79
C HIS B 18 17.76 -28.97 -45.24
N SER B 19 17.51 -29.89 -46.17
CA SER B 19 17.53 -29.51 -47.59
C SER B 19 16.48 -28.46 -47.88
N ILE B 20 15.25 -28.68 -47.40
CA ILE B 20 14.19 -27.70 -47.64
C ILE B 20 14.52 -26.36 -46.98
N PHE B 21 15.09 -26.42 -45.77
CA PHE B 21 15.44 -25.21 -45.04
C PHE B 21 16.51 -24.41 -45.77
N VAL B 22 17.52 -25.09 -46.30
CA VAL B 22 18.57 -24.40 -47.06
C VAL B 22 17.99 -23.75 -48.30
N THR B 23 17.13 -24.47 -49.01
CA THR B 23 16.52 -23.90 -50.21
C THR B 23 15.74 -22.63 -49.88
N SER B 24 14.92 -22.67 -48.84
CA SER B 24 14.12 -21.50 -48.48
C SER B 24 15.00 -20.34 -48.03
N PHE B 25 16.01 -20.64 -47.20
CA PHE B 25 16.94 -19.60 -46.74
C PHE B 25 17.65 -18.95 -47.92
N PHE B 26 17.99 -19.73 -48.94
N PHE B 26 17.99 -19.74 -48.93
CA PHE B 26 18.70 -19.16 -50.08
CA PHE B 26 18.70 -19.20 -50.10
C PHE B 26 17.79 -18.29 -50.93
C PHE B 26 17.80 -18.29 -50.92
N LEU B 27 16.55 -18.70 -51.14
CA LEU B 27 15.62 -17.84 -51.87
C LEU B 27 15.38 -16.53 -51.10
N PHE B 28 15.29 -16.62 -49.77
CA PHE B 28 15.14 -15.43 -48.94
C PHE B 28 16.34 -14.49 -49.12
N ILE B 29 17.55 -15.05 -49.09
CA ILE B 29 18.75 -14.24 -49.22
C ILE B 29 18.83 -13.61 -50.60
N VAL B 30 18.41 -14.33 -51.63
CA VAL B 30 18.43 -13.78 -52.99
C VAL B 30 17.49 -12.58 -53.10
N VAL B 31 16.27 -12.74 -52.59
CA VAL B 31 15.31 -11.63 -52.65
C VAL B 31 15.82 -10.45 -51.85
N ALA B 32 16.47 -10.71 -50.71
CA ALA B 32 17.03 -9.63 -49.91
C ALA B 32 18.13 -8.88 -50.65
N VAL B 33 19.00 -9.61 -51.35
CA VAL B 33 20.08 -8.98 -52.10
C VAL B 33 19.51 -8.11 -53.22
N VAL B 34 18.48 -8.60 -53.90
CA VAL B 34 17.87 -7.78 -54.96
C VAL B 34 17.26 -6.52 -54.36
N ALA B 35 16.56 -6.66 -53.23
CA ALA B 35 15.98 -5.50 -52.56
C ALA B 35 17.04 -4.49 -52.17
N HIS B 36 18.20 -4.96 -51.71
CA HIS B 36 19.25 -4.04 -51.30
C HIS B 36 19.87 -3.32 -52.49
N ILE B 37 20.05 -4.01 -53.60
CA ILE B 37 20.55 -3.35 -54.80
C ILE B 37 19.58 -2.26 -55.24
N LEU B 38 18.28 -2.57 -55.24
CA LEU B 38 17.29 -1.56 -55.61
C LEU B 38 17.31 -0.38 -54.66
N ALA B 39 17.45 -0.64 -53.36
CA ALA B 39 17.45 0.45 -52.38
C ALA B 39 18.71 1.31 -52.51
N TRP B 40 19.84 0.70 -52.84
CA TRP B 40 21.05 1.50 -53.07
C TRP B 40 20.89 2.37 -54.32
N MET B 41 20.26 1.83 -55.36
CA MET B 41 20.00 2.66 -56.53
C MET B 41 19.03 3.79 -56.22
N TRP B 42 18.12 3.58 -55.27
CA TRP B 42 17.26 4.68 -54.84
C TRP B 42 18.06 5.71 -54.05
N ARG B 43 18.74 5.29 -52.99
CA ARG B 43 19.54 6.18 -52.17
C ARG B 43 20.74 5.47 -51.57
N PRO B 44 21.96 5.87 -51.93
CA PRO B 44 23.14 5.30 -51.29
C PRO B 44 23.31 5.79 -49.87
N TRP B 45 23.88 4.94 -49.03
CA TRP B 45 24.26 5.28 -47.68
C TRP B 45 25.79 5.31 -47.60
N LEU B 46 26.30 5.40 -46.36
CA LEU B 46 27.74 5.54 -46.10
C LEU B 46 28.28 6.82 -46.71
N PRO B 47 27.95 7.99 -46.15
CA PRO B 47 28.46 9.24 -46.69
C PRO B 47 29.95 9.44 -46.44
N LYS B 48 30.47 10.60 -46.83
CA LYS B 48 31.84 10.97 -46.53
C LYS B 48 31.90 11.79 -45.24
N ALA B 49 33.11 12.01 -44.74
CA ALA B 49 33.28 12.66 -43.45
C ALA B 49 32.73 14.09 -43.42
N THR B 50 32.35 14.62 -44.58
CA THR B 50 31.77 15.96 -44.66
C THR B 50 30.31 15.93 -45.09
N GLY B 51 29.75 14.76 -45.38
CA GLY B 51 28.37 14.62 -45.77
C GLY B 51 28.24 14.19 -47.22
N TYR B 52 26.99 14.14 -47.67
CA TYR B 52 26.70 13.78 -49.05
C TYR B 52 26.92 14.96 -49.97
N TRP C 2 38.18 -29.49 -26.70
CA TRP C 2 36.90 -30.12 -26.96
C TRP C 2 36.27 -30.60 -25.65
N ARG C 3 37.07 -30.60 -24.58
CA ARG C 3 36.59 -31.06 -23.30
C ARG C 3 35.61 -30.10 -22.65
N ILE C 4 35.49 -28.88 -23.17
CA ILE C 4 34.52 -27.92 -22.66
C ILE C 4 33.10 -28.45 -22.78
N TRP C 5 32.86 -29.39 -23.70
CA TRP C 5 31.55 -29.98 -23.88
C TRP C 5 31.36 -31.24 -23.04
N LEU C 6 32.37 -31.64 -22.27
CA LEU C 6 32.17 -32.61 -21.21
C LEU C 6 31.75 -31.95 -19.91
N LEU C 7 31.60 -30.64 -19.91
CA LEU C 7 31.19 -29.85 -18.76
C LEU C 7 29.88 -29.13 -18.97
N PHE C 8 29.68 -28.50 -20.12
CA PHE C 8 28.48 -27.75 -20.42
C PHE C 8 27.66 -28.46 -21.48
N ASP C 9 26.34 -28.27 -21.42
CA ASP C 9 25.45 -28.80 -22.43
C ASP C 9 25.60 -27.99 -23.71
N PRO C 10 25.99 -28.62 -24.82
CA PRO C 10 26.16 -27.85 -26.07
C PRO C 10 24.88 -27.20 -26.55
N ARG C 11 23.74 -27.87 -26.37
CA ARG C 11 22.49 -27.39 -26.95
C ARG C 11 22.06 -26.06 -26.34
N ARG C 12 22.22 -25.90 -25.02
CA ARG C 12 21.82 -24.65 -24.37
C ARG C 12 22.91 -23.60 -24.42
N ALA C 13 24.18 -24.02 -24.42
CA ALA C 13 25.26 -23.07 -24.61
C ALA C 13 25.18 -22.41 -25.96
N LEU C 14 24.68 -23.14 -26.97
CA LEU C 14 24.56 -22.56 -28.31
C LEU C 14 23.51 -21.45 -28.34
N VAL C 15 22.37 -21.67 -27.67
CA VAL C 15 21.33 -20.65 -27.61
C VAL C 15 21.79 -19.45 -26.80
N LEU C 16 22.46 -19.70 -25.67
CA LEU C 16 23.00 -18.60 -24.88
C LEU C 16 23.99 -17.78 -25.67
N LEU C 17 24.85 -18.45 -26.45
CA LEU C 17 25.80 -17.75 -27.30
C LEU C 17 25.10 -16.90 -28.34
N PHE C 18 24.07 -17.45 -28.99
CA PHE C 18 23.30 -16.67 -29.96
C PHE C 18 22.72 -15.40 -29.34
N VAL C 19 22.10 -15.55 -28.16
CA VAL C 19 21.48 -14.40 -27.52
C VAL C 19 22.52 -13.35 -27.15
N PHE C 20 23.63 -13.78 -26.54
CA PHE C 20 24.69 -12.85 -26.16
C PHE C 20 25.24 -12.11 -27.38
N LEU C 21 25.51 -12.84 -28.47
CA LEU C 21 26.08 -12.21 -29.65
C LEU C 21 25.12 -11.21 -30.28
N PHE C 22 23.84 -11.56 -30.37
CA PHE C 22 22.88 -10.64 -30.95
C PHE C 22 22.74 -9.38 -30.10
N GLY C 23 22.67 -9.54 -28.77
CA GLY C 23 22.60 -8.37 -27.92
C GLY C 23 23.81 -7.46 -28.05
N LEU C 24 25.00 -8.05 -28.10
CA LEU C 24 26.21 -7.25 -28.25
C LEU C 24 26.22 -6.50 -29.57
N ALA C 25 25.85 -7.17 -30.66
CA ALA C 25 25.83 -6.52 -31.96
C ALA C 25 24.83 -5.36 -31.99
N ILE C 26 23.66 -5.54 -31.38
CA ILE C 26 22.66 -4.48 -31.33
C ILE C 26 23.20 -3.29 -30.54
N ILE C 27 23.83 -3.56 -29.40
CA ILE C 27 24.37 -2.49 -28.58
C ILE C 27 25.41 -1.68 -29.36
N ILE C 28 26.32 -2.39 -30.05
CA ILE C 28 27.36 -1.70 -30.80
C ILE C 28 26.76 -0.87 -31.93
N HIS C 29 25.78 -1.42 -32.64
CA HIS C 29 25.18 -0.67 -33.75
C HIS C 29 24.49 0.59 -33.25
N PHE C 30 23.77 0.52 -32.12
CA PHE C 30 23.16 1.73 -31.59
C PHE C 30 24.20 2.74 -31.12
N ILE C 31 25.29 2.27 -30.50
CA ILE C 31 26.35 3.18 -30.09
C ILE C 31 26.90 3.93 -31.28
N LEU C 32 27.16 3.21 -32.38
CA LEU C 32 27.65 3.87 -33.59
C LEU C 32 26.63 4.86 -34.13
N LEU C 33 25.36 4.47 -34.19
CA LEU C 33 24.33 5.36 -34.71
C LEU C 33 24.17 6.62 -33.86
N SER C 34 24.53 6.57 -32.58
CA SER C 34 24.34 7.74 -31.73
C SER C 34 25.43 8.79 -31.90
N THR C 35 26.58 8.43 -32.48
CA THR C 35 27.67 9.37 -32.64
C THR C 35 27.48 10.20 -33.91
N SER C 36 28.38 11.15 -34.10
CA SER C 36 28.34 12.05 -35.25
C SER C 36 29.20 11.55 -36.41
N ARG C 37 30.39 11.03 -36.10
CA ARG C 37 31.32 10.66 -37.15
C ARG C 37 30.91 9.37 -37.84
N PHE C 38 30.30 8.44 -37.10
CA PHE C 38 30.02 7.10 -37.60
C PHE C 38 28.55 6.86 -37.88
N ASN C 39 27.73 7.91 -37.94
CA ASN C 39 26.34 7.77 -38.33
C ASN C 39 26.28 7.63 -39.84
N TRP C 40 25.90 6.46 -40.33
CA TRP C 40 25.93 6.14 -41.74
C TRP C 40 24.60 6.40 -42.44
N LEU C 41 23.62 6.97 -41.74
CA LEU C 41 22.34 7.23 -42.38
C LEU C 41 22.18 8.69 -42.77
N ASP C 42 22.25 9.60 -41.81
CA ASP C 42 22.08 11.03 -42.10
C ASP C 42 23.39 11.79 -42.16
N GLY C 43 24.44 11.30 -41.49
CA GLY C 43 25.73 11.92 -41.59
C GLY C 43 26.15 12.69 -40.36
N PRO C 44 27.13 13.58 -40.53
CA PRO C 44 27.85 14.14 -39.38
C PRO C 44 27.01 14.91 -38.37
N ARG C 45 26.32 15.97 -38.80
CA ARG C 45 25.75 16.91 -37.83
C ARG C 45 24.61 16.25 -37.07
N ALA C 46 24.86 15.92 -35.80
CA ALA C 46 23.86 15.30 -34.95
C ALA C 46 24.22 15.45 -33.48
N GLY D 4 29.30 -41.37 -15.44
CA GLY D 4 29.59 -40.79 -16.75
C GLY D 4 30.33 -39.47 -16.65
N SER D 5 29.93 -38.52 -17.48
CA SER D 5 30.52 -37.19 -17.51
C SER D 5 29.52 -36.18 -16.97
N ILE D 6 30.04 -35.02 -16.56
CA ILE D 6 29.19 -33.98 -15.98
C ILE D 6 28.15 -33.51 -17.00
N SER D 7 28.58 -33.32 -18.25
CA SER D 7 27.65 -32.92 -19.29
C SER D 7 26.67 -34.04 -19.64
N GLY D 8 27.10 -35.29 -19.53
CA GLY D 8 26.32 -36.41 -19.98
C GLY D 8 26.67 -36.92 -21.36
N LEU D 9 27.60 -36.27 -22.03
CA LEU D 9 28.04 -36.67 -23.36
C LEU D 9 29.19 -37.67 -23.26
N SER D 10 29.53 -38.25 -24.40
CA SER D 10 30.72 -39.08 -24.53
C SER D 10 31.82 -38.26 -25.21
N GLU D 11 33.00 -38.87 -25.33
CA GLU D 11 34.10 -38.16 -25.98
C GLU D 11 33.89 -38.02 -27.48
N ALA D 12 33.29 -39.03 -28.12
CA ALA D 12 33.05 -38.95 -29.55
C ALA D 12 32.10 -37.82 -29.90
N GLU D 13 31.00 -37.72 -29.15
CA GLU D 13 30.04 -36.64 -29.39
C GLU D 13 30.65 -35.28 -29.11
N ALA D 14 31.45 -35.18 -28.04
CA ALA D 14 32.12 -33.94 -27.72
C ALA D 14 33.03 -33.51 -28.86
N LYS D 15 33.80 -34.44 -29.40
CA LYS D 15 34.74 -34.10 -30.48
C LYS D 15 34.00 -33.73 -31.76
N GLU D 16 32.91 -34.43 -32.07
CA GLU D 16 32.14 -34.09 -33.26
C GLU D 16 31.56 -32.68 -33.16
N PHE D 17 30.86 -32.41 -32.05
CA PHE D 17 30.31 -31.07 -31.84
C PHE D 17 31.41 -30.03 -31.88
N HIS D 18 32.58 -30.34 -31.31
CA HIS D 18 33.64 -29.35 -31.27
C HIS D 18 34.18 -29.06 -32.66
N SER D 19 34.29 -30.08 -33.51
CA SER D 19 34.72 -29.85 -34.87
C SER D 19 33.77 -28.90 -35.59
N ILE D 20 32.47 -29.19 -35.53
CA ILE D 20 31.52 -28.33 -36.23
C ILE D 20 31.52 -26.93 -35.63
N PHE D 21 31.61 -26.83 -34.31
CA PHE D 21 31.64 -25.55 -33.62
C PHE D 21 32.84 -24.73 -34.07
N VAL D 22 34.02 -25.34 -34.10
CA VAL D 22 35.23 -24.60 -34.47
C VAL D 22 35.12 -24.12 -35.91
N THR D 23 34.59 -24.96 -36.80
CA THR D 23 34.41 -24.52 -38.18
C THR D 23 33.52 -23.29 -38.27
N SER D 24 32.34 -23.35 -37.65
CA SER D 24 31.41 -22.23 -37.70
C SER D 24 32.00 -20.98 -37.08
N PHE D 25 32.68 -21.14 -35.94
CA PHE D 25 33.29 -20.01 -35.26
C PHE D 25 34.36 -19.35 -36.12
N PHE D 26 35.13 -20.15 -36.85
N PHE D 26 35.14 -20.17 -36.84
CA PHE D 26 36.20 -19.58 -37.67
CA PHE D 26 36.20 -19.63 -37.69
C PHE D 26 35.62 -18.85 -38.87
C PHE D 26 35.63 -18.87 -38.87
N LEU D 27 34.57 -19.40 -39.49
CA LEU D 27 33.92 -18.65 -40.56
C LEU D 27 33.35 -17.32 -40.06
N PHE D 28 32.70 -17.34 -38.89
CA PHE D 28 32.22 -16.11 -38.28
C PHE D 28 33.33 -15.09 -38.09
N ILE D 29 34.47 -15.55 -37.56
CA ILE D 29 35.59 -14.65 -37.29
C ILE D 29 36.13 -14.07 -38.59
N VAL D 30 36.25 -14.89 -39.63
CA VAL D 30 36.76 -14.38 -40.91
C VAL D 30 35.82 -13.29 -41.47
N VAL D 31 34.52 -13.56 -41.44
CA VAL D 31 33.57 -12.58 -41.96
C VAL D 31 33.66 -11.27 -41.16
N ALA D 32 33.82 -11.39 -39.84
CA ALA D 32 33.92 -10.18 -39.02
C ALA D 32 35.20 -9.41 -39.31
N VAL D 33 36.30 -10.11 -39.58
CA VAL D 33 37.55 -9.43 -39.92
C VAL D 33 37.40 -8.65 -41.21
N VAL D 34 36.76 -9.26 -42.21
CA VAL D 34 36.54 -8.55 -43.47
C VAL D 34 35.64 -7.33 -43.26
N ALA D 35 34.59 -7.49 -42.45
CA ALA D 35 33.72 -6.37 -42.14
C ALA D 35 34.49 -5.23 -41.50
N HIS D 36 35.42 -5.55 -40.60
CA HIS D 36 36.17 -4.50 -39.92
C HIS D 36 37.17 -3.82 -40.85
N ILE D 37 37.75 -4.57 -41.77
CA ILE D 37 38.65 -3.94 -42.75
C ILE D 37 37.87 -2.95 -43.61
N LEU D 38 36.68 -3.36 -44.07
CA LEU D 38 35.86 -2.43 -44.85
C LEU D 38 35.44 -1.22 -44.02
N ALA D 39 35.08 -1.43 -42.76
CA ALA D 39 34.67 -0.32 -41.91
C ALA D 39 35.82 0.64 -41.64
N TRP D 40 37.04 0.14 -41.53
CA TRP D 40 38.18 1.04 -41.39
C TRP D 40 38.44 1.81 -42.67
N MET D 41 38.27 1.15 -43.82
CA MET D 41 38.40 1.85 -45.09
C MET D 41 37.36 2.95 -45.24
N TRP D 42 36.21 2.80 -44.59
CA TRP D 42 35.19 3.84 -44.66
C TRP D 42 35.45 4.96 -43.65
N ARG D 43 35.61 4.62 -42.37
CA ARG D 43 36.01 5.56 -41.32
C ARG D 43 37.17 4.97 -40.53
N PRO D 44 38.27 5.68 -40.35
CA PRO D 44 39.22 5.30 -39.32
C PRO D 44 38.76 5.80 -37.96
N TRP D 45 39.13 5.07 -36.92
CA TRP D 45 38.92 5.51 -35.54
C TRP D 45 40.28 5.63 -34.85
N LEU D 46 40.24 5.80 -33.52
CA LEU D 46 41.44 6.06 -32.71
C LEU D 46 42.13 7.34 -33.15
N PRO D 47 41.52 8.51 -32.88
CA PRO D 47 42.12 9.78 -33.31
C PRO D 47 43.37 10.15 -32.52
N LYS D 48 43.99 11.28 -32.90
CA LYS D 48 45.08 11.86 -32.14
C LYS D 48 44.53 12.69 -30.98
N ALA D 49 45.43 13.10 -30.09
CA ALA D 49 45.01 13.85 -28.92
C ALA D 49 44.45 15.23 -29.27
N THR D 50 44.47 15.62 -30.54
CA THR D 50 43.95 16.90 -30.96
C THR D 50 42.75 16.78 -31.89
N GLY D 51 42.27 15.58 -32.13
CA GLY D 51 41.15 15.35 -33.04
C GLY D 51 41.62 14.66 -34.31
N TYR D 52 40.69 14.57 -35.26
CA TYR D 52 40.99 13.98 -36.55
C TYR D 52 41.53 15.04 -37.51
N TRP E 2 44.93 -26.92 -6.90
CA TRP E 2 43.91 -27.64 -7.66
C TRP E 2 42.76 -28.13 -6.77
N ARG E 3 42.99 -28.10 -5.46
CA ARG E 3 41.99 -28.59 -4.52
C ARG E 3 40.78 -27.67 -4.43
N ILE E 4 40.89 -26.43 -4.92
CA ILE E 4 39.74 -25.52 -4.89
C ILE E 4 38.58 -26.07 -5.70
N TRP E 5 38.86 -26.96 -6.64
CA TRP E 5 37.82 -27.57 -7.46
C TRP E 5 37.20 -28.79 -6.80
N LEU E 6 37.68 -29.19 -5.63
CA LEU E 6 36.97 -30.15 -4.79
C LEU E 6 35.97 -29.45 -3.88
N LEU E 7 36.00 -28.11 -3.82
CA LEU E 7 35.06 -27.34 -3.01
C LEU E 7 33.91 -26.80 -3.84
N PHE E 8 34.22 -26.06 -4.91
CA PHE E 8 33.21 -25.40 -5.72
C PHE E 8 32.94 -26.18 -7.00
N ASP E 9 31.68 -26.15 -7.42
CA ASP E 9 31.31 -26.68 -8.72
C ASP E 9 32.00 -25.88 -9.81
N PRO E 10 32.72 -26.51 -10.73
CA PRO E 10 33.40 -25.74 -11.79
C PRO E 10 32.45 -25.08 -12.77
N ARG E 11 31.25 -25.63 -12.98
CA ARG E 11 30.31 -25.02 -13.92
C ARG E 11 29.84 -23.66 -13.42
N ARG E 12 29.35 -23.61 -12.17
CA ARG E 12 28.90 -22.35 -11.62
C ARG E 12 30.04 -21.37 -11.45
N ALA E 13 31.24 -21.87 -11.13
CA ALA E 13 32.40 -20.99 -11.03
C ALA E 13 32.73 -20.36 -12.37
N LEU E 14 32.68 -21.14 -13.46
CA LEU E 14 33.00 -20.58 -14.76
C LEU E 14 31.92 -19.62 -15.24
N VAL E 15 30.65 -19.94 -14.99
CA VAL E 15 29.59 -19.01 -15.40
C VAL E 15 29.69 -17.71 -14.62
N LEU E 16 29.94 -17.79 -13.32
CA LEU E 16 30.12 -16.58 -12.52
C LEU E 16 31.32 -15.77 -13.01
N LEU E 17 32.43 -16.44 -13.30
CA LEU E 17 33.62 -15.75 -13.76
C LEU E 17 33.37 -15.05 -15.08
N PHE E 18 32.68 -15.72 -16.01
CA PHE E 18 32.42 -15.11 -17.31
C PHE E 18 31.49 -13.91 -17.19
N VAL E 19 30.42 -14.04 -16.38
CA VAL E 19 29.52 -12.91 -16.19
C VAL E 19 30.25 -11.74 -15.55
N PHE E 20 31.05 -12.03 -14.53
CA PHE E 20 31.81 -10.98 -13.85
C PHE E 20 32.79 -10.28 -14.80
N LEU E 21 33.49 -11.06 -15.62
CA LEU E 21 34.46 -10.46 -16.54
C LEU E 21 33.78 -9.64 -17.61
N PHE E 22 32.64 -10.10 -18.13
CA PHE E 22 31.92 -9.32 -19.13
C PHE E 22 31.41 -8.01 -18.53
N GLY E 23 30.87 -8.07 -17.31
CA GLY E 23 30.41 -6.85 -16.67
C GLY E 23 31.54 -5.87 -16.41
N LEU E 24 32.68 -6.38 -15.95
CA LEU E 24 33.82 -5.49 -15.70
C LEU E 24 34.31 -4.85 -16.99
N ALA E 25 34.43 -5.63 -18.05
CA ALA E 25 34.91 -5.10 -19.33
C ALA E 25 33.94 -4.05 -19.87
N ILE E 26 32.63 -4.33 -19.80
CA ILE E 26 31.65 -3.39 -20.34
C ILE E 26 31.68 -2.09 -19.54
N ILE E 27 31.88 -2.20 -18.21
CA ILE E 27 31.91 -0.99 -17.39
C ILE E 27 33.16 -0.17 -17.67
N ILE E 28 34.31 -0.84 -17.84
CA ILE E 28 35.54 -0.09 -18.12
C ILE E 28 35.43 0.60 -19.48
N HIS E 29 34.89 -0.08 -20.47
CA HIS E 29 34.71 0.53 -21.79
C HIS E 29 33.78 1.74 -21.71
N PHE E 30 32.66 1.60 -20.98
CA PHE E 30 31.75 2.73 -20.85
C PHE E 30 32.36 3.89 -20.09
N ILE E 31 33.21 3.61 -19.10
CA ILE E 31 33.85 4.70 -18.36
C ILE E 31 34.85 5.43 -19.25
N LEU E 32 35.61 4.69 -20.05
CA LEU E 32 36.54 5.34 -20.96
C LEU E 32 35.80 6.13 -22.04
N LEU E 33 34.69 5.60 -22.53
CA LEU E 33 33.95 6.24 -23.60
C LEU E 33 33.30 7.56 -23.16
N SER E 34 33.08 7.75 -21.87
CA SER E 34 32.46 8.97 -21.36
C SER E 34 33.48 10.05 -21.00
N THR E 35 34.76 9.80 -21.24
CA THR E 35 35.77 10.82 -21.01
C THR E 35 36.03 11.60 -22.30
N SER E 36 36.83 12.65 -22.18
CA SER E 36 37.23 13.42 -23.35
C SER E 36 38.52 12.88 -23.95
N ARG E 37 39.48 12.50 -23.11
CA ARG E 37 40.78 12.09 -23.62
C ARG E 37 40.73 10.70 -24.24
N PHE E 38 39.99 9.77 -23.63
CA PHE E 38 40.01 8.38 -24.06
C PHE E 38 38.77 8.00 -24.84
N ASN E 39 38.09 8.96 -25.45
CA ASN E 39 36.96 8.70 -26.33
C ASN E 39 37.51 8.48 -27.74
N TRP E 40 37.45 7.24 -28.22
CA TRP E 40 38.04 6.87 -29.50
C TRP E 40 37.07 6.96 -30.65
N LEU E 41 35.81 7.34 -30.42
CA LEU E 41 34.85 7.40 -31.50
C LEU E 41 34.72 8.81 -32.08
N ASP E 42 34.32 9.78 -31.27
CA ASP E 42 34.20 11.15 -31.75
C ASP E 42 35.45 11.99 -31.54
N GLY E 43 36.33 11.58 -30.63
CA GLY E 43 37.57 12.29 -30.43
C GLY E 43 37.57 13.13 -29.17
N PRO E 44 38.61 13.95 -29.01
CA PRO E 44 38.84 14.64 -27.74
C PRO E 44 38.04 15.93 -27.59
N ARG E 45 37.01 16.12 -28.41
CA ARG E 45 36.27 17.37 -28.37
C ARG E 45 35.56 17.56 -27.04
N ALA E 46 34.83 16.54 -26.59
CA ALA E 46 34.12 16.62 -25.33
C ALA E 46 33.98 15.25 -24.67
N ILE F 6 32.88 -32.96 -1.91
CA ILE F 6 31.88 -31.91 -1.77
C ILE F 6 31.40 -31.46 -3.14
N SER F 7 32.36 -31.01 -3.96
CA SER F 7 32.03 -30.60 -5.32
C SER F 7 31.47 -31.74 -6.15
N GLY F 8 31.87 -32.96 -5.85
CA GLY F 8 31.49 -34.10 -6.66
C GLY F 8 32.50 -34.48 -7.73
N LEU F 9 33.71 -33.92 -7.69
CA LEU F 9 34.73 -34.17 -8.69
C LEU F 9 35.74 -35.18 -8.17
N SER F 10 36.13 -36.10 -9.04
CA SER F 10 37.28 -36.94 -8.77
C SER F 10 38.55 -36.08 -8.66
N GLU F 11 39.58 -36.67 -8.07
CA GLU F 11 40.84 -35.93 -7.91
C GLU F 11 41.51 -35.71 -9.26
N ALA F 12 41.48 -36.72 -10.13
CA ALA F 12 42.04 -36.59 -11.47
C ALA F 12 41.30 -35.52 -12.28
N GLU F 13 39.98 -35.50 -12.17
CA GLU F 13 39.20 -34.48 -12.87
C GLU F 13 39.54 -33.10 -12.36
N ALA F 14 39.75 -32.96 -11.05
CA ALA F 14 40.13 -31.67 -10.49
C ALA F 14 41.49 -31.23 -11.01
N LYS F 15 42.46 -32.14 -11.09
CA LYS F 15 43.78 -31.76 -11.57
C LYS F 15 43.75 -31.39 -13.05
N GLU F 16 42.98 -32.12 -13.85
CA GLU F 16 42.88 -31.80 -15.27
C GLU F 16 42.20 -30.45 -15.48
N PHE F 17 41.09 -30.21 -14.77
CA PHE F 17 40.43 -28.92 -14.84
C PHE F 17 41.39 -27.81 -14.43
N HIS F 18 42.18 -28.03 -13.39
CA HIS F 18 43.10 -26.99 -12.94
C HIS F 18 44.15 -26.68 -14.01
N SER F 19 44.70 -27.70 -14.65
CA SER F 19 45.69 -27.47 -15.69
C SER F 19 45.10 -26.67 -16.84
N ILE F 20 43.93 -27.09 -17.33
CA ILE F 20 43.34 -26.39 -18.48
C ILE F 20 42.95 -24.97 -18.09
N PHE F 21 42.38 -24.79 -16.89
CA PHE F 21 42.05 -23.46 -16.40
C PHE F 21 43.28 -22.56 -16.35
N VAL F 22 44.40 -23.10 -15.86
CA VAL F 22 45.61 -22.29 -15.74
C VAL F 22 46.09 -21.84 -17.11
N THR F 23 46.12 -22.76 -18.08
CA THR F 23 46.61 -22.36 -19.40
C THR F 23 45.69 -21.34 -20.05
N SER F 24 44.37 -21.50 -19.89
CA SER F 24 43.44 -20.53 -20.45
C SER F 24 43.61 -19.16 -19.81
N PHE F 25 43.71 -19.12 -18.47
CA PHE F 25 43.95 -17.87 -17.76
C PHE F 25 45.23 -17.19 -18.24
N PHE F 26 46.29 -17.98 -18.44
CA PHE F 26 47.56 -17.39 -18.85
C PHE F 26 47.49 -16.80 -20.26
N LEU F 27 46.82 -17.51 -21.18
CA LEU F 27 46.68 -16.96 -22.53
C LEU F 27 45.84 -15.69 -22.52
N PHE F 28 44.76 -15.68 -21.73
CA PHE F 28 43.95 -14.48 -21.59
C PHE F 28 44.79 -13.31 -21.08
N ILE F 29 45.66 -13.58 -20.11
CA ILE F 29 46.51 -12.53 -19.56
C ILE F 29 47.48 -12.01 -20.62
N VAL F 30 48.03 -12.90 -21.44
CA VAL F 30 48.95 -12.47 -22.48
C VAL F 30 48.25 -11.55 -23.48
N VAL F 31 47.05 -11.95 -23.92
CA VAL F 31 46.29 -11.12 -24.84
C VAL F 31 46.00 -9.76 -24.24
N ALA F 32 45.63 -9.73 -22.95
CA ALA F 32 45.34 -8.46 -22.29
C ALA F 32 46.57 -7.57 -22.21
N VAL F 33 47.74 -8.17 -21.95
CA VAL F 33 48.96 -7.37 -21.86
C VAL F 33 49.31 -6.75 -23.21
N VAL F 34 49.14 -7.51 -24.29
CA VAL F 34 49.39 -6.94 -25.61
C VAL F 34 48.41 -5.80 -25.89
N ALA F 35 47.14 -6.02 -25.56
CA ALA F 35 46.13 -4.97 -25.73
C ALA F 35 46.52 -3.70 -24.97
N HIS F 36 47.08 -3.86 -23.77
CA HIS F 36 47.41 -2.69 -22.96
C HIS F 36 48.63 -1.97 -23.52
N ILE F 37 49.60 -2.71 -24.03
CA ILE F 37 50.74 -2.07 -24.69
C ILE F 37 50.27 -1.22 -25.86
N LEU F 38 49.38 -1.78 -26.68
CA LEU F 38 48.84 -1.02 -27.81
C LEU F 38 48.06 0.20 -27.34
N ALA F 39 47.26 0.04 -26.28
CA ALA F 39 46.46 1.16 -25.78
C ALA F 39 47.35 2.28 -25.25
N TRP F 40 48.43 1.92 -24.55
CA TRP F 40 49.38 2.94 -24.11
C TRP F 40 50.03 3.64 -25.29
N MET F 41 50.34 2.89 -26.35
CA MET F 41 50.91 3.53 -27.53
C MET F 41 49.93 4.50 -28.16
N TRP F 42 48.62 4.23 -28.06
CA TRP F 42 47.64 5.17 -28.57
C TRP F 42 47.59 6.44 -27.72
N ARG F 43 47.27 6.29 -26.43
CA ARG F 43 47.18 7.42 -25.52
C ARG F 43 47.64 7.03 -24.12
N PRO F 44 48.76 7.57 -23.64
CA PRO F 44 49.20 7.23 -22.29
C PRO F 44 48.28 7.81 -21.23
N TRP F 45 48.14 7.08 -20.14
CA TRP F 45 47.49 7.58 -18.94
C TRP F 45 48.57 7.86 -17.91
N LEU F 46 48.15 8.11 -16.67
CA LEU F 46 49.05 8.50 -15.59
C LEU F 46 49.73 9.82 -15.91
N PRO F 47 48.99 10.93 -15.91
CA PRO F 47 49.60 12.23 -16.21
C PRO F 47 50.52 12.73 -15.11
N LYS F 48 51.06 13.92 -15.28
CA LYS F 48 51.83 14.57 -14.24
C LYS F 48 50.92 15.45 -13.39
N ALA F 49 51.46 15.92 -12.26
CA ALA F 49 50.66 16.68 -11.32
C ALA F 49 50.14 17.99 -11.90
N THR F 50 50.70 18.45 -13.01
CA THR F 50 50.27 19.68 -13.66
C THR F 50 49.42 19.42 -14.91
N GLY F 51 49.11 18.17 -15.20
CA GLY F 51 48.35 17.82 -16.38
C GLY F 51 49.21 17.11 -17.41
N TYR F 52 48.60 16.85 -18.56
CA TYR F 52 49.30 16.17 -19.65
C TYR F 52 50.17 17.16 -20.42
N TRP G 2 44.59 -21.94 12.79
CA TRP G 2 44.02 -22.86 11.82
C TRP G 2 42.64 -23.35 12.25
N ARG G 3 42.26 -23.05 13.49
CA ARG G 3 40.99 -23.50 14.02
C ARG G 3 39.82 -22.65 13.58
N ILE G 4 40.07 -21.48 12.98
CA ILE G 4 38.98 -20.64 12.48
C ILE G 4 38.15 -21.40 11.46
N TRP G 5 38.78 -22.31 10.72
CA TRP G 5 38.07 -23.08 9.72
C TRP G 5 37.21 -24.17 10.34
N LEU G 6 37.47 -24.55 11.59
CA LEU G 6 36.52 -25.37 12.33
C LEU G 6 35.31 -24.57 12.79
N LEU G 7 35.38 -23.25 12.71
CA LEU G 7 34.29 -22.38 13.14
C LEU G 7 33.46 -21.85 11.99
N PHE G 8 34.04 -21.73 10.80
CA PHE G 8 33.33 -21.23 9.64
C PHE G 8 33.52 -22.18 8.47
N ASP G 9 32.45 -22.37 7.70
CA ASP G 9 32.54 -23.17 6.49
C ASP G 9 33.49 -22.50 5.51
N PRO G 10 34.53 -23.20 5.03
CA PRO G 10 35.50 -22.55 4.15
C PRO G 10 34.92 -22.01 2.85
N ARG G 11 33.88 -22.66 2.30
CA ARG G 11 33.30 -22.19 1.06
C ARG G 11 32.61 -20.83 1.24
N ARG G 12 31.72 -20.74 2.22
CA ARG G 12 31.02 -19.48 2.48
C ARG G 12 32.00 -18.39 2.89
N ALA G 13 32.97 -18.73 3.73
CA ALA G 13 33.96 -17.75 4.15
C ALA G 13 34.76 -17.23 2.97
N LEU G 14 35.13 -18.13 2.05
CA LEU G 14 35.95 -17.72 0.91
C LEU G 14 35.16 -16.85 -0.06
N VAL G 15 33.92 -17.24 -0.34
CA VAL G 15 33.08 -16.43 -1.23
C VAL G 15 32.86 -15.04 -0.62
N LEU G 16 32.55 -14.98 0.68
CA LEU G 16 32.28 -13.71 1.31
C LEU G 16 33.53 -12.84 1.35
N LEU G 17 34.69 -13.46 1.59
CA LEU G 17 35.94 -12.71 1.58
C LEU G 17 36.21 -12.12 0.20
N PHE G 18 36.04 -12.91 -0.85
CA PHE G 18 36.31 -12.41 -2.19
C PHE G 18 35.35 -11.28 -2.57
N VAL G 19 34.07 -11.41 -2.21
CA VAL G 19 33.11 -10.34 -2.50
C VAL G 19 33.48 -9.07 -1.75
N PHE G 20 33.80 -9.20 -0.47
CA PHE G 20 34.21 -8.04 0.33
C PHE G 20 35.44 -7.37 -0.26
N LEU G 21 36.41 -8.17 -0.70
CA LEU G 21 37.65 -7.60 -1.24
C LEU G 21 37.40 -6.86 -2.54
N PHE G 22 36.61 -7.44 -3.45
CA PHE G 22 36.32 -6.75 -4.69
C PHE G 22 35.55 -5.46 -4.45
N GLY G 23 34.56 -5.50 -3.54
CA GLY G 23 33.83 -4.28 -3.23
C GLY G 23 34.72 -3.19 -2.68
N LEU G 24 35.60 -3.55 -1.74
CA LEU G 24 36.52 -2.57 -1.18
C LEU G 24 37.43 -1.99 -2.26
N ALA G 25 37.97 -2.85 -3.13
CA ALA G 25 38.88 -2.39 -4.17
C ALA G 25 38.20 -1.40 -5.10
N ILE G 26 36.99 -1.74 -5.57
CA ILE G 26 36.33 -0.86 -6.53
C ILE G 26 35.89 0.43 -5.85
N ILE G 27 35.53 0.39 -4.57
CA ILE G 27 35.15 1.62 -3.87
C ILE G 27 36.35 2.54 -3.71
N ILE G 28 37.51 1.98 -3.33
CA ILE G 28 38.71 2.81 -3.23
C ILE G 28 39.06 3.40 -4.59
N HIS G 29 38.98 2.61 -5.65
CA HIS G 29 39.26 3.12 -6.98
C HIS G 29 38.35 4.28 -7.34
N PHE G 30 37.04 4.16 -7.07
CA PHE G 30 36.12 5.23 -7.43
C PHE G 30 36.33 6.47 -6.58
N ILE G 31 36.66 6.30 -5.30
CA ILE G 31 36.96 7.45 -4.46
C ILE G 31 38.18 8.20 -4.99
N LEU G 32 39.23 7.45 -5.36
CA LEU G 32 40.40 8.11 -5.95
C LEU G 32 40.05 8.81 -7.24
N LEU G 33 39.21 8.18 -8.07
CA LEU G 33 38.83 8.77 -9.34
C LEU G 33 37.96 10.01 -9.16
N SER G 34 37.26 10.14 -8.03
CA SER G 34 36.42 11.30 -7.79
C SER G 34 37.22 12.54 -7.44
N THR G 35 38.46 12.39 -6.98
CA THR G 35 39.26 13.54 -6.56
C THR G 35 39.82 14.25 -7.80
N SER G 36 40.71 15.21 -7.58
CA SER G 36 41.36 15.94 -8.65
C SER G 36 42.85 15.64 -8.75
N ARG G 37 43.52 15.38 -7.64
CA ARG G 37 44.94 15.09 -7.67
C ARG G 37 45.23 13.69 -8.16
N PHE G 38 44.36 12.73 -7.83
CA PHE G 38 44.60 11.32 -8.13
C PHE G 38 43.73 10.80 -9.27
N ASN G 39 43.08 11.68 -10.02
CA ASN G 39 42.33 11.27 -11.19
C ASN G 39 43.31 11.01 -12.33
N TRP G 40 43.43 9.75 -12.74
CA TRP G 40 44.44 9.33 -13.70
C TRP G 40 43.95 9.34 -15.13
N LEU G 41 42.68 9.63 -15.38
CA LEU G 41 42.16 9.51 -16.74
C LEU G 41 42.20 10.84 -17.49
N ASP G 42 41.48 11.84 -17.00
CA ASP G 42 41.47 13.14 -17.66
C ASP G 42 42.46 14.12 -17.04
N GLY G 43 42.91 13.87 -15.83
CA GLY G 43 43.90 14.69 -15.19
C GLY G 43 43.30 15.69 -14.20
N PRO G 44 44.14 16.54 -13.65
CA PRO G 44 43.67 17.49 -12.64
C PRO G 44 43.17 18.79 -13.25
N ARG G 45 42.20 19.39 -12.56
CA ARG G 45 41.71 20.72 -12.89
C ARG G 45 40.84 21.27 -11.76
N ILE H 6 31.88 -28.97 13.88
CA ILE H 6 30.92 -27.88 13.73
C ILE H 6 30.81 -27.50 12.26
N SER H 7 31.92 -27.02 11.69
CA SER H 7 31.95 -26.68 10.27
C SER H 7 31.97 -27.91 9.39
N GLY H 8 32.29 -29.08 9.95
CA GLY H 8 32.29 -30.31 9.18
C GLY H 8 33.59 -30.60 8.46
N LEU H 9 34.73 -30.30 9.08
CA LEU H 9 36.04 -30.58 8.50
C LEU H 9 36.92 -31.28 9.51
N SER H 10 37.69 -32.25 9.03
CA SER H 10 38.75 -32.83 9.83
C SER H 10 39.81 -31.77 10.14
N GLU H 11 40.63 -32.04 11.14
CA GLU H 11 41.67 -31.08 11.51
C GLU H 11 42.80 -31.09 10.49
N ALA H 12 43.03 -32.22 9.82
CA ALA H 12 44.00 -32.23 8.73
C ALA H 12 43.56 -31.32 7.60
N GLU H 13 42.29 -31.44 7.18
CA GLU H 13 41.75 -30.55 6.16
C GLU H 13 41.84 -29.10 6.60
N ALA H 14 41.57 -28.83 7.88
CA ALA H 14 41.64 -27.46 8.38
C ALA H 14 43.05 -26.91 8.28
N LYS H 15 44.05 -27.69 8.72
CA LYS H 15 45.42 -27.23 8.66
C LYS H 15 45.88 -27.02 7.22
N GLU H 16 45.47 -27.90 6.31
CA GLU H 16 45.87 -27.77 4.91
C GLU H 16 45.25 -26.53 4.28
N PHE H 17 43.94 -26.35 4.47
CA PHE H 17 43.26 -25.16 3.99
C PHE H 17 43.92 -23.91 4.55
N HIS H 18 44.31 -23.94 5.83
CA HIS H 18 44.91 -22.77 6.45
C HIS H 18 46.27 -22.45 5.83
N SER H 19 47.07 -23.48 5.56
CA SER H 19 48.38 -23.24 4.95
C SER H 19 48.22 -22.62 3.56
N ILE H 20 47.34 -23.18 2.74
CA ILE H 20 47.14 -22.63 1.40
C ILE H 20 46.59 -21.22 1.48
N PHE H 21 45.66 -20.97 2.40
CA PHE H 21 45.10 -19.64 2.60
C PHE H 21 46.21 -18.64 2.95
N VAL H 22 47.11 -19.03 3.84
CA VAL H 22 48.16 -18.12 4.29
C VAL H 22 49.09 -17.79 3.13
N THR H 23 49.48 -18.81 2.35
CA THR H 23 50.34 -18.54 1.20
C THR H 23 49.68 -17.59 0.21
N SER H 24 48.40 -17.82 -0.09
CA SER H 24 47.71 -16.98 -1.06
C SER H 24 47.59 -15.54 -0.55
N PHE H 25 47.22 -15.38 0.72
CA PHE H 25 47.12 -14.06 1.32
C PHE H 25 48.46 -13.34 1.30
N PHE H 26 49.56 -14.08 1.50
N PHE H 26 49.56 -14.08 1.49
CA PHE H 26 50.88 -13.46 1.48
CA PHE H 26 50.88 -13.46 1.48
C PHE H 26 51.24 -12.96 0.09
C PHE H 26 51.23 -12.95 0.09
N LEU H 27 50.98 -13.77 -0.94
CA LEU H 27 51.25 -13.32 -2.30
C LEU H 27 50.40 -12.11 -2.66
N PHE H 28 49.14 -12.11 -2.25
CA PHE H 28 48.27 -10.97 -2.47
C PHE H 28 48.83 -9.70 -1.83
N ILE H 29 49.28 -9.82 -0.57
CA ILE H 29 49.81 -8.65 0.13
C ILE H 29 51.08 -8.15 -0.55
N VAL H 30 51.92 -9.07 -1.02
CA VAL H 30 53.15 -8.66 -1.70
C VAL H 30 52.83 -7.85 -2.96
N VAL H 31 51.91 -8.37 -3.77
CA VAL H 31 51.52 -7.66 -4.98
C VAL H 31 50.95 -6.28 -4.65
N ALA H 32 50.12 -6.21 -3.61
CA ALA H 32 49.56 -4.92 -3.22
C ALA H 32 50.64 -3.94 -2.78
N VAL H 33 51.65 -4.42 -2.06
CA VAL H 33 52.74 -3.54 -1.63
C VAL H 33 53.49 -2.98 -2.84
N VAL H 34 53.78 -3.83 -3.82
CA VAL H 34 54.44 -3.34 -5.03
C VAL H 34 53.58 -2.30 -5.73
N ALA H 35 52.28 -2.57 -5.82
CA ALA H 35 51.36 -1.60 -6.43
C ALA H 35 51.40 -0.26 -5.71
N HIS H 36 51.45 -0.28 -4.39
CA HIS H 36 51.48 0.97 -3.64
C HIS H 36 52.80 1.71 -3.80
N ILE H 37 53.91 0.98 -3.92
CA ILE H 37 55.19 1.64 -4.17
C ILE H 37 55.14 2.36 -5.51
N LEU H 38 54.62 1.68 -6.55
CA LEU H 38 54.49 2.33 -7.85
C LEU H 38 53.56 3.54 -7.78
N ALA H 39 52.44 3.42 -7.05
CA ALA H 39 51.49 4.52 -6.95
C ALA H 39 52.12 5.73 -6.26
N TRP H 40 52.86 5.50 -5.17
CA TRP H 40 53.54 6.61 -4.51
C TRP H 40 54.57 7.23 -5.44
N MET H 41 55.26 6.42 -6.24
CA MET H 41 56.19 6.98 -7.20
C MET H 41 55.48 7.82 -8.26
N TRP H 42 54.22 7.50 -8.56
CA TRP H 42 53.49 8.31 -9.52
C TRP H 42 52.98 9.61 -8.89
N ARG H 43 52.30 9.51 -7.75
CA ARG H 43 51.67 10.67 -7.14
C ARG H 43 51.58 10.50 -5.63
N PRO H 44 52.45 11.14 -4.86
CA PRO H 44 52.46 10.92 -3.41
C PRO H 44 51.24 11.53 -2.74
N TRP H 45 50.96 11.04 -1.53
CA TRP H 45 49.89 11.58 -0.71
C TRP H 45 50.44 11.95 0.67
N LEU H 46 49.55 12.21 1.63
CA LEU H 46 49.91 12.67 2.97
C LEU H 46 50.66 13.99 2.90
N PRO H 47 50.00 15.08 2.51
CA PRO H 47 50.71 16.36 2.35
C PRO H 47 51.10 17.00 3.67
N LYS H 48 51.77 18.15 3.59
CA LYS H 48 52.07 18.95 4.76
C LYS H 48 50.93 19.93 5.03
N ALA H 49 50.88 20.43 6.27
CA ALA H 49 49.77 21.28 6.69
C ALA H 49 49.59 22.51 5.82
N THR H 50 50.58 22.87 5.00
CA THR H 50 50.42 23.97 4.06
C THR H 50 49.94 23.52 2.70
N GLY H 51 50.17 22.26 2.33
CA GLY H 51 49.74 21.72 1.06
C GLY H 51 50.86 20.98 0.37
N TYR H 52 50.56 20.51 -0.83
CA TYR H 52 51.54 19.80 -1.64
C TYR H 52 52.53 20.77 -2.26
N TRP I 2 36.69 -16.17 30.49
CA TRP I 2 36.32 -17.12 29.45
C TRP I 2 34.85 -17.52 29.56
N ARG I 3 34.23 -17.21 30.70
CA ARG I 3 32.83 -17.56 30.91
C ARG I 3 31.89 -16.76 30.03
N ILE I 4 32.35 -15.67 29.42
CA ILE I 4 31.49 -14.89 28.52
C ILE I 4 30.99 -15.77 27.39
N TRP I 5 31.82 -16.69 26.93
CA TRP I 5 31.47 -17.57 25.83
C TRP I 5 30.51 -18.68 26.25
N LEU I 6 30.21 -18.79 27.54
CA LEU I 6 29.11 -19.63 27.97
C LEU I 6 27.77 -18.94 27.78
N LEU I 7 27.77 -17.64 27.52
CA LEU I 7 26.54 -16.89 27.27
C LEU I 7 26.31 -16.57 25.80
N PHE I 8 27.38 -16.36 25.04
CA PHE I 8 27.28 -15.99 23.64
C PHE I 8 28.04 -17.01 22.79
N ASP I 9 27.37 -17.57 21.79
CA ASP I 9 28.03 -18.46 20.85
C ASP I 9 29.11 -17.70 20.08
N PRO I 10 30.34 -18.20 20.06
CA PRO I 10 31.45 -17.40 19.51
C PRO I 10 31.25 -16.96 18.06
N ARG I 11 30.59 -17.75 17.24
CA ARG I 11 30.47 -17.42 15.83
C ARG I 11 29.65 -16.14 15.63
N ARG I 12 28.46 -16.09 16.22
CA ARG I 12 27.61 -14.92 16.06
C ARG I 12 28.26 -13.68 16.63
N ALA I 13 28.83 -13.79 17.83
CA ALA I 13 29.50 -12.65 18.45
C ALA I 13 30.66 -12.17 17.58
N LEU I 14 31.40 -13.10 16.97
CA LEU I 14 32.55 -12.71 16.17
C LEU I 14 32.11 -12.01 14.89
N VAL I 15 31.06 -12.50 14.25
CA VAL I 15 30.53 -11.84 13.06
C VAL I 15 30.06 -10.43 13.41
N LEU I 16 29.31 -10.29 14.50
CA LEU I 16 28.83 -8.97 14.90
C LEU I 16 29.98 -8.04 15.21
N LEU I 17 31.01 -8.54 15.90
CA LEU I 17 32.15 -7.71 16.23
C LEU I 17 32.88 -7.24 14.98
N PHE I 18 33.01 -8.11 13.98
CA PHE I 18 33.70 -7.70 12.76
C PHE I 18 32.88 -6.66 12.00
N VAL I 19 31.57 -6.84 11.92
CA VAL I 19 30.73 -5.84 11.26
C VAL I 19 30.83 -4.50 11.99
N PHE I 20 30.79 -4.53 13.32
CA PHE I 20 30.85 -3.31 14.11
C PHE I 20 32.18 -2.59 13.90
N LEU I 21 33.29 -3.33 13.97
CA LEU I 21 34.60 -2.72 13.79
C LEU I 21 34.76 -2.13 12.40
N PHE I 22 34.32 -2.86 11.37
CA PHE I 22 34.43 -2.33 10.01
C PHE I 22 33.64 -1.05 9.85
N GLY I 23 32.39 -1.03 10.33
CA GLY I 23 31.59 0.18 10.24
C GLY I 23 32.21 1.35 10.96
N LEU I 24 32.75 1.11 12.17
CA LEU I 24 33.38 2.18 12.92
C LEU I 24 34.61 2.73 12.18
N ALA I 25 35.42 1.84 11.63
CA ALA I 25 36.61 2.29 10.90
C ALA I 25 36.22 3.11 9.67
N ILE I 26 35.20 2.66 8.94
CA ILE I 26 34.72 3.41 7.78
C ILE I 26 34.28 4.80 8.20
N ILE I 27 33.50 4.89 9.28
CA ILE I 27 32.98 6.18 9.71
C ILE I 27 34.11 7.11 10.14
N ILE I 28 35.11 6.58 10.85
CA ILE I 28 36.21 7.43 11.30
C ILE I 28 37.02 7.94 10.11
N HIS I 29 37.32 7.05 9.16
CA HIS I 29 38.05 7.47 7.97
C HIS I 29 37.30 8.55 7.20
N PHE I 30 35.97 8.40 7.06
CA PHE I 30 35.22 9.39 6.30
C PHE I 30 35.11 10.71 7.06
N ILE I 31 35.00 10.67 8.39
CA ILE I 31 35.01 11.90 9.17
C ILE I 31 36.33 12.63 8.99
N LEU I 32 37.45 11.90 9.04
CA LEU I 32 38.75 12.52 8.84
C LEU I 32 38.88 13.11 7.44
N LEU I 33 38.39 12.39 6.42
CA LEU I 33 38.42 12.90 5.06
C LEU I 33 37.53 14.10 4.88
N SER I 34 36.53 14.28 5.76
CA SER I 34 35.62 15.42 5.63
C SER I 34 36.29 16.74 5.99
N THR I 35 37.27 16.72 6.87
CA THR I 35 37.84 17.96 7.41
C THR I 35 38.80 18.57 6.39
N SER I 36 39.47 19.65 6.79
CA SER I 36 40.49 20.28 5.97
C SER I 36 41.90 20.00 6.45
N ARG I 37 42.10 19.82 7.75
CA ARG I 37 43.43 19.61 8.29
C ARG I 37 43.90 18.16 8.11
N PHE I 38 42.99 17.19 8.18
CA PHE I 38 43.36 15.79 8.12
C PHE I 38 42.94 15.12 6.83
N ASN I 39 42.58 15.88 5.80
CA ASN I 39 42.36 15.31 4.48
C ASN I 39 43.71 14.98 3.86
N TRP I 40 43.95 13.70 3.59
CA TRP I 40 45.25 13.21 3.16
C TRP I 40 45.36 12.99 1.66
N LEU I 41 44.34 13.38 0.89
CA LEU I 41 44.36 13.18 -0.56
C LEU I 41 44.48 14.52 -1.29
N ASP I 42 43.56 15.45 -1.06
CA ASP I 42 43.65 16.75 -1.70
C ASP I 42 44.34 17.78 -0.83
N GLY I 43 44.26 17.62 0.50
CA GLY I 43 44.97 18.49 1.40
C GLY I 43 44.10 19.60 1.97
N PRO I 44 44.74 20.66 2.45
CA PRO I 44 44.00 21.77 3.06
C PRO I 44 43.22 22.60 2.06
N ARG I 45 42.74 23.76 2.50
CA ARG I 45 41.92 24.66 1.69
C ARG I 45 40.61 23.97 1.29
N ALA I 46 39.81 23.59 2.28
CA ALA I 46 38.48 23.03 2.05
C ALA I 46 37.44 24.14 2.00
N SER J 5 24.62 -24.88 30.01
CA SER J 5 25.17 -23.81 29.20
C SER J 5 24.10 -23.16 28.34
N ILE J 6 24.21 -21.85 28.14
CA ILE J 6 23.27 -21.12 27.31
C ILE J 6 23.78 -21.13 25.87
N SER J 7 25.00 -20.59 25.69
CA SER J 7 25.63 -20.65 24.37
C SER J 7 25.79 -22.08 23.88
N GLY J 8 25.99 -23.02 24.79
CA GLY J 8 25.91 -24.42 24.45
C GLY J 8 27.16 -25.06 23.88
N LEU J 9 28.34 -24.71 24.38
CA LEU J 9 29.55 -25.40 24.01
C LEU J 9 30.35 -25.75 25.26
N SER J 10 31.34 -26.62 25.09
CA SER J 10 32.05 -27.22 26.20
C SER J 10 32.91 -26.19 26.94
N GLU J 11 33.60 -26.68 27.98
CA GLU J 11 34.51 -25.87 28.78
C GLU J 11 35.86 -25.68 28.10
N ALA J 12 36.46 -26.77 27.62
CA ALA J 12 37.75 -26.67 26.96
C ALA J 12 37.66 -25.83 25.69
N GLU J 13 36.53 -25.95 24.98
CA GLU J 13 36.33 -25.12 23.79
C GLU J 13 36.27 -23.65 24.16
N ALA J 14 35.58 -23.32 25.26
CA ALA J 14 35.53 -21.94 25.72
C ALA J 14 36.93 -21.43 26.05
N LYS J 15 37.74 -22.25 26.73
CA LYS J 15 39.09 -21.82 27.07
C LYS J 15 39.94 -21.59 25.82
N GLU J 16 39.88 -22.52 24.86
CA GLU J 16 40.65 -22.36 23.63
C GLU J 16 40.25 -21.09 22.88
N PHE J 17 38.94 -20.91 22.68
CA PHE J 17 38.47 -19.73 21.98
C PHE J 17 38.90 -18.46 22.69
N HIS J 18 38.83 -18.43 24.02
CA HIS J 18 39.20 -17.23 24.75
C HIS J 18 40.69 -16.93 24.60
N SER J 19 41.52 -17.97 24.65
CA SER J 19 42.95 -17.75 24.46
C SER J 19 43.24 -17.14 23.09
N ILE J 20 42.73 -17.78 22.04
CA ILE J 20 42.98 -17.26 20.69
C ILE J 20 42.41 -15.84 20.55
N PHE J 21 41.24 -15.62 21.13
CA PHE J 21 40.59 -14.31 21.06
C PHE J 21 41.46 -13.24 21.68
N VAL J 22 41.98 -13.48 22.88
CA VAL J 22 42.75 -12.43 23.55
C VAL J 22 44.06 -12.18 22.83
N THR J 23 44.71 -13.24 22.33
CA THR J 23 45.97 -13.01 21.60
C THR J 23 45.73 -12.17 20.35
N SER J 24 44.70 -12.52 19.57
CA SER J 24 44.46 -11.78 18.33
C SER J 24 44.00 -10.35 18.62
N PHE J 25 43.16 -10.17 19.64
CA PHE J 25 42.77 -8.83 20.06
C PHE J 25 43.99 -8.00 20.44
N PHE J 26 44.95 -8.60 21.14
N PHE J 26 44.95 -8.59 21.14
CA PHE J 26 46.14 -7.87 21.55
CA PHE J 26 46.14 -7.85 21.54
C PHE J 26 47.00 -7.49 20.36
C PHE J 26 46.99 -7.47 20.34
N LEU J 27 47.13 -8.37 19.38
CA LEU J 27 47.88 -8.03 18.17
C LEU J 27 47.21 -6.89 17.42
N PHE J 28 45.88 -6.95 17.29
CA PHE J 28 45.13 -5.85 16.69
C PHE J 28 45.40 -4.54 17.42
N ILE J 29 45.41 -4.57 18.76
CA ILE J 29 45.59 -3.36 19.54
C ILE J 29 46.99 -2.78 19.33
N VAL J 30 48.02 -3.63 19.30
CA VAL J 30 49.37 -3.09 19.13
C VAL J 30 49.54 -2.52 17.72
N VAL J 31 48.95 -3.15 16.71
CA VAL J 31 49.02 -2.59 15.37
C VAL J 31 48.33 -1.23 15.31
N ALA J 32 47.18 -1.11 15.99
CA ALA J 32 46.49 0.18 16.01
C ALA J 32 47.31 1.23 16.73
N VAL J 33 48.01 0.85 17.80
CA VAL J 33 48.85 1.80 18.52
C VAL J 33 49.97 2.31 17.62
N VAL J 34 50.59 1.41 16.84
CA VAL J 34 51.65 1.84 15.93
C VAL J 34 51.10 2.78 14.87
N ALA J 35 49.92 2.45 14.32
CA ALA J 35 49.30 3.32 13.32
C ALA J 35 49.00 4.70 13.91
N HIS J 36 48.61 4.74 15.18
CA HIS J 36 48.31 6.01 15.82
C HIS J 36 49.56 6.84 16.04
N ILE J 37 50.66 6.19 16.42
CA ILE J 37 51.93 6.92 16.56
C ILE J 37 52.34 7.52 15.23
N LEU J 38 52.24 6.74 14.15
CA LEU J 38 52.54 7.27 12.82
C LEU J 38 51.62 8.44 12.47
N ALA J 39 50.33 8.32 12.76
CA ALA J 39 49.38 9.38 12.41
C ALA J 39 49.67 10.66 13.18
N TRP J 40 50.06 10.54 14.45
CA TRP J 40 50.43 11.73 15.20
C TRP J 40 51.72 12.33 14.67
N MET J 41 52.66 11.49 14.22
CA MET J 41 53.89 12.03 13.65
C MET J 41 53.63 12.70 12.31
N TRP J 42 52.52 12.37 11.64
CA TRP J 42 52.18 13.07 10.40
C TRP J 42 51.52 14.41 10.67
N ARG J 43 50.46 14.42 11.48
CA ARG J 43 49.78 15.65 11.84
C ARG J 43 49.09 15.51 13.19
N PRO J 44 49.50 16.26 14.20
CA PRO J 44 48.89 16.14 15.52
C PRO J 44 47.49 16.74 15.57
N TRP J 45 46.74 16.31 16.56
CA TRP J 45 45.43 16.86 16.87
C TRP J 45 45.45 17.45 18.28
N LEU J 46 44.26 17.76 18.80
CA LEU J 46 44.10 18.41 20.10
C LEU J 46 44.77 19.79 20.13
N PRO J 47 44.24 20.77 19.40
CA PRO J 47 44.87 22.09 19.36
C PRO J 47 44.75 22.86 20.66
N LYS J 48 45.33 24.05 20.70
CA LYS J 48 45.18 24.94 21.83
C LYS J 48 43.91 25.78 21.67
N ALA J 49 43.55 26.48 22.73
CA ALA J 49 42.31 27.25 22.74
C ALA J 49 42.32 28.37 21.70
N THR J 50 43.49 28.76 21.21
CA THR J 50 43.61 29.79 20.19
C THR J 50 43.90 29.20 18.81
N GLY J 51 43.70 27.90 18.63
CA GLY J 51 43.98 27.24 17.38
C GLY J 51 45.35 26.60 17.37
N TYR J 52 45.72 26.11 16.18
CA TYR J 52 47.03 25.51 16.00
C TYR J 52 48.10 26.58 15.81
N MET K 1 35.31 14.81 0.53
CA MET K 1 34.14 15.04 1.36
C MET K 1 34.10 16.47 1.87
N GLN K 2 35.10 17.26 1.46
CA GLN K 2 35.16 18.64 1.86
C GLN K 2 34.12 19.47 1.11
N PRO K 3 33.77 20.64 1.62
CA PRO K 3 32.88 21.53 0.87
C PRO K 3 33.48 21.93 -0.47
N GLY K 4 32.72 21.74 -1.53
CA GLY K 4 33.16 22.03 -2.88
C GLY K 4 33.63 20.82 -3.66
N ALA K 5 34.09 19.78 -2.97
CA ALA K 5 34.50 18.56 -3.66
C ALA K 5 33.31 17.87 -4.30
N TYR K 6 33.61 16.93 -5.21
CA TYR K 6 32.54 16.18 -5.84
C TYR K 6 31.91 15.18 -4.87
N LEU K 7 32.73 14.51 -4.07
CA LEU K 7 32.21 13.56 -3.10
C LEU K 7 31.54 14.31 -1.95
N ASP K 8 30.35 13.86 -1.58
CA ASP K 8 29.63 14.47 -0.46
C ASP K 8 28.91 13.38 0.32
N LEU K 9 28.35 13.77 1.47
CA LEU K 9 27.82 12.80 2.41
C LEU K 9 26.58 12.10 1.89
N ALA K 10 25.75 12.79 1.10
CA ALA K 10 24.51 12.19 0.63
C ALA K 10 24.77 11.02 -0.31
N GLN K 11 25.71 11.17 -1.24
CA GLN K 11 25.97 10.07 -2.16
C GLN K 11 26.71 8.92 -1.49
N VAL K 12 27.56 9.21 -0.50
CA VAL K 12 28.16 8.16 0.30
C VAL K 12 27.09 7.34 1.00
N THR K 13 26.13 8.04 1.62
CA THR K 13 25.02 7.34 2.28
C THR K 13 24.22 6.52 1.29
N LEU K 14 23.99 7.06 0.10
CA LEU K 14 23.24 6.32 -0.92
C LEU K 14 23.96 5.05 -1.33
N TYR K 15 25.28 5.11 -1.52
CA TYR K 15 26.02 3.90 -1.89
C TYR K 15 26.05 2.90 -0.75
N VAL K 16 26.10 3.37 0.50
CA VAL K 16 25.98 2.46 1.63
C VAL K 16 24.64 1.72 1.58
N PHE K 17 23.57 2.45 1.27
CA PHE K 17 22.26 1.81 1.15
C PHE K 17 22.23 0.81 0.00
N TRP K 18 22.88 1.15 -1.12
CA TRP K 18 22.89 0.22 -2.25
C TRP K 18 23.57 -1.09 -1.89
N ILE K 19 24.69 -1.02 -1.17
CA ILE K 19 25.38 -2.23 -0.74
C ILE K 19 24.52 -3.02 0.23
N PHE K 20 23.90 -2.34 1.19
CA PHE K 20 23.01 -3.02 2.13
C PHE K 20 21.85 -3.70 1.40
N PHE K 21 21.31 -3.06 0.37
CA PHE K 21 20.16 -3.61 -0.32
C PHE K 21 20.55 -4.81 -1.17
N ALA K 22 21.73 -4.79 -1.78
CA ALA K 22 22.22 -5.99 -2.45
C ALA K 22 22.34 -7.15 -1.46
N GLY K 23 22.91 -6.88 -0.28
CA GLY K 23 22.99 -7.92 0.73
C GLY K 23 21.63 -8.46 1.14
N LEU K 24 20.65 -7.56 1.30
CA LEU K 24 19.33 -7.98 1.72
C LEU K 24 18.63 -8.81 0.64
N LEU K 25 18.80 -8.42 -0.63
CA LEU K 25 18.25 -9.22 -1.72
C LEU K 25 18.87 -10.61 -1.75
N PHE K 26 20.17 -10.71 -1.52
CA PHE K 26 20.80 -12.03 -1.46
C PHE K 26 20.22 -12.86 -0.31
N TYR K 27 20.07 -12.24 0.87
CA TYR K 27 19.51 -12.96 2.01
C TYR K 27 18.08 -13.45 1.72
N LEU K 28 17.27 -12.61 1.09
CA LEU K 28 15.89 -12.99 0.81
C LEU K 28 15.81 -14.11 -0.21
N ARG K 29 16.58 -14.01 -1.30
CA ARG K 29 16.61 -15.10 -2.26
C ARG K 29 17.20 -16.37 -1.68
N ARG K 30 18.05 -16.27 -0.66
CA ARG K 30 18.55 -17.45 0.02
C ARG K 30 17.46 -18.09 0.86
N GLU K 31 16.68 -17.29 1.57
CA GLU K 31 15.56 -17.83 2.34
C GLU K 31 14.49 -18.43 1.44
N ASP K 32 14.38 -17.93 0.20
CA ASP K 32 13.34 -18.42 -0.70
C ASP K 32 13.53 -19.88 -1.11
N LYS K 33 14.73 -20.44 -0.93
CA LYS K 33 15.06 -21.75 -1.47
C LYS K 33 15.06 -22.85 -0.41
N ARG K 34 14.16 -22.78 0.55
CA ARG K 34 14.05 -23.81 1.57
C ARG K 34 13.04 -24.89 1.22
N GLU K 35 12.48 -24.86 0.01
CA GLU K 35 11.55 -25.88 -0.45
C GLU K 35 11.72 -26.05 -1.95
N GLY K 36 11.88 -27.29 -2.39
CA GLY K 36 11.95 -27.59 -3.80
C GLY K 36 13.35 -27.62 -4.39
N TYR K 37 14.37 -27.92 -3.61
CA TYR K 37 15.73 -27.94 -4.09
C TYR K 37 16.44 -29.18 -3.55
N PRO K 38 17.37 -29.76 -4.33
CA PRO K 38 17.84 -29.32 -5.65
C PRO K 38 16.84 -29.58 -6.77
N LEU K 39 17.02 -28.89 -7.89
CA LEU K 39 16.09 -29.01 -9.00
C LEU K 39 16.20 -30.39 -9.64
N VAL K 40 15.17 -30.73 -10.41
CA VAL K 40 15.11 -31.96 -11.19
C VAL K 40 15.45 -31.62 -12.63
N ALA K 41 16.53 -32.22 -13.14
CA ALA K 41 17.01 -31.88 -14.47
C ALA K 41 16.00 -32.27 -15.55
N ASP K 42 16.05 -31.54 -16.66
CA ASP K 42 15.15 -31.81 -17.79
C ASP K 42 15.70 -32.97 -18.62
N ALA K 43 15.10 -33.19 -19.78
CA ALA K 43 15.53 -34.26 -20.67
C ALA K 43 16.74 -33.80 -21.48
N GLY K 44 17.70 -34.69 -21.66
CA GLY K 44 18.91 -34.35 -22.39
C GLY K 44 19.93 -33.56 -21.61
N SER K 45 19.92 -33.65 -20.28
CA SER K 45 20.87 -32.96 -19.45
C SER K 45 21.59 -33.97 -18.55
N GLY K 46 22.74 -33.56 -18.03
CA GLY K 46 23.49 -34.40 -17.12
C GLY K 46 22.86 -34.46 -15.75
N THR K 47 22.95 -35.65 -15.13
CA THR K 47 22.37 -35.89 -13.82
C THR K 47 23.43 -36.22 -12.78
N ARG K 48 24.70 -35.97 -13.06
CA ARG K 48 25.76 -36.29 -12.12
C ARG K 48 25.95 -35.23 -11.05
N LEU K 49 25.72 -33.95 -11.39
CA LEU K 49 25.82 -32.86 -10.44
C LEU K 49 24.47 -32.18 -10.28
N ALA K 50 24.24 -31.63 -9.09
CA ALA K 50 22.95 -31.04 -8.75
C ALA K 50 22.86 -29.59 -9.21
N LYS K 51 21.65 -29.20 -9.58
CA LYS K 51 21.36 -27.81 -9.97
C LYS K 51 20.70 -27.10 -8.79
N ILE K 52 21.28 -25.98 -8.38
CA ILE K 52 20.78 -25.28 -7.21
C ILE K 52 20.60 -23.79 -7.47
N GLY K 53 21.16 -23.28 -8.55
CA GLY K 53 21.18 -21.86 -8.81
C GLY K 53 22.28 -21.16 -8.03
N VAL K 54 22.47 -19.88 -8.33
CA VAL K 54 23.62 -19.16 -7.79
C VAL K 54 23.43 -18.77 -6.33
N PRO K 55 22.26 -18.31 -5.86
CA PRO K 55 22.10 -18.25 -4.40
C PRO K 55 21.88 -19.65 -3.88
N ALA K 56 22.91 -20.23 -3.28
CA ALA K 56 22.83 -21.63 -2.89
C ALA K 56 21.78 -21.81 -1.79
N PRO K 57 21.03 -22.91 -1.83
CA PRO K 57 20.08 -23.19 -0.76
C PRO K 57 20.78 -23.27 0.58
N PRO K 58 20.17 -22.75 1.64
CA PRO K 58 20.81 -22.75 2.95
C PRO K 58 20.71 -24.14 3.59
N ASP K 59 21.31 -24.27 4.77
CA ASP K 59 21.27 -25.53 5.49
C ASP K 59 19.84 -25.81 5.95
N PRO K 60 19.51 -27.09 6.16
CA PRO K 60 18.15 -27.43 6.63
C PRO K 60 17.84 -26.72 7.94
N LYS K 61 16.56 -26.47 8.15
CA LYS K 61 16.10 -25.72 9.32
C LYS K 61 15.19 -26.61 10.16
N THR K 62 15.29 -26.46 11.48
CA THR K 62 14.55 -27.31 12.41
C THR K 62 13.61 -26.46 13.25
N TYR K 63 12.34 -26.85 13.29
CA TYR K 63 11.33 -26.19 14.08
C TYR K 63 10.97 -27.06 15.28
N LEU K 64 10.85 -26.44 16.44
CA LEU K 64 10.43 -27.12 17.65
C LEU K 64 8.91 -27.12 17.71
N LEU K 65 8.33 -28.31 17.92
CA LEU K 65 6.89 -28.47 17.93
C LEU K 65 6.37 -28.47 19.37
N ARG K 66 5.04 -28.47 19.49
CA ARG K 66 4.41 -28.29 20.79
C ARG K 66 4.68 -29.47 21.72
N GLY K 67 4.46 -30.69 21.23
CA GLY K 67 4.63 -31.85 22.08
C GLY K 67 6.05 -32.14 22.47
N GLY K 68 7.02 -31.54 21.79
CA GLY K 68 8.42 -31.84 21.98
C GLY K 68 9.10 -32.42 20.77
N ALA K 69 8.35 -32.73 19.71
CA ALA K 69 8.93 -33.21 18.47
C ALA K 69 9.54 -32.05 17.69
N THR K 70 10.20 -32.40 16.59
CA THR K 70 10.83 -31.41 15.73
C THR K 70 10.40 -31.66 14.28
N LYS K 71 10.65 -30.67 13.44
CA LYS K 71 10.30 -30.75 12.03
C LYS K 71 11.40 -30.08 11.22
N THR K 72 12.07 -30.84 10.36
CA THR K 72 13.17 -30.31 9.56
C THR K 72 12.69 -30.05 8.14
N VAL K 73 12.77 -28.80 7.71
CA VAL K 73 12.50 -28.43 6.33
C VAL K 73 13.84 -28.32 5.61
N PRO K 74 13.90 -28.63 4.30
CA PRO K 74 12.81 -28.98 3.37
C PRO K 74 12.13 -30.32 3.65
N SER K 75 10.85 -30.39 3.31
CA SER K 75 10.05 -31.62 3.49
C SER K 75 10.18 -32.44 2.21
N THR K 76 11.22 -33.26 2.15
CA THR K 76 11.50 -34.05 0.95
C THR K 76 10.53 -35.22 0.78
N SER K 77 9.83 -35.63 1.83
CA SER K 77 8.91 -36.76 1.74
C SER K 77 7.52 -36.37 1.28
N ASN K 78 7.30 -35.11 0.92
CA ASN K 78 6.00 -34.63 0.45
C ASN K 78 5.95 -34.44 -1.06
N ASP K 79 6.96 -34.90 -1.78
CA ASP K 79 7.13 -34.49 -3.17
C ASP K 79 6.33 -35.35 -4.14
N ARG K 80 6.22 -36.66 -3.87
CA ARG K 80 5.59 -37.61 -4.78
C ARG K 80 6.23 -37.55 -6.15
N PRO K 81 7.51 -37.95 -6.29
CA PRO K 81 8.20 -37.73 -7.56
C PRO K 81 7.88 -38.75 -8.64
N ASN K 82 7.23 -39.86 -8.31
CA ASN K 82 6.96 -40.94 -9.27
C ASN K 82 5.45 -41.08 -9.41
N VAL K 83 4.91 -40.55 -10.52
CA VAL K 83 3.47 -40.55 -10.76
C VAL K 83 3.21 -41.09 -12.16
N ALA K 84 1.93 -41.32 -12.44
CA ALA K 84 1.50 -41.89 -13.72
C ALA K 84 1.41 -40.77 -14.76
N LEU K 85 2.57 -40.42 -15.31
CA LEU K 85 2.67 -39.43 -16.37
C LEU K 85 3.66 -39.91 -17.41
N THR K 86 3.41 -39.53 -18.67
CA THR K 86 4.34 -39.84 -19.74
C THR K 86 4.65 -38.57 -20.52
N PRO K 87 5.90 -38.36 -20.93
CA PRO K 87 6.23 -37.13 -21.66
C PRO K 87 5.61 -37.14 -23.05
N ALA K 88 5.13 -35.98 -23.46
CA ALA K 88 4.47 -35.83 -24.75
C ALA K 88 5.43 -35.58 -25.89
N ALA K 89 6.73 -35.51 -25.61
CA ALA K 89 7.74 -35.20 -26.62
C ALA K 89 9.11 -35.39 -25.99
N PRO K 90 10.13 -35.66 -26.80
CA PRO K 90 11.46 -35.96 -26.25
C PRO K 90 12.31 -34.73 -25.94
N TRP K 91 11.87 -33.53 -26.26
CA TRP K 91 12.72 -32.36 -26.06
C TRP K 91 12.46 -31.72 -24.71
N PRO K 92 13.39 -30.91 -24.21
CA PRO K 92 13.19 -30.29 -22.90
C PRO K 92 12.04 -29.29 -22.90
N GLY K 93 11.34 -29.24 -21.77
CA GLY K 93 10.24 -28.31 -21.61
C GLY K 93 8.90 -28.81 -22.10
N ALA K 94 8.79 -30.07 -22.47
CA ALA K 94 7.56 -30.61 -23.00
C ALA K 94 6.60 -30.98 -21.87
N PRO K 95 5.30 -30.81 -22.08
CA PRO K 95 4.33 -31.18 -21.05
C PRO K 95 4.16 -32.70 -20.96
N PHE K 96 3.49 -33.13 -19.91
CA PHE K 96 3.23 -34.53 -19.65
C PHE K 96 1.75 -34.84 -19.85
N VAL K 97 1.48 -36.11 -20.12
CA VAL K 97 0.14 -36.60 -20.37
C VAL K 97 -0.16 -37.70 -19.36
N PRO K 98 -1.32 -37.69 -18.70
CA PRO K 98 -1.65 -38.77 -17.77
C PRO K 98 -1.86 -40.08 -18.51
N THR K 99 -1.24 -41.15 -18.01
CA THR K 99 -1.39 -42.46 -18.61
C THR K 99 -2.69 -43.14 -18.21
N GLY K 100 -3.23 -42.83 -17.04
CA GLY K 100 -4.44 -43.45 -16.57
C GLY K 100 -5.58 -42.49 -16.33
N ASN K 101 -6.22 -42.59 -15.16
CA ASN K 101 -7.32 -41.72 -14.79
C ASN K 101 -6.78 -40.61 -13.91
N PRO K 102 -6.82 -39.35 -14.33
CA PRO K 102 -6.24 -38.28 -13.51
C PRO K 102 -7.00 -38.01 -12.22
N PHE K 103 -8.26 -38.45 -12.12
CA PHE K 103 -9.00 -38.26 -10.87
C PHE K 103 -8.47 -39.18 -9.78
N ALA K 104 -8.05 -40.39 -10.14
CA ALA K 104 -7.60 -41.37 -9.16
C ALA K 104 -6.08 -41.46 -9.05
N ASP K 105 -5.34 -40.93 -10.01
CA ASP K 105 -3.88 -40.98 -9.96
C ASP K 105 -3.26 -39.77 -9.27
N GLY K 106 -3.98 -38.66 -9.20
CA GLY K 106 -3.47 -37.48 -8.51
C GLY K 106 -2.38 -36.76 -9.27
N VAL K 107 -2.65 -36.43 -10.53
CA VAL K 107 -1.71 -35.69 -11.36
C VAL K 107 -2.41 -34.44 -11.87
N GLY K 108 -1.62 -33.49 -12.37
CA GLY K 108 -2.12 -32.27 -12.93
C GLY K 108 -2.77 -31.37 -11.90
N PRO K 109 -3.90 -30.76 -12.26
CA PRO K 109 -4.65 -29.97 -11.27
C PRO K 109 -5.30 -30.81 -10.19
N GLY K 110 -5.28 -32.13 -10.32
CA GLY K 110 -5.82 -33.00 -9.29
C GLY K 110 -4.73 -33.63 -8.46
N SER K 111 -3.59 -32.96 -8.39
CA SER K 111 -2.42 -33.48 -7.71
C SER K 111 -2.42 -33.07 -6.24
N TYR K 112 -2.02 -34.00 -5.38
CA TYR K 112 -1.95 -33.75 -3.94
C TYR K 112 -0.53 -34.05 -3.46
N ALA K 113 -0.25 -33.60 -2.24
CA ALA K 113 1.04 -33.83 -1.61
C ALA K 113 0.92 -34.91 -0.55
N GLN K 114 2.05 -35.57 -0.28
CA GLN K 114 2.10 -36.67 0.69
C GLN K 114 2.29 -36.09 2.08
N ARG K 115 1.20 -35.62 2.66
CA ARG K 115 1.22 -35.01 3.98
C ARG K 115 1.16 -36.10 5.06
N ALA K 116 1.29 -35.67 6.31
CA ALA K 116 1.21 -36.61 7.42
C ALA K 116 -0.23 -37.11 7.58
N ASP K 117 -0.36 -38.40 7.86
CA ASP K 117 -1.67 -39.04 7.94
C ASP K 117 -2.26 -38.93 9.34
N VAL K 118 -2.29 -37.70 9.87
CA VAL K 118 -2.90 -37.44 11.17
C VAL K 118 -3.68 -36.14 11.11
N PRO K 119 -4.71 -36.02 11.93
CA PRO K 119 -5.45 -34.76 11.99
C PRO K 119 -4.64 -33.66 12.67
N GLU K 120 -4.98 -32.41 12.35
CA GLU K 120 -4.40 -31.28 13.03
C GLU K 120 -5.01 -31.18 14.43
N LEU K 121 -4.16 -30.99 15.44
CA LEU K 121 -4.52 -31.34 16.80
C LEU K 121 -5.00 -30.19 17.66
N GLY K 122 -4.80 -28.95 17.24
CA GLY K 122 -5.28 -27.83 18.02
C GLY K 122 -4.56 -27.69 19.35
N LEU K 123 -4.95 -26.65 20.09
CA LEU K 123 -4.22 -26.25 21.28
C LEU K 123 -4.58 -27.06 22.52
N ASP K 124 -5.42 -28.09 22.37
CA ASP K 124 -5.77 -28.97 23.48
C ASP K 124 -5.70 -30.44 23.09
N ASN K 125 -4.96 -30.75 22.01
CA ASN K 125 -4.74 -32.12 21.55
C ASN K 125 -6.02 -32.79 21.07
N LEU K 126 -7.02 -32.00 20.68
CA LEU K 126 -8.22 -32.53 20.08
C LEU K 126 -8.38 -31.99 18.67
N PRO K 127 -8.79 -32.81 17.71
CA PRO K 127 -8.87 -32.36 16.32
C PRO K 127 -9.72 -31.09 16.18
N ILE K 128 -9.30 -30.22 15.27
CA ILE K 128 -9.99 -28.95 15.09
C ILE K 128 -11.07 -29.03 14.01
N ILE K 129 -10.86 -29.81 12.95
CA ILE K 129 -11.87 -29.99 11.92
C ILE K 129 -12.85 -31.05 12.42
N VAL K 130 -14.07 -30.63 12.74
CA VAL K 130 -15.00 -31.48 13.49
C VAL K 130 -16.41 -31.30 12.98
N PRO K 131 -17.21 -32.35 12.86
CA PRO K 131 -18.62 -32.18 12.54
C PRO K 131 -19.34 -31.39 13.63
N LEU K 132 -20.35 -30.63 13.22
CA LEU K 132 -21.09 -29.82 14.19
C LEU K 132 -21.76 -30.69 15.24
N ARG K 133 -22.07 -31.94 14.93
CA ARG K 133 -22.65 -32.85 15.91
C ARG K 133 -21.65 -33.29 16.97
N ALA K 134 -20.37 -32.97 16.80
CA ALA K 134 -19.34 -33.32 17.77
C ALA K 134 -18.61 -32.09 18.30
N ALA K 135 -19.17 -30.91 18.13
CA ALA K 135 -18.60 -29.67 18.64
C ALA K 135 -19.67 -29.00 19.50
N LYS K 136 -19.57 -29.21 20.81
CA LYS K 136 -20.62 -28.77 21.73
C LYS K 136 -20.51 -27.27 21.96
N GLY K 137 -21.56 -26.53 21.60
CA GLY K 137 -21.62 -25.11 21.82
C GLY K 137 -21.60 -24.25 20.57
N MET K 138 -21.60 -24.86 19.38
CA MET K 138 -21.52 -24.11 18.13
C MET K 138 -22.78 -24.33 17.31
N PHE K 139 -23.21 -23.27 16.62
CA PHE K 139 -24.42 -23.31 15.81
C PHE K 139 -24.17 -22.49 14.55
N LEU K 140 -25.22 -22.30 13.75
CA LEU K 140 -25.06 -21.87 12.37
C LEU K 140 -25.59 -20.47 12.08
N ASP K 141 -25.78 -19.64 13.11
CA ASP K 141 -26.14 -18.24 12.91
C ASP K 141 -27.36 -18.09 12.01
N PRO K 142 -28.57 -18.31 12.53
CA PRO K 142 -29.77 -18.47 11.69
C PRO K 142 -30.02 -17.38 10.65
N ARG K 143 -29.26 -16.29 10.68
CA ARG K 143 -29.43 -15.26 9.65
C ARG K 143 -28.94 -15.73 8.28
N ASP K 144 -28.12 -16.76 8.23
CA ASP K 144 -27.59 -17.28 6.98
C ASP K 144 -28.32 -18.56 6.58
N PRO K 145 -28.28 -18.92 5.29
CA PRO K 145 -28.96 -20.15 4.85
C PRO K 145 -28.45 -21.37 5.58
N ASN K 146 -29.36 -22.31 5.84
CA ASN K 146 -29.02 -23.57 6.48
C ASN K 146 -28.84 -24.62 5.40
N PRO K 147 -27.60 -24.99 5.04
CA PRO K 147 -27.41 -25.93 3.93
C PRO K 147 -27.92 -27.32 4.22
N VAL K 148 -28.13 -27.68 5.48
CA VAL K 148 -28.52 -29.04 5.85
C VAL K 148 -29.91 -29.30 5.28
N GLY K 149 -29.99 -30.16 4.26
CA GLY K 149 -31.23 -30.48 3.58
C GLY K 149 -31.20 -30.17 2.09
N MET K 150 -30.39 -29.20 1.69
CA MET K 150 -30.32 -28.80 0.29
C MET K 150 -29.72 -29.92 -0.55
N PRO K 151 -30.19 -30.09 -1.79
CA PRO K 151 -29.51 -30.99 -2.73
C PRO K 151 -28.35 -30.28 -3.42
N VAL K 152 -27.42 -31.10 -3.89
CA VAL K 152 -26.20 -30.62 -4.52
C VAL K 152 -26.23 -31.01 -5.99
N VAL K 153 -25.91 -30.07 -6.87
CA VAL K 153 -25.89 -30.32 -8.30
C VAL K 153 -24.47 -30.13 -8.82
N GLY K 154 -24.12 -30.90 -9.85
CA GLY K 154 -22.83 -30.80 -10.48
C GLY K 154 -22.80 -29.69 -11.52
N CYS K 155 -21.73 -29.68 -12.31
CA CYS K 155 -21.58 -28.69 -13.36
C CYS K 155 -22.54 -28.92 -14.52
N ASP K 156 -23.23 -30.06 -14.55
CA ASP K 156 -24.13 -30.41 -15.65
C ASP K 156 -25.59 -30.42 -15.23
N GLY K 157 -25.92 -29.84 -14.08
CA GLY K 157 -27.29 -29.78 -13.61
C GLY K 157 -27.79 -31.03 -12.92
N VAL K 158 -27.06 -32.15 -13.04
CA VAL K 158 -27.50 -33.39 -12.39
C VAL K 158 -27.28 -33.28 -10.89
N VAL K 159 -28.22 -33.82 -10.12
CA VAL K 159 -28.12 -33.83 -8.67
C VAL K 159 -27.27 -35.02 -8.24
N GLY K 160 -26.26 -34.76 -7.39
CA GLY K 160 -25.36 -35.80 -6.96
C GLY K 160 -25.65 -36.32 -5.57
N GLY K 161 -26.27 -35.51 -4.73
CA GLY K 161 -26.57 -35.94 -3.38
C GLY K 161 -27.21 -34.83 -2.58
N THR K 162 -27.17 -34.99 -1.26
CA THR K 162 -27.80 -34.02 -0.37
C THR K 162 -26.86 -33.71 0.79
N VAL K 163 -27.05 -32.54 1.39
CA VAL K 163 -26.21 -32.09 2.49
C VAL K 163 -26.79 -32.60 3.80
N THR K 164 -25.95 -33.27 4.60
CA THR K 164 -26.37 -33.82 5.87
C THR K 164 -25.69 -33.20 7.08
N GLU K 165 -24.55 -32.54 6.91
CA GLU K 165 -23.81 -32.00 8.04
C GLU K 165 -22.90 -30.88 7.54
N VAL K 166 -22.39 -30.10 8.47
CA VAL K 166 -21.43 -29.04 8.21
C VAL K 166 -20.24 -29.24 9.15
N TRP K 167 -19.06 -29.47 8.58
CA TRP K 167 -17.85 -29.64 9.35
C TRP K 167 -17.19 -28.28 9.57
N VAL K 168 -16.92 -27.95 10.83
CA VAL K 168 -16.42 -26.63 11.19
C VAL K 168 -14.98 -26.73 11.67
N ASP K 169 -14.33 -25.58 11.73
CA ASP K 169 -12.98 -25.43 12.24
C ASP K 169 -13.05 -24.80 13.62
N ARG K 170 -12.64 -25.55 14.64
CA ARG K 170 -12.55 -25.00 15.98
C ARG K 170 -11.28 -24.18 16.10
N ALA K 171 -11.33 -23.16 16.96
CA ALA K 171 -10.27 -22.19 17.23
C ALA K 171 -10.12 -21.18 16.10
N GLU K 172 -10.83 -21.37 14.99
CA GLU K 172 -10.90 -20.42 13.90
C GLU K 172 -12.29 -20.35 13.29
N VAL K 173 -13.34 -20.14 14.10
CA VAL K 173 -14.68 -20.61 13.79
C VAL K 173 -15.10 -20.25 12.37
N LEU K 174 -15.39 -21.28 11.58
CA LEU K 174 -15.66 -21.19 10.15
C LEU K 174 -16.22 -22.53 9.68
N ALA K 175 -17.09 -22.48 8.69
CA ALA K 175 -17.54 -23.69 8.01
C ALA K 175 -16.51 -24.07 6.95
N ARG K 176 -15.91 -25.25 7.10
CA ARG K 176 -14.86 -25.68 6.19
C ARG K 176 -15.30 -26.73 5.19
N TYR K 177 -16.20 -27.62 5.58
CA TYR K 177 -16.65 -28.69 4.71
C TYR K 177 -18.15 -28.89 4.87
N LEU K 178 -18.76 -29.47 3.84
CA LEU K 178 -20.12 -29.97 3.90
C LEU K 178 -20.10 -31.47 3.70
N GLU K 179 -20.88 -32.19 4.50
CA GLU K 179 -21.01 -33.63 4.33
C GLU K 179 -22.14 -33.92 3.36
N VAL K 180 -21.85 -34.70 2.32
CA VAL K 180 -22.79 -35.00 1.25
C VAL K 180 -23.06 -36.49 1.25
N GLU K 181 -24.34 -36.83 1.34
CA GLU K 181 -24.79 -38.20 1.13
C GLU K 181 -25.11 -38.37 -0.36
N VAL K 182 -24.45 -39.34 -0.99
CA VAL K 182 -24.64 -39.56 -2.42
C VAL K 182 -26.05 -40.08 -2.68
N ALA K 183 -26.51 -39.88 -3.92
CA ALA K 183 -27.91 -40.10 -4.28
C ALA K 183 -28.39 -41.51 -3.92
N LYS K 184 -27.68 -42.54 -4.37
CA LYS K 184 -28.20 -43.90 -4.31
C LYS K 184 -27.23 -44.83 -3.58
N SER K 185 -26.47 -44.31 -2.61
CA SER K 185 -25.37 -45.08 -2.03
C SER K 185 -25.34 -45.12 -0.52
N ARG K 186 -26.00 -44.19 0.19
CA ARG K 186 -25.94 -44.10 1.64
C ARG K 186 -24.53 -43.86 2.16
N LYS K 187 -23.61 -43.45 1.29
CA LYS K 187 -22.23 -43.17 1.67
C LYS K 187 -22.01 -41.66 1.75
N ARG K 188 -21.02 -41.27 2.55
CA ARG K 188 -20.77 -39.87 2.84
C ARG K 188 -19.43 -39.43 2.27
N VAL K 189 -19.42 -38.26 1.63
CA VAL K 189 -18.20 -37.62 1.15
C VAL K 189 -18.16 -36.21 1.67
N LEU K 190 -17.00 -35.57 1.54
CA LEU K 190 -16.82 -34.19 1.98
C LEU K 190 -16.70 -33.28 0.76
N LEU K 191 -17.22 -32.06 0.91
CA LEU K 191 -17.18 -31.05 -0.14
C LEU K 191 -16.61 -29.77 0.46
N PRO K 192 -15.47 -29.29 -0.01
CA PRO K 192 -14.92 -28.04 0.55
C PRO K 192 -15.82 -26.86 0.28
N VAL K 193 -16.00 -26.02 1.29
CA VAL K 193 -16.89 -24.86 1.16
C VAL K 193 -16.44 -23.92 0.04
N PRO K 194 -15.16 -23.60 -0.13
CA PRO K 194 -14.77 -22.73 -1.25
C PRO K 194 -15.10 -23.28 -2.63
N PHE K 195 -15.43 -24.57 -2.74
CA PHE K 195 -15.81 -25.15 -4.03
C PHE K 195 -17.30 -25.12 -4.27
N ALA K 196 -18.09 -24.69 -3.30
CA ALA K 196 -19.54 -24.74 -3.39
C ALA K 196 -20.15 -23.35 -3.28
N LEU K 197 -21.23 -23.14 -4.01
CA LEU K 197 -22.04 -21.94 -3.91
C LEU K 197 -23.33 -22.30 -3.21
N ILE K 198 -23.40 -21.99 -1.91
CA ILE K 198 -24.61 -22.29 -1.15
C ILE K 198 -25.73 -21.35 -1.61
N ASN K 199 -26.86 -21.95 -1.99
CA ASN K 199 -28.07 -21.19 -2.35
C ASN K 199 -27.88 -20.42 -3.65
N ASP K 200 -27.22 -21.04 -4.63
CA ASP K 200 -27.13 -20.41 -5.95
C ASP K 200 -28.48 -20.57 -6.66
N PRO K 201 -29.00 -21.78 -6.87
CA PRO K 201 -30.45 -21.91 -7.05
C PRO K 201 -31.09 -21.97 -5.68
N PHE K 202 -32.25 -21.31 -5.55
CA PHE K 202 -32.82 -20.93 -4.26
C PHE K 202 -32.72 -22.01 -3.19
N GLY K 203 -32.91 -23.27 -3.55
CA GLY K 203 -32.84 -24.31 -2.55
C GLY K 203 -31.80 -25.37 -2.81
N LYS K 204 -30.73 -25.03 -3.51
CA LYS K 204 -29.73 -26.01 -3.91
C LYS K 204 -28.33 -25.47 -3.65
N VAL K 205 -27.34 -26.35 -3.79
CA VAL K 205 -25.93 -26.02 -3.70
C VAL K 205 -25.28 -26.40 -5.02
N SER K 206 -24.64 -25.44 -5.68
CA SER K 206 -24.08 -25.64 -7.00
C SER K 206 -22.56 -25.84 -6.90
N VAL K 207 -22.08 -26.93 -7.49
CA VAL K 207 -20.66 -27.23 -7.57
C VAL K 207 -20.32 -27.39 -9.04
N ASP K 208 -19.63 -26.42 -9.61
CA ASP K 208 -19.34 -26.39 -11.03
C ASP K 208 -17.96 -26.94 -11.36
N ALA K 209 -17.37 -27.73 -10.48
CA ALA K 209 -16.07 -28.35 -10.73
C ALA K 209 -16.19 -29.75 -11.30
N ILE K 210 -17.07 -30.57 -10.76
CA ILE K 210 -17.25 -31.95 -11.22
C ILE K 210 -18.71 -32.13 -11.61
N ARG K 211 -18.96 -33.15 -12.43
CA ARG K 211 -20.31 -33.49 -12.82
C ARG K 211 -21.04 -34.16 -11.67
N GLY K 212 -22.37 -34.02 -11.67
CA GLY K 212 -23.17 -34.52 -10.57
C GLY K 212 -22.95 -35.99 -10.27
N ASP K 213 -22.61 -36.79 -11.28
CA ASP K 213 -22.46 -38.22 -11.10
C ASP K 213 -21.07 -38.61 -10.62
N GLN K 214 -20.18 -37.65 -10.36
CA GLN K 214 -18.82 -37.95 -9.92
C GLN K 214 -18.64 -37.88 -8.42
N PHE K 215 -19.65 -37.40 -7.68
CA PHE K 215 -19.55 -37.37 -6.23
C PHE K 215 -19.32 -38.75 -5.64
N ALA K 216 -19.73 -39.81 -6.34
CA ALA K 216 -19.49 -41.16 -5.86
C ALA K 216 -18.00 -41.49 -5.75
N GLY K 217 -17.15 -40.79 -6.50
CA GLY K 217 -15.73 -41.07 -6.51
C GLY K 217 -14.88 -40.26 -5.56
N VAL K 218 -15.48 -39.31 -4.83
CA VAL K 218 -14.72 -38.50 -3.89
C VAL K 218 -14.11 -39.40 -2.83
N PRO K 219 -12.84 -39.21 -2.45
CA PRO K 219 -12.26 -40.04 -1.39
C PRO K 219 -13.00 -39.87 -0.08
N THR K 220 -12.98 -40.91 0.74
CA THR K 220 -13.69 -40.94 2.00
C THR K 220 -12.71 -40.87 3.17
N THR K 221 -13.26 -40.62 4.35
CA THR K 221 -12.47 -40.52 5.57
C THR K 221 -12.45 -41.85 6.30
N SER K 222 -11.34 -42.11 6.99
CA SER K 222 -11.23 -43.33 7.78
C SER K 222 -12.25 -43.34 8.90
N LYS K 223 -12.23 -42.32 9.74
CA LYS K 223 -13.20 -42.17 10.82
C LYS K 223 -14.25 -41.14 10.43
N GLY K 224 -15.45 -41.31 10.98
CA GLY K 224 -16.55 -40.45 10.65
C GLY K 224 -16.63 -39.14 11.41
N ASP K 225 -15.69 -38.90 12.34
CA ASP K 225 -15.72 -37.69 13.15
C ASP K 225 -14.41 -36.91 13.09
N GLN K 226 -13.45 -37.33 12.27
CA GLN K 226 -12.21 -36.59 12.13
C GLN K 226 -11.61 -36.90 10.77
N VAL K 227 -10.78 -35.97 10.30
CA VAL K 227 -10.12 -36.09 9.01
C VAL K 227 -8.65 -35.76 9.18
N SER K 228 -7.79 -36.50 8.50
CA SER K 228 -6.36 -36.25 8.55
C SER K 228 -5.98 -35.21 7.50
N LYS K 229 -4.72 -34.78 7.55
CA LYS K 229 -4.25 -33.79 6.60
C LYS K 229 -4.10 -34.38 5.21
N LEU K 230 -3.64 -35.63 5.13
CA LEU K 230 -3.55 -36.30 3.84
C LEU K 230 -4.93 -36.46 3.19
N GLU K 231 -5.93 -36.83 3.98
CA GLU K 231 -7.28 -36.98 3.44
C GLU K 231 -7.85 -35.64 3.00
N GLU K 232 -7.62 -34.59 3.78
CA GLU K 232 -8.04 -33.25 3.37
C GLU K 232 -7.41 -32.87 2.02
N ASP K 233 -6.11 -33.11 1.88
CA ASP K 233 -5.43 -32.71 0.66
C ASP K 233 -5.92 -33.52 -0.53
N LYS K 234 -6.20 -34.81 -0.31
CA LYS K 234 -6.76 -35.65 -1.38
C LYS K 234 -8.16 -35.20 -1.78
N ILE K 235 -9.00 -34.85 -0.81
CA ILE K 235 -10.35 -34.42 -1.11
C ILE K 235 -10.34 -33.10 -1.87
N CYS K 236 -9.41 -32.20 -1.53
CA CYS K 236 -9.29 -30.96 -2.28
C CYS K 236 -8.79 -31.21 -3.70
N ALA K 237 -7.80 -32.11 -3.86
CA ALA K 237 -7.27 -32.38 -5.19
C ALA K 237 -8.30 -33.05 -6.09
N TYR K 238 -9.18 -33.88 -5.52
CA TYR K 238 -10.19 -34.53 -6.34
C TYR K 238 -11.10 -33.51 -7.01
N TYR K 239 -11.54 -32.50 -6.27
CA TYR K 239 -12.36 -31.45 -6.87
C TYR K 239 -11.53 -30.56 -7.78
N GLY K 240 -10.25 -30.38 -7.47
CA GLY K 240 -9.39 -29.60 -8.35
C GLY K 240 -9.18 -30.24 -9.71
N ALA K 241 -9.25 -31.57 -9.77
CA ALA K 241 -9.07 -32.25 -11.06
C ALA K 241 -10.20 -31.96 -12.03
N GLY K 242 -11.42 -31.78 -11.52
CA GLY K 242 -12.55 -31.51 -12.38
C GLY K 242 -12.47 -30.20 -13.13
N THR K 243 -11.67 -29.25 -12.63
CA THR K 243 -11.51 -27.98 -13.32
C THR K 243 -10.89 -28.13 -14.70
N LEU K 244 -10.19 -29.24 -14.95
CA LEU K 244 -9.56 -29.48 -16.23
C LEU K 244 -9.97 -30.78 -16.90
N TYR K 245 -10.49 -31.76 -16.15
CA TYR K 245 -10.76 -33.08 -16.72
C TYR K 245 -12.23 -33.48 -16.67
N ALA K 246 -13.13 -32.64 -16.17
CA ALA K 246 -14.53 -33.01 -16.15
C ALA K 246 -15.13 -33.07 -17.55
N THR K 247 -14.58 -32.33 -18.50
CA THR K 247 -15.08 -32.29 -19.88
C THR K 247 -16.56 -31.95 -19.94
N ALA L 2 15.51 -28.28 -14.03
CA ALA L 2 14.71 -27.12 -14.39
C ALA L 2 13.39 -27.11 -13.62
N MET L 3 13.01 -28.28 -13.11
CA MET L 3 11.79 -28.43 -12.33
C MET L 3 12.14 -28.52 -10.84
N LEU L 4 11.28 -27.93 -10.01
CA LEU L 4 11.40 -28.12 -8.58
C LEU L 4 11.22 -29.59 -8.23
N SER L 5 11.58 -29.94 -6.99
CA SER L 5 11.53 -31.33 -6.57
C SER L 5 10.11 -31.90 -6.57
N PHE L 6 9.09 -31.04 -6.57
CA PHE L 6 7.70 -31.49 -6.56
C PHE L 6 6.94 -31.06 -7.80
N GLU L 7 7.61 -30.48 -8.80
CA GLU L 7 6.93 -29.81 -9.89
C GLU L 7 6.46 -30.78 -10.98
N LYS L 8 7.06 -31.96 -11.10
CA LYS L 8 6.82 -32.80 -12.27
C LYS L 8 5.37 -33.20 -12.40
N LYS L 9 4.69 -33.46 -11.28
CA LYS L 9 3.31 -33.91 -11.34
C LYS L 9 2.33 -32.81 -11.75
N TYR L 10 2.79 -31.59 -11.97
CA TYR L 10 1.91 -30.49 -12.37
C TYR L 10 2.09 -30.05 -13.82
N ARG L 11 3.16 -30.48 -14.49
CA ARG L 11 3.47 -30.00 -15.83
C ARG L 11 2.71 -30.81 -16.88
N VAL L 12 1.39 -30.70 -16.84
CA VAL L 12 0.52 -31.43 -17.71
C VAL L 12 0.11 -30.55 -18.88
N ARG L 13 -0.41 -31.17 -19.93
CA ARG L 13 -0.81 -30.47 -21.13
C ARG L 13 -2.27 -30.04 -21.05
N GLY L 14 -2.55 -28.84 -21.54
CA GLY L 14 -3.90 -28.33 -21.58
C GLY L 14 -4.07 -27.04 -20.79
N GLY L 15 -5.20 -26.40 -21.02
CA GLY L 15 -5.54 -25.17 -20.34
C GLY L 15 -5.19 -23.90 -21.07
N THR L 16 -5.03 -23.93 -22.37
CA THR L 16 -4.70 -22.75 -23.14
C THR L 16 -5.97 -22.06 -23.64
N LEU L 17 -5.79 -20.86 -24.18
CA LEU L 17 -6.87 -20.10 -24.79
C LEU L 17 -6.79 -20.10 -26.31
N ILE L 18 -5.66 -19.68 -26.86
CA ILE L 18 -5.40 -19.70 -28.29
C ILE L 18 -4.13 -20.50 -28.53
N GLY L 19 -4.07 -21.17 -29.68
CA GLY L 19 -2.85 -21.78 -30.14
C GLY L 19 -2.74 -23.28 -29.92
N GLY L 20 -3.63 -23.87 -29.13
CA GLY L 20 -3.57 -25.30 -28.92
C GLY L 20 -2.31 -25.71 -28.19
N ASP L 21 -1.70 -26.81 -28.63
CA ASP L 21 -0.53 -27.37 -27.99
C ASP L 21 0.77 -26.94 -28.66
N LEU L 22 0.74 -25.94 -29.53
CA LEU L 22 1.96 -25.51 -30.21
C LEU L 22 2.87 -24.75 -29.26
N PHE L 23 2.33 -23.82 -28.47
CA PHE L 23 3.10 -23.01 -27.56
C PHE L 23 3.01 -23.49 -26.11
N ASP L 24 2.60 -24.74 -25.91
CA ASP L 24 2.37 -25.27 -24.57
C ASP L 24 3.63 -25.99 -24.09
N PHE L 25 4.65 -25.20 -23.76
CA PHE L 25 5.90 -25.74 -23.26
C PHE L 25 6.54 -24.72 -22.32
N TRP L 26 7.66 -25.11 -21.72
CA TRP L 26 8.40 -24.28 -20.79
C TRP L 26 9.79 -24.00 -21.33
N VAL L 27 10.32 -22.83 -20.99
CA VAL L 27 11.70 -22.46 -21.29
C VAL L 27 12.34 -22.14 -19.95
N GLY L 28 13.04 -23.12 -19.39
CA GLY L 28 13.54 -23.00 -18.04
C GLY L 28 12.40 -23.08 -17.05
N PRO L 29 12.25 -22.06 -16.20
CA PRO L 29 11.10 -22.03 -15.29
C PRO L 29 9.87 -21.42 -15.94
N PHE L 30 10.08 -20.61 -16.97
CA PHE L 30 9.00 -19.82 -17.55
C PHE L 30 8.10 -20.67 -18.43
N TYR L 31 6.79 -20.58 -18.19
CA TYR L 31 5.81 -21.05 -19.15
C TYR L 31 5.73 -20.06 -20.31
N VAL L 32 5.39 -20.56 -21.50
CA VAL L 32 5.47 -19.70 -22.67
C VAL L 32 4.08 -19.30 -23.15
N GLY L 33 3.30 -20.26 -23.61
CA GLY L 33 2.04 -19.95 -24.27
C GLY L 33 2.24 -19.06 -25.48
N ILE L 34 1.15 -18.62 -26.11
CA ILE L 34 1.30 -17.69 -27.22
C ILE L 34 1.44 -16.26 -26.70
N PHE L 35 0.78 -15.96 -25.57
CA PHE L 35 0.86 -14.62 -25.01
C PHE L 35 2.24 -14.32 -24.44
N GLY L 36 3.01 -15.33 -24.04
CA GLY L 36 4.39 -15.09 -23.65
C GLY L 36 5.24 -14.62 -24.81
N VAL L 37 5.12 -15.31 -25.95
CA VAL L 37 5.79 -14.87 -27.17
C VAL L 37 5.38 -13.45 -27.51
N MET L 38 4.07 -13.18 -27.46
CA MET L 38 3.58 -11.85 -27.83
C MET L 38 4.11 -10.77 -26.89
N THR L 39 4.14 -11.04 -25.58
CA THR L 39 4.55 -10.01 -24.63
C THR L 39 6.05 -9.77 -24.69
N VAL L 40 6.85 -10.81 -24.90
CA VAL L 40 8.28 -10.59 -25.09
C VAL L 40 8.53 -9.81 -26.37
N PHE L 41 7.76 -10.11 -27.42
CA PHE L 41 7.87 -9.37 -28.66
C PHE L 41 7.58 -7.88 -28.45
N PHE L 42 6.46 -7.58 -27.78
CA PHE L 42 6.09 -6.19 -27.53
C PHE L 42 7.13 -5.48 -26.68
N ALA L 43 7.61 -6.14 -25.63
CA ALA L 43 8.62 -5.54 -24.78
C ALA L 43 9.90 -5.24 -25.54
N LEU L 44 10.33 -6.16 -26.41
CA LEU L 44 11.56 -5.94 -27.15
C LEU L 44 11.42 -4.84 -28.18
N ILE L 45 10.27 -4.76 -28.84
CA ILE L 45 10.05 -3.66 -29.78
C ILE L 45 10.04 -2.33 -29.05
N GLY L 46 9.39 -2.27 -27.89
CA GLY L 46 9.39 -1.03 -27.12
C GLY L 46 10.77 -0.61 -26.66
N ILE L 47 11.56 -1.57 -26.20
CA ILE L 47 12.92 -1.26 -25.74
C ILE L 47 13.79 -0.79 -26.91
N ALA L 48 13.68 -1.45 -28.06
CA ALA L 48 14.44 -1.02 -29.23
C ALA L 48 14.02 0.37 -29.68
N LEU L 49 12.73 0.69 -29.58
CA LEU L 49 12.28 2.02 -29.96
C LEU L 49 12.79 3.08 -29.01
N ILE L 50 12.80 2.78 -27.71
CA ILE L 50 13.36 3.72 -26.74
C ILE L 50 14.84 3.94 -27.02
N ALA L 51 15.57 2.86 -27.33
CA ALA L 51 16.99 2.99 -27.62
C ALA L 51 17.23 3.82 -28.88
N TRP L 52 16.40 3.63 -29.90
CA TRP L 52 16.54 4.42 -31.12
C TRP L 52 16.24 5.89 -30.86
N ASN L 53 15.19 6.17 -30.08
CA ASN L 53 14.89 7.55 -29.72
C ASN L 53 16.01 8.17 -28.90
N THR L 54 16.72 7.36 -28.12
CA THR L 54 17.82 7.89 -27.33
C THR L 54 19.05 8.16 -28.18
N ALA L 55 19.31 7.31 -29.19
CA ALA L 55 20.42 7.56 -30.09
C ALA L 55 20.26 8.89 -30.84
N LEU L 56 19.02 9.28 -31.13
CA LEU L 56 18.75 10.56 -31.78
C LEU L 56 18.89 11.75 -30.84
N GLY L 57 19.07 11.50 -29.54
CA GLY L 57 19.12 12.57 -28.57
C GLY L 57 20.54 12.98 -28.22
N PRO L 58 20.68 13.82 -27.20
CA PRO L 58 22.01 14.37 -26.88
C PRO L 58 22.84 13.52 -25.93
N THR L 59 22.21 12.66 -25.13
CA THR L 59 22.94 11.95 -24.08
C THR L 59 22.47 10.51 -23.98
N TRP L 60 23.34 9.68 -23.43
CA TRP L 60 23.02 8.31 -23.05
C TRP L 60 22.86 8.16 -21.55
N ASN L 61 22.85 9.26 -20.82
CA ASN L 61 22.69 9.22 -19.37
C ASN L 61 21.37 8.56 -19.01
N LEU L 62 21.43 7.55 -18.14
CA LEU L 62 20.24 6.78 -17.80
C LEU L 62 19.16 7.66 -17.18
N TRP L 63 19.55 8.55 -16.27
CA TRP L 63 18.57 9.38 -15.58
C TRP L 63 17.96 10.46 -16.46
N GLN L 64 18.54 10.74 -17.63
CA GLN L 64 18.07 11.82 -18.48
C GLN L 64 17.43 11.36 -19.77
N ILE L 65 17.34 10.05 -20.00
CA ILE L 65 16.60 9.54 -21.15
C ILE L 65 15.14 9.93 -21.03
N SER L 66 14.52 10.30 -22.15
CA SER L 66 13.13 10.73 -22.13
C SER L 66 12.52 10.59 -23.51
N VAL L 67 11.34 9.99 -23.58
CA VAL L 67 10.55 9.90 -24.80
C VAL L 67 9.34 10.82 -24.62
N ASN L 68 9.36 11.94 -25.32
CA ASN L 68 8.37 12.97 -25.04
C ASN L 68 7.11 12.78 -25.88
N PRO L 69 5.94 13.09 -25.33
CA PRO L 69 4.69 12.97 -26.08
C PRO L 69 4.61 14.03 -27.17
N PRO L 70 3.67 13.87 -28.11
CA PRO L 70 3.59 14.83 -29.21
C PRO L 70 3.23 16.23 -28.72
N ASP L 71 3.41 17.20 -29.62
CA ASP L 71 3.03 18.57 -29.35
C ASP L 71 1.51 18.73 -29.41
N ALA L 72 1.01 19.75 -28.73
CA ALA L 72 -0.43 19.98 -28.66
C ALA L 72 -1.03 20.38 -30.00
N LYS L 73 -0.22 20.77 -30.98
CA LYS L 73 -0.74 21.18 -32.27
C LYS L 73 -1.20 20.00 -33.12
N TYR L 74 -1.00 18.76 -32.67
CA TYR L 74 -1.41 17.58 -33.40
C TYR L 74 -2.73 17.01 -32.90
N GLY L 75 -3.30 17.56 -31.83
CA GLY L 75 -4.58 17.08 -31.35
C GLY L 75 -4.51 15.63 -30.94
N LEU L 76 -5.51 14.86 -31.34
CA LEU L 76 -5.57 13.43 -31.07
C LEU L 76 -5.22 12.59 -32.30
N GLY L 77 -4.56 13.19 -33.29
CA GLY L 77 -4.17 12.48 -34.48
C GLY L 77 -2.85 11.75 -34.31
N PHE L 78 -2.27 11.36 -35.44
CA PHE L 78 -0.97 10.70 -35.47
C PHE L 78 0.11 11.71 -35.80
N ALA L 79 1.16 11.73 -35.00
CA ALA L 79 2.26 12.65 -35.16
C ALA L 79 3.38 12.03 -35.98
N PRO L 80 4.24 12.84 -36.58
CA PRO L 80 5.40 12.27 -37.29
C PRO L 80 6.29 11.51 -36.32
N LEU L 81 6.95 10.47 -36.84
CA LEU L 81 7.73 9.59 -35.98
C LEU L 81 8.83 10.35 -35.26
N ALA L 82 9.45 11.32 -35.91
CA ALA L 82 10.56 12.05 -35.33
C ALA L 82 10.10 13.22 -34.45
N GLU L 83 8.80 13.47 -34.35
CA GLU L 83 8.28 14.59 -33.59
C GLU L 83 7.09 14.19 -32.72
N GLY L 84 7.08 12.96 -32.20
CA GLY L 84 6.02 12.56 -31.30
C GLY L 84 5.44 11.18 -31.52
N GLY L 85 5.65 10.61 -32.71
CA GLY L 85 5.10 9.31 -33.01
C GLY L 85 5.74 8.16 -32.28
N ILE L 86 7.01 8.30 -31.89
CA ILE L 86 7.69 7.25 -31.14
C ILE L 86 7.02 7.06 -29.79
N TRP L 87 6.59 8.15 -29.16
CA TRP L 87 5.86 8.05 -27.89
C TRP L 87 4.57 7.27 -28.07
N GLN L 88 3.85 7.53 -29.16
CA GLN L 88 2.59 6.84 -29.40
C GLN L 88 2.81 5.35 -29.64
N TRP L 89 3.85 5.00 -30.39
CA TRP L 89 4.10 3.59 -30.66
C TRP L 89 4.62 2.86 -29.43
N VAL L 90 5.42 3.53 -28.60
CA VAL L 90 5.85 2.93 -27.34
C VAL L 90 4.66 2.71 -26.42
N SER L 91 3.70 3.65 -26.42
CA SER L 91 2.50 3.47 -25.62
C SER L 91 1.68 2.27 -26.10
N ILE L 92 1.53 2.14 -27.41
CA ILE L 92 0.82 0.99 -27.98
C ILE L 92 1.51 -0.31 -27.57
N CYS L 93 2.84 -0.36 -27.71
CA CYS L 93 3.58 -1.57 -27.38
C CYS L 93 3.46 -1.91 -25.90
N ALA L 94 3.52 -0.91 -25.03
CA ALA L 94 3.40 -1.15 -23.60
C ALA L 94 2.02 -1.69 -23.23
N THR L 95 0.97 -1.07 -23.79
CA THR L 95 -0.38 -1.58 -23.55
C THR L 95 -0.52 -3.03 -24.00
N GLY L 96 0.00 -3.34 -25.19
CA GLY L 96 -0.04 -4.71 -25.66
C GLY L 96 0.70 -5.67 -24.75
N ALA L 97 1.89 -5.27 -24.29
CA ALA L 97 2.66 -6.11 -23.38
C ALA L 97 1.91 -6.38 -22.09
N PHE L 98 1.26 -5.35 -21.53
CA PHE L 98 0.52 -5.54 -20.28
C PHE L 98 -0.66 -6.46 -20.47
N VAL L 99 -1.42 -6.29 -21.55
CA VAL L 99 -2.58 -7.14 -21.78
C VAL L 99 -2.16 -8.58 -22.00
N THR L 100 -1.09 -8.79 -22.77
CA THR L 100 -0.63 -10.16 -22.99
C THR L 100 -0.07 -10.79 -21.73
N TRP L 101 0.57 -10.01 -20.87
CA TRP L 101 1.01 -10.52 -19.58
C TRP L 101 -0.17 -11.00 -18.74
N ALA L 102 -1.23 -10.19 -18.69
CA ALA L 102 -2.42 -10.60 -17.94
C ALA L 102 -3.03 -11.86 -18.51
N LEU L 103 -3.09 -11.98 -19.84
CA LEU L 103 -3.67 -13.19 -20.43
C LEU L 103 -2.81 -14.41 -20.20
N ARG L 104 -1.48 -14.26 -20.19
CA ARG L 104 -0.63 -15.39 -19.86
C ARG L 104 -0.84 -15.82 -18.42
N GLU L 105 -1.04 -14.85 -17.51
CA GLU L 105 -1.38 -15.20 -16.13
C GLU L 105 -2.69 -15.97 -16.07
N VAL L 106 -3.66 -15.59 -16.90
CA VAL L 106 -4.93 -16.32 -16.94
C VAL L 106 -4.71 -17.76 -17.39
N GLU L 107 -3.87 -17.95 -18.41
CA GLU L 107 -3.58 -19.31 -18.88
C GLU L 107 -2.91 -20.14 -17.79
N ILE L 108 -1.96 -19.54 -17.06
CA ILE L 108 -1.30 -20.26 -15.97
C ILE L 108 -2.29 -20.63 -14.89
N CYS L 109 -3.20 -19.71 -14.54
CA CYS L 109 -4.25 -20.02 -13.58
C CYS L 109 -5.10 -21.19 -14.04
N ARG L 110 -5.48 -21.21 -15.32
CA ARG L 110 -6.30 -22.30 -15.83
C ARG L 110 -5.55 -23.63 -15.75
N LYS L 111 -4.26 -23.64 -16.10
CA LYS L 111 -3.52 -24.89 -16.03
C LYS L 111 -3.38 -25.39 -14.59
N LEU L 112 -3.18 -24.48 -13.64
CA LEU L 112 -2.99 -24.90 -12.25
C LEU L 112 -4.30 -25.23 -11.54
N GLY L 113 -5.42 -24.68 -11.98
CA GLY L 113 -6.69 -24.97 -11.35
C GLY L 113 -7.04 -24.08 -10.19
N ILE L 114 -6.54 -22.84 -10.18
CA ILE L 114 -6.74 -21.93 -9.07
C ILE L 114 -7.61 -20.77 -9.53
N GLY L 115 -7.95 -19.89 -8.59
CA GLY L 115 -8.76 -18.74 -8.91
C GLY L 115 -8.02 -17.72 -9.75
N PHE L 116 -8.79 -16.77 -10.29
CA PHE L 116 -8.28 -15.76 -11.20
C PHE L 116 -8.11 -14.40 -10.54
N HIS L 117 -7.72 -14.39 -9.26
CA HIS L 117 -7.66 -13.12 -8.53
C HIS L 117 -6.47 -12.28 -8.96
N VAL L 118 -5.35 -12.90 -9.32
CA VAL L 118 -4.11 -12.18 -9.63
C VAL L 118 -4.24 -11.38 -10.94
N PRO L 119 -4.72 -11.97 -12.05
CA PRO L 119 -4.91 -11.15 -13.25
C PRO L 119 -5.97 -10.09 -13.06
N PHE L 120 -7.01 -10.39 -12.29
CA PHE L 120 -8.03 -9.38 -11.98
C PHE L 120 -7.43 -8.20 -11.23
N ALA L 121 -6.50 -8.47 -10.32
CA ALA L 121 -5.86 -7.40 -9.57
C ALA L 121 -4.86 -6.63 -10.42
N PHE L 122 -4.20 -7.31 -11.36
CA PHE L 122 -3.30 -6.61 -12.28
C PHE L 122 -4.08 -5.71 -13.24
N SER L 123 -5.33 -6.08 -13.55
CA SER L 123 -6.16 -5.25 -14.40
C SER L 123 -6.38 -3.86 -13.82
N PHE L 124 -6.30 -3.70 -12.50
CA PHE L 124 -6.45 -2.37 -11.90
C PHE L 124 -5.25 -1.49 -12.22
N ALA L 125 -4.05 -2.04 -12.16
CA ALA L 125 -2.86 -1.26 -12.53
C ALA L 125 -2.87 -0.93 -14.01
N ILE L 126 -3.29 -1.89 -14.84
CA ILE L 126 -3.43 -1.60 -16.27
C ILE L 126 -4.44 -0.50 -16.50
N PHE L 127 -5.53 -0.51 -15.72
CA PHE L 127 -6.55 0.53 -15.86
C PHE L 127 -6.01 1.90 -15.47
N ALA L 128 -5.20 1.95 -14.41
CA ALA L 128 -4.62 3.23 -14.01
C ALA L 128 -3.66 3.76 -15.08
N TYR L 129 -2.83 2.87 -15.65
CA TYR L 129 -1.94 3.30 -16.72
C TYR L 129 -2.72 3.82 -17.92
N VAL L 130 -3.78 3.10 -18.31
CA VAL L 130 -4.59 3.53 -19.45
C VAL L 130 -5.28 4.85 -19.17
N THR L 131 -5.73 5.05 -17.92
CA THR L 131 -6.31 6.33 -17.54
C THR L 131 -5.29 7.45 -17.68
N LEU L 132 -4.03 7.16 -17.35
CA LEU L 132 -3.01 8.21 -17.40
C LEU L 132 -2.61 8.55 -18.83
N VAL L 133 -2.55 7.57 -19.73
CA VAL L 133 -2.01 7.80 -21.07
C VAL L 133 -3.05 7.84 -22.17
N VAL L 134 -4.29 7.41 -21.93
CA VAL L 134 -5.31 7.32 -22.96
C VAL L 134 -6.55 8.13 -22.60
N ILE L 135 -7.15 7.85 -21.45
CA ILE L 135 -8.49 8.38 -21.16
C ILE L 135 -8.41 9.87 -20.88
N ARG L 136 -7.52 10.28 -19.98
CA ARG L 136 -7.42 11.68 -19.61
C ARG L 136 -6.91 12.54 -20.78
N PRO L 137 -5.89 12.11 -21.52
CA PRO L 137 -5.52 12.90 -22.72
C PRO L 137 -6.63 13.04 -23.73
N VAL L 138 -7.50 12.03 -23.87
CA VAL L 138 -8.62 12.15 -24.81
C VAL L 138 -9.66 13.12 -24.28
N LEU L 139 -10.02 13.00 -23.00
CA LEU L 139 -10.98 13.93 -22.43
C LEU L 139 -10.47 15.36 -22.42
N MET L 140 -9.15 15.54 -22.39
CA MET L 140 -8.57 16.87 -22.42
C MET L 140 -8.41 17.42 -23.83
N GLY L 141 -8.14 16.55 -24.81
CA GLY L 141 -8.15 17.01 -26.19
C GLY L 141 -6.95 16.65 -27.04
N SER L 142 -5.81 16.32 -26.43
CA SER L 142 -4.61 16.05 -27.21
C SER L 142 -3.72 15.09 -26.46
N TRP L 143 -2.90 14.35 -27.23
CA TRP L 143 -1.93 13.43 -26.67
C TRP L 143 -0.81 14.12 -25.91
N SER L 144 -0.71 15.45 -26.02
CA SER L 144 0.35 16.19 -25.36
C SER L 144 0.20 16.18 -23.84
N TYR L 145 -0.88 15.58 -23.34
CA TYR L 145 -1.16 15.55 -21.92
C TYR L 145 -0.67 14.29 -21.23
N GLY L 146 -0.22 13.29 -21.98
CA GLY L 146 0.38 12.11 -21.39
C GLY L 146 1.74 12.43 -20.79
N PHE L 147 2.21 11.54 -19.93
CA PHE L 147 3.47 11.83 -19.29
C PHE L 147 4.63 11.25 -20.10
N PRO L 148 5.81 11.87 -20.00
CA PRO L 148 6.97 11.35 -20.74
C PRO L 148 7.49 10.06 -20.12
N TYR L 149 8.17 9.28 -20.95
CA TYR L 149 8.77 8.03 -20.50
C TYR L 149 10.23 8.32 -20.14
N GLY L 150 10.40 8.89 -18.95
CA GLY L 150 11.72 9.21 -18.43
C GLY L 150 11.76 9.05 -16.92
N ILE L 151 12.91 8.61 -16.40
CA ILE L 151 13.00 8.31 -14.97
C ILE L 151 12.83 9.57 -14.14
N PHE L 152 13.37 10.69 -14.59
CA PHE L 152 13.26 11.93 -13.84
C PHE L 152 12.50 13.03 -14.58
N THR L 153 12.02 12.78 -15.79
CA THR L 153 11.20 13.78 -16.48
C THR L 153 9.72 13.58 -16.22
N HIS L 154 9.27 12.36 -15.97
CA HIS L 154 7.89 12.16 -15.60
C HIS L 154 7.61 12.59 -14.17
N LEU L 155 8.64 12.70 -13.33
CA LEU L 155 8.45 13.34 -12.03
C LEU L 155 8.22 14.84 -12.20
N ASP L 156 8.92 15.46 -13.14
CA ASP L 156 8.64 16.86 -13.46
C ASP L 156 7.24 17.01 -14.04
N TRP L 157 6.80 16.04 -14.85
CA TRP L 157 5.42 16.04 -15.32
C TRP L 157 4.44 15.99 -14.15
N VAL L 158 4.70 15.10 -13.19
CA VAL L 158 3.83 14.98 -12.03
C VAL L 158 3.75 16.29 -11.27
N SER L 159 4.90 16.95 -11.07
CA SER L 159 4.90 18.17 -10.26
C SER L 159 4.22 19.32 -11.01
N ASN L 160 4.43 19.42 -12.33
CA ASN L 160 3.77 20.48 -13.08
C ASN L 160 2.26 20.26 -13.12
N THR L 161 1.83 19.02 -13.35
CA THR L 161 0.40 18.73 -13.33
C THR L 161 -0.20 19.01 -11.95
N GLY L 162 0.54 18.70 -10.88
CA GLY L 162 0.04 18.96 -9.55
C GLY L 162 -0.13 20.44 -9.28
N TYR L 163 0.88 21.23 -9.62
CA TYR L 163 0.76 22.67 -9.38
C TYR L 163 -0.16 23.36 -10.37
N SER L 164 -0.59 22.68 -11.43
CA SER L 164 -1.61 23.28 -12.28
C SER L 164 -2.99 23.34 -11.62
N TYR L 165 -3.22 22.95 -10.37
CA TYR L 165 -4.57 22.98 -9.80
C TYR L 165 -4.54 23.57 -8.40
N GLY L 166 -3.76 24.64 -8.21
CA GLY L 166 -3.59 25.21 -6.90
C GLY L 166 -2.65 24.37 -6.08
N GLN L 167 -3.17 23.72 -5.04
CA GLN L 167 -2.44 22.69 -4.31
C GLN L 167 -3.20 21.38 -4.45
N PHE L 168 -2.54 20.38 -5.02
CA PHE L 168 -3.17 19.10 -5.31
C PHE L 168 -3.53 18.31 -4.07
N HIS L 169 -3.04 18.72 -2.89
CA HIS L 169 -3.35 18.01 -1.66
C HIS L 169 -4.82 18.09 -1.28
N TYR L 170 -5.54 19.11 -1.75
CA TYR L 170 -6.93 19.31 -1.39
C TYR L 170 -7.89 18.53 -2.26
N ASN L 171 -7.39 17.79 -3.24
CA ASN L 171 -8.21 16.88 -4.03
C ASN L 171 -8.75 15.79 -3.10
N PRO L 172 -10.08 15.64 -2.98
CA PRO L 172 -10.61 14.68 -2.00
C PRO L 172 -10.34 13.22 -2.35
N ALA L 173 -10.50 12.84 -3.63
CA ALA L 173 -10.15 11.49 -4.04
C ALA L 173 -8.68 11.21 -3.81
N HIS L 174 -7.83 12.23 -3.99
CA HIS L 174 -6.41 12.11 -3.70
C HIS L 174 -6.18 11.81 -2.21
N MET L 175 -6.95 12.47 -1.34
CA MET L 175 -6.82 12.22 0.09
C MET L 175 -7.24 10.80 0.45
N ILE L 176 -8.34 10.33 -0.13
CA ILE L 176 -8.80 8.96 0.14
C ILE L 176 -7.76 7.94 -0.36
N ALA L 177 -7.19 8.19 -1.54
CA ALA L 177 -6.19 7.27 -2.07
C ALA L 177 -4.95 7.23 -1.21
N ILE L 178 -4.51 8.38 -0.70
CA ILE L 178 -3.35 8.40 0.18
C ILE L 178 -3.63 7.65 1.47
N THR L 179 -4.84 7.82 2.03
CA THR L 179 -5.21 7.07 3.22
C THR L 179 -5.14 5.57 2.96
N PHE L 180 -5.67 5.12 1.81
CA PHE L 180 -5.65 3.69 1.51
C PHE L 180 -4.23 3.19 1.33
N PHE L 181 -3.35 3.98 0.72
CA PHE L 181 -1.96 3.55 0.53
C PHE L 181 -1.25 3.38 1.87
N PHE L 182 -1.39 4.37 2.75
CA PHE L 182 -0.73 4.29 4.05
C PHE L 182 -1.28 3.12 4.88
N THR L 183 -2.60 2.90 4.82
CA THR L 183 -3.18 1.77 5.52
C THR L 183 -2.68 0.45 4.96
N THR L 184 -2.50 0.37 3.64
CA THR L 184 -1.95 -0.85 3.04
C THR L 184 -0.55 -1.13 3.56
N CYS L 185 0.29 -0.09 3.65
CA CYS L 185 1.63 -0.28 4.20
C CYS L 185 1.58 -0.78 5.64
N LEU L 186 0.74 -0.13 6.46
CA LEU L 186 0.58 -0.54 7.85
C LEU L 186 0.17 -2.00 7.97
N ALA L 187 -0.83 -2.41 7.19
CA ALA L 187 -1.34 -3.78 7.26
C ALA L 187 -0.32 -4.79 6.76
N LEU L 188 0.45 -4.45 5.72
CA LEU L 188 1.49 -5.36 5.27
C LEU L 188 2.54 -5.57 6.34
N ALA L 189 2.97 -4.50 7.00
CA ALA L 189 3.94 -4.63 8.08
C ALA L 189 3.38 -5.50 9.21
N LEU L 190 2.14 -5.25 9.61
CA LEU L 190 1.52 -6.02 10.68
C LEU L 190 1.46 -7.50 10.33
N HIS L 191 0.96 -7.83 9.13
CA HIS L 191 0.78 -9.23 8.76
C HIS L 191 2.13 -9.95 8.66
N GLY L 192 3.11 -9.33 7.99
CA GLY L 192 4.42 -9.94 7.92
C GLY L 192 5.02 -10.21 9.30
N GLY L 193 5.00 -9.19 10.16
CA GLY L 193 5.56 -9.36 11.49
C GLY L 193 4.83 -10.41 12.30
N LEU L 194 3.51 -10.48 12.17
CA LEU L 194 2.75 -11.45 12.95
C LEU L 194 3.07 -12.87 12.54
N VAL L 195 3.07 -13.14 11.23
CA VAL L 195 3.39 -14.50 10.78
C VAL L 195 4.82 -14.86 11.15
N LEU L 196 5.75 -13.92 11.02
CA LEU L 196 7.14 -14.22 11.35
C LEU L 196 7.30 -14.49 12.84
N SER L 197 6.60 -13.75 13.70
CA SER L 197 6.71 -13.97 15.13
C SER L 197 6.02 -15.25 15.57
N ALA L 198 5.01 -15.71 14.82
CA ALA L 198 4.42 -17.00 15.13
C ALA L 198 5.28 -18.16 14.67
N LEU L 199 6.02 -18.01 13.57
CA LEU L 199 6.84 -19.10 13.08
C LEU L 199 8.23 -19.12 13.71
N ASN L 200 8.73 -17.99 14.20
CA ASN L 200 10.02 -17.90 14.87
C ASN L 200 9.79 -17.33 16.26
N PRO L 201 9.37 -18.16 17.21
CA PRO L 201 8.99 -17.65 18.53
C PRO L 201 10.19 -17.29 19.39
N ASP L 202 9.93 -16.96 20.65
CA ASP L 202 10.98 -16.63 21.60
C ASP L 202 11.88 -17.86 21.83
N ARG L 203 13.01 -17.61 22.49
CA ARG L 203 14.03 -18.64 22.68
C ARG L 203 13.49 -19.77 23.54
N GLY L 204 13.54 -21.00 23.01
CA GLY L 204 13.10 -22.16 23.75
C GLY L 204 11.62 -22.42 23.72
N GLU L 205 10.89 -21.85 22.76
CA GLU L 205 9.46 -22.03 22.64
C GLU L 205 9.10 -22.84 21.42
N PRO L 206 7.99 -23.55 21.44
CA PRO L 206 7.51 -24.21 20.22
C PRO L 206 6.87 -23.22 19.27
N VAL L 207 6.71 -23.67 18.02
CA VAL L 207 6.03 -22.83 17.03
C VAL L 207 4.59 -22.61 17.46
N LYS L 208 4.12 -21.37 17.34
CA LYS L 208 2.82 -20.97 17.85
C LYS L 208 1.72 -21.41 16.89
N SER L 209 0.50 -20.98 17.17
CA SER L 209 -0.68 -21.42 16.43
C SER L 209 -1.54 -20.20 16.08
N PRO L 210 -2.59 -20.35 15.27
CA PRO L 210 -3.45 -19.20 14.98
C PRO L 210 -4.16 -18.64 16.20
N GLU L 211 -4.33 -19.44 17.26
CA GLU L 211 -4.94 -18.91 18.47
C GLU L 211 -4.05 -17.87 19.14
N HIS L 212 -2.73 -18.09 19.12
CA HIS L 212 -1.82 -17.07 19.62
C HIS L 212 -1.89 -15.80 18.77
N GLU L 213 -2.06 -15.97 17.46
CA GLU L 213 -2.16 -14.81 16.57
C GLU L 213 -3.43 -14.01 16.83
N ASN L 214 -4.54 -14.70 17.10
CA ASN L 214 -5.76 -14.00 17.48
C ASN L 214 -5.60 -13.31 18.83
N THR L 215 -4.95 -14.00 19.78
CA THR L 215 -4.84 -13.49 21.14
C THR L 215 -3.98 -12.24 21.20
N VAL L 216 -2.89 -12.19 20.43
CA VAL L 216 -1.97 -11.06 20.55
C VAL L 216 -2.64 -9.78 20.08
N PHE L 217 -3.44 -9.84 19.00
CA PHE L 217 -4.13 -8.64 18.55
C PHE L 217 -5.41 -8.36 19.31
N ARG L 218 -6.02 -9.37 19.94
CA ARG L 218 -7.10 -9.04 20.87
C ARG L 218 -6.56 -8.39 22.15
N ASP L 219 -5.32 -8.68 22.51
CA ASP L 219 -4.70 -8.04 23.65
C ASP L 219 -4.15 -6.66 23.31
N LEU L 220 -3.70 -6.46 22.06
CA LEU L 220 -3.16 -5.16 21.67
C LEU L 220 -4.26 -4.13 21.48
N VAL L 221 -5.19 -4.39 20.57
CA VAL L 221 -6.21 -3.41 20.20
C VAL L 221 -7.62 -3.87 20.49
N GLY L 222 -7.82 -5.11 20.90
CA GLY L 222 -9.15 -5.57 21.25
C GLY L 222 -9.91 -6.28 20.15
N TYR L 223 -9.33 -6.44 18.97
CA TYR L 223 -10.00 -7.11 17.87
C TYR L 223 -8.97 -7.73 16.94
N SER L 224 -9.33 -8.87 16.36
CA SER L 224 -8.50 -9.53 15.36
C SER L 224 -9.38 -9.95 14.20
N ILE L 225 -8.86 -9.81 12.98
CA ILE L 225 -9.67 -10.04 11.79
C ILE L 225 -9.61 -11.48 11.29
N GLY L 226 -8.57 -12.23 11.60
CA GLY L 226 -8.45 -13.61 11.18
C GLY L 226 -7.46 -13.77 10.04
N THR L 227 -7.31 -15.04 9.63
CA THR L 227 -6.31 -15.39 8.62
C THR L 227 -6.80 -15.19 7.19
N ILE L 228 -8.09 -15.43 6.93
CA ILE L 228 -8.62 -15.12 5.60
C ILE L 228 -9.01 -13.65 5.51
N GLY L 229 -9.40 -13.06 6.64
CA GLY L 229 -9.81 -11.67 6.64
C GLY L 229 -8.68 -10.72 6.33
N ILE L 230 -7.47 -11.03 6.80
CA ILE L 230 -6.35 -10.15 6.56
C ILE L 230 -5.97 -10.14 5.08
N HIS L 231 -6.09 -11.28 4.40
CA HIS L 231 -5.76 -11.32 2.98
C HIS L 231 -6.85 -10.64 2.15
N ARG L 232 -8.12 -10.86 2.51
CA ARG L 232 -9.19 -10.12 1.88
C ARG L 232 -8.99 -8.62 2.02
N LEU L 233 -8.67 -8.17 3.24
CA LEU L 233 -8.50 -6.75 3.49
C LEU L 233 -7.31 -6.19 2.75
N GLY L 234 -6.23 -6.98 2.64
CA GLY L 234 -5.07 -6.51 1.89
C GLY L 234 -5.40 -6.27 0.44
N LEU L 235 -6.04 -7.24 -0.20
CA LEU L 235 -6.46 -7.05 -1.58
C LEU L 235 -7.38 -5.84 -1.71
N PHE L 236 -8.35 -5.72 -0.79
CA PHE L 236 -9.32 -4.62 -0.86
C PHE L 236 -8.62 -3.27 -0.78
N LEU L 237 -7.72 -3.10 0.17
CA LEU L 237 -7.04 -1.82 0.35
C LEU L 237 -6.16 -1.50 -0.85
N ALA L 238 -5.36 -2.47 -1.31
CA ALA L 238 -4.46 -2.22 -2.42
C ALA L 238 -5.22 -1.88 -3.69
N LEU L 239 -6.40 -2.46 -3.89
CA LEU L 239 -7.17 -2.13 -5.09
C LEU L 239 -7.91 -0.82 -4.95
N SER L 240 -8.39 -0.49 -3.73
CA SER L 240 -9.11 0.76 -3.53
C SER L 240 -8.19 1.96 -3.70
N ALA L 241 -6.93 1.82 -3.27
CA ALA L 241 -5.97 2.91 -3.46
C ALA L 241 -5.83 3.27 -4.93
N VAL L 242 -5.68 2.26 -5.79
CA VAL L 242 -5.47 2.52 -7.21
C VAL L 242 -6.75 3.00 -7.87
N PHE L 243 -7.90 2.45 -7.48
CA PHE L 243 -9.17 2.93 -8.01
C PHE L 243 -9.36 4.40 -7.71
N PHE L 244 -9.11 4.81 -6.48
CA PHE L 244 -9.32 6.21 -6.12
C PHE L 244 -8.25 7.12 -6.69
N SER L 245 -7.04 6.63 -6.95
CA SER L 245 -6.07 7.46 -7.65
C SER L 245 -6.47 7.69 -9.10
N ALA L 246 -6.99 6.65 -9.76
CA ALA L 246 -7.51 6.83 -11.12
C ALA L 246 -8.66 7.82 -11.13
N VAL L 247 -9.57 7.72 -10.17
CA VAL L 247 -10.66 8.70 -10.07
C VAL L 247 -10.10 10.10 -9.83
N CYS L 248 -9.12 10.21 -8.92
CA CYS L 248 -8.47 11.48 -8.64
C CYS L 248 -7.94 12.15 -9.91
N MET L 249 -7.32 11.37 -10.79
CA MET L 249 -6.78 11.96 -12.00
C MET L 249 -7.85 12.20 -13.06
N ILE L 250 -8.96 11.46 -13.02
CA ILE L 250 -10.00 11.66 -14.03
C ILE L 250 -10.71 12.99 -13.80
N ILE L 251 -10.95 13.36 -12.54
CA ILE L 251 -11.70 14.58 -12.26
C ILE L 251 -10.84 15.83 -12.31
N SER L 252 -9.52 15.71 -12.40
CA SER L 252 -8.62 16.85 -12.43
C SER L 252 -8.30 17.16 -13.88
N GLY L 253 -8.77 18.31 -14.37
CA GLY L 253 -8.71 18.64 -15.76
C GLY L 253 -10.01 18.43 -16.53
N PRO L 254 -10.47 17.19 -16.67
CA PRO L 254 -11.76 16.97 -17.34
C PRO L 254 -12.95 17.55 -16.59
N VAL L 255 -12.90 17.62 -15.27
CA VAL L 255 -14.01 18.14 -14.46
C VAL L 255 -13.68 19.51 -13.88
N LEU L 256 -12.65 19.59 -13.05
CA LEU L 256 -12.16 20.89 -12.59
C LEU L 256 -11.21 21.46 -13.62
N ALA L 257 -11.41 22.72 -13.97
CA ALA L 257 -10.63 23.33 -15.04
C ALA L 257 -9.15 23.35 -14.71
N GLU L 258 -8.32 23.54 -15.74
CA GLU L 258 -6.88 23.45 -15.58
C GLU L 258 -6.30 24.67 -14.87
N GLY L 259 -7.05 25.75 -14.70
CA GLY L 259 -6.59 26.88 -13.92
C GLY L 259 -7.27 27.02 -12.57
N GLY L 260 -8.06 26.04 -12.14
CA GLY L 260 -8.78 26.13 -10.90
C GLY L 260 -7.95 25.75 -9.70
N SER L 261 -8.59 25.77 -8.54
CA SER L 261 -7.93 25.46 -7.28
C SER L 261 -8.78 24.49 -6.49
N TRP L 262 -8.16 23.44 -5.98
CA TRP L 262 -8.83 22.48 -5.11
C TRP L 262 -9.10 23.03 -3.72
N PRO L 263 -8.23 23.87 -3.14
CA PRO L 263 -8.56 24.47 -1.83
C PRO L 263 -9.89 25.21 -1.81
N ASP L 264 -10.32 25.80 -2.92
CA ASP L 264 -11.55 26.58 -2.94
C ASP L 264 -12.79 25.73 -3.11
N TRP L 265 -12.66 24.48 -3.54
CA TRP L 265 -13.81 23.58 -3.58
C TRP L 265 -14.38 23.38 -2.19
N TRP L 266 -13.50 23.17 -1.21
CA TRP L 266 -13.92 22.87 0.16
C TRP L 266 -14.73 23.97 0.78
N ASN L 267 -14.74 25.17 0.18
CA ASN L 267 -15.58 26.24 0.69
C ASN L 267 -17.06 25.88 0.67
N TRP L 268 -17.46 24.87 -0.10
CA TRP L 268 -18.84 24.42 -0.02
C TRP L 268 -19.23 24.06 1.40
N TRP L 269 -18.26 23.65 2.22
CA TRP L 269 -18.51 23.32 3.61
C TRP L 269 -18.60 24.58 4.47
N ARG L 270 -17.79 25.59 4.14
CA ARG L 270 -17.75 26.81 4.92
C ARG L 270 -18.94 27.72 4.66
N ASN L 271 -19.69 27.47 3.58
CA ASN L 271 -20.81 28.32 3.22
C ASN L 271 -22.15 27.67 3.50
N LEU L 272 -22.18 26.59 4.28
CA LEU L 272 -23.43 25.99 4.68
C LEU L 272 -24.24 27.00 5.51
N PRO L 273 -25.55 27.08 5.31
CA PRO L 273 -26.35 28.09 6.03
C PRO L 273 -26.38 27.91 7.54
N ILE L 274 -25.90 26.78 8.06
CA ILE L 274 -25.83 26.60 9.51
C ILE L 274 -24.93 27.65 10.14
N TRP L 275 -23.87 28.05 9.44
CA TRP L 275 -22.90 28.98 9.98
C TRP L 275 -22.42 30.04 9.01
N ASN L 276 -22.95 30.10 7.79
CA ASN L 276 -22.31 30.92 6.76
C ASN L 276 -22.41 32.41 7.06
N PRO L 277 -23.59 33.01 7.32
CA PRO L 277 -23.58 34.45 7.56
C PRO L 277 -22.81 34.83 8.82
N ALA M 2 -15.37 -22.93 -7.74
CA ALA M 2 -14.80 -22.38 -8.96
C ALA M 2 -15.51 -21.08 -9.34
N GLN M 3 -16.79 -20.98 -9.00
CA GLN M 3 -17.56 -19.76 -9.21
C GLN M 3 -17.70 -18.92 -7.96
N TYR M 4 -17.46 -19.51 -6.78
CA TYR M 4 -17.52 -18.77 -5.53
C TYR M 4 -16.17 -18.09 -5.28
N GLN M 5 -16.13 -16.78 -5.45
CA GLN M 5 -14.98 -16.02 -4.98
C GLN M 5 -15.06 -15.92 -3.46
N ASN M 6 -13.90 -15.94 -2.81
CA ASN M 6 -13.83 -16.05 -1.36
C ASN M 6 -13.89 -14.70 -0.66
N ILE M 7 -14.56 -13.72 -1.27
CA ILE M 7 -14.56 -12.37 -0.72
C ILE M 7 -15.41 -12.30 0.54
N PHE M 8 -16.58 -12.92 0.54
CA PHE M 8 -17.51 -12.85 1.65
C PHE M 8 -17.84 -14.24 2.16
N THR M 9 -18.01 -14.35 3.47
CA THR M 9 -18.39 -15.62 4.09
C THR M 9 -19.83 -15.97 3.73
N GLN M 10 -20.06 -17.21 3.32
CA GLN M 10 -21.40 -17.64 2.95
C GLN M 10 -22.25 -17.91 4.18
N VAL M 11 -21.83 -18.86 5.03
CA VAL M 11 -22.54 -19.20 6.25
C VAL M 11 -21.58 -19.01 7.42
N GLN M 12 -22.06 -18.33 8.46
CA GLN M 12 -21.25 -18.03 9.63
C GLN M 12 -21.55 -19.01 10.74
N VAL M 13 -20.50 -19.48 11.40
CA VAL M 13 -20.61 -20.38 12.55
C VAL M 13 -20.43 -19.56 13.80
N GLU M 14 -21.23 -19.85 14.82
CA GLU M 14 -21.20 -19.11 16.08
C GLU M 14 -21.10 -20.07 17.24
N GLY M 15 -20.16 -19.82 18.13
CA GLY M 15 -19.99 -20.60 19.33
C GLY M 15 -19.84 -19.72 20.55
N PRO M 16 -19.23 -20.23 21.60
CA PRO M 16 -18.91 -19.40 22.76
C PRO M 16 -17.72 -18.50 22.48
N ALA M 17 -17.63 -17.43 23.26
CA ALA M 17 -16.50 -16.53 23.11
C ALA M 17 -15.23 -17.21 23.58
N TYR M 18 -14.11 -16.78 23.01
CA TYR M 18 -12.81 -17.32 23.36
C TYR M 18 -12.11 -16.37 24.31
N ALA M 19 -11.72 -16.87 25.49
CA ALA M 19 -11.04 -16.03 26.46
C ALA M 19 -9.65 -15.65 25.99
N GLY M 20 -8.92 -16.60 25.42
CA GLY M 20 -7.58 -16.35 24.94
C GLY M 20 -6.57 -17.31 25.52
N VAL M 21 -5.40 -17.39 24.88
CA VAL M 21 -4.33 -18.25 25.41
C VAL M 21 -3.92 -17.76 26.78
N PRO M 22 -3.75 -18.64 27.77
CA PRO M 22 -3.32 -18.18 29.10
C PRO M 22 -1.97 -17.47 29.03
N LEU M 23 -1.88 -16.36 29.77
CA LEU M 23 -0.71 -15.51 29.69
C LEU M 23 0.43 -16.06 30.54
N ARG M 24 1.65 -15.84 30.05
CA ARG M 24 2.84 -16.16 30.81
C ARG M 24 2.83 -15.39 32.14
N PRO M 25 3.28 -16.00 33.24
CA PRO M 25 3.17 -15.33 34.54
C PRO M 25 3.93 -14.02 34.58
N GLY M 26 3.27 -12.99 35.09
CA GLY M 26 3.84 -11.66 35.16
C GLY M 26 2.96 -10.61 34.54
N SER M 27 1.71 -10.96 34.26
CA SER M 27 0.77 -10.08 33.59
C SER M 27 -0.54 -10.01 34.37
N SER M 28 -1.26 -8.92 34.17
CA SER M 28 -2.57 -8.74 34.78
C SER M 28 -3.59 -9.65 34.09
N PRO M 29 -4.77 -9.81 34.67
CA PRO M 29 -5.83 -10.52 33.96
C PRO M 29 -6.53 -9.63 32.94
N ARG M 30 -7.07 -10.26 31.91
CA ARG M 30 -7.73 -9.53 30.83
C ARG M 30 -9.09 -9.03 31.33
N GLU M 31 -9.85 -8.43 30.41
CA GLU M 31 -11.24 -8.10 30.66
C GLU M 31 -12.12 -9.29 30.28
N THR M 32 -13.41 -9.16 30.58
CA THR M 32 -14.36 -10.22 30.29
C THR M 32 -15.46 -9.82 29.32
N GLN M 33 -15.67 -8.52 29.10
CA GLN M 33 -16.69 -8.09 28.16
C GLN M 33 -16.32 -8.52 26.74
N THR M 34 -17.24 -9.20 26.07
CA THR M 34 -17.01 -9.69 24.72
C THR M 34 -18.34 -9.74 23.98
N THR M 35 -18.33 -9.32 22.73
CA THR M 35 -19.55 -9.31 21.91
C THR M 35 -19.22 -9.84 20.53
N PHE M 36 -20.27 -10.00 19.72
CA PHE M 36 -20.14 -10.48 18.36
C PHE M 36 -20.84 -9.51 17.41
N ASN M 37 -20.27 -9.36 16.21
CA ASN M 37 -20.81 -8.44 15.21
C ASN M 37 -21.03 -9.22 13.92
N TYR M 38 -22.23 -9.09 13.36
CA TYR M 38 -22.59 -9.87 12.19
C TYR M 38 -21.87 -9.38 10.93
N TRP M 39 -21.64 -8.07 10.83
CA TRP M 39 -21.02 -7.52 9.64
C TRP M 39 -19.51 -7.79 9.62
N LEU M 40 -18.86 -7.70 10.78
CA LEU M 40 -17.44 -8.02 10.85
C LEU M 40 -17.18 -9.47 10.49
N GLY M 41 -18.15 -10.35 10.75
CA GLY M 41 -18.02 -11.74 10.39
C GLY M 41 -18.22 -12.05 8.92
N LYS M 42 -18.76 -11.10 8.16
CA LYS M 42 -18.92 -11.30 6.72
C LYS M 42 -17.58 -11.28 6.01
N ILE M 43 -16.65 -10.46 6.48
CA ILE M 43 -15.33 -10.33 5.87
C ILE M 43 -14.26 -11.02 6.71
N GLY M 44 -14.38 -10.99 8.02
CA GLY M 44 -13.39 -11.60 8.88
C GLY M 44 -13.97 -12.34 10.07
N ASP M 45 -13.49 -12.01 11.25
CA ASP M 45 -13.94 -12.63 12.49
C ASP M 45 -14.99 -11.75 13.16
N ALA M 46 -15.93 -12.40 13.84
CA ALA M 46 -17.06 -11.70 14.43
C ALA M 46 -16.87 -11.32 15.89
N GLN M 47 -16.02 -12.04 16.62
CA GLN M 47 -15.81 -11.75 18.03
C GLN M 47 -15.09 -10.41 18.20
N VAL M 48 -15.60 -9.59 19.10
CA VAL M 48 -14.97 -8.32 19.47
C VAL M 48 -14.63 -8.38 20.95
N GLY M 49 -13.35 -8.19 21.27
CA GLY M 49 -12.88 -8.34 22.63
C GLY M 49 -12.50 -9.78 22.92
N PRO M 50 -11.97 -10.04 24.12
CA PRO M 50 -11.75 -9.03 25.17
C PRO M 50 -10.45 -8.28 24.97
N VAL M 51 -10.26 -7.20 25.73
CA VAL M 51 -9.07 -6.37 25.63
C VAL M 51 -8.25 -6.55 26.89
N TYR M 52 -6.96 -6.30 26.77
CA TYR M 52 -6.04 -6.31 27.90
C TYR M 52 -5.55 -4.88 28.11
N LEU M 53 -5.80 -4.35 29.30
CA LEU M 53 -5.26 -3.06 29.71
C LEU M 53 -4.47 -3.25 31.00
N GLY M 54 -3.26 -2.73 31.03
CA GLY M 54 -2.44 -2.82 32.21
C GLY M 54 -1.89 -1.47 32.60
N PHE M 55 -0.58 -1.40 32.81
CA PHE M 55 0.04 -0.13 33.16
C PHE M 55 0.44 0.65 31.92
N THR M 56 1.09 -0.01 30.97
CA THR M 56 1.61 0.70 29.79
C THR M 56 0.47 1.22 28.92
N GLY M 57 -0.58 0.43 28.72
CA GLY M 57 -1.68 0.90 27.90
C GLY M 57 -2.43 2.06 28.52
N VAL M 58 -2.68 1.98 29.83
CA VAL M 58 -3.39 3.07 30.50
C VAL M 58 -2.56 4.34 30.49
N CYS M 59 -1.26 4.22 30.74
CA CYS M 59 -0.41 5.42 30.72
C CYS M 59 -0.30 5.99 29.32
N SER M 60 -0.21 5.13 28.31
CA SER M 60 -0.19 5.60 26.92
C SER M 60 -1.44 6.38 26.60
N LEU M 61 -2.60 5.83 26.95
CA LEU M 61 -3.85 6.52 26.66
C LEU M 61 -3.95 7.85 27.42
N LEU M 62 -3.50 7.86 28.67
CA LEU M 62 -3.57 9.09 29.45
C LEU M 62 -2.70 10.19 28.84
N CYS M 63 -1.45 9.85 28.49
CA CYS M 63 -0.58 10.86 27.88
C CYS M 63 -1.10 11.32 26.53
N GLY M 64 -1.58 10.38 25.70
CA GLY M 64 -2.13 10.75 24.42
C GLY M 64 -3.33 11.66 24.54
N PHE M 65 -4.16 11.43 25.56
CA PHE M 65 -5.32 12.30 25.76
C PHE M 65 -4.93 13.64 26.35
N VAL M 66 -3.86 13.70 27.15
CA VAL M 66 -3.34 14.99 27.58
C VAL M 66 -2.95 15.81 26.35
N ALA M 67 -2.23 15.19 25.41
CA ALA M 67 -1.78 15.91 24.22
C ALA M 67 -2.97 16.33 23.36
N ILE M 68 -3.92 15.41 23.15
CA ILE M 68 -5.09 15.73 22.34
C ILE M 68 -5.89 16.86 22.97
N GLU M 69 -5.99 16.87 24.30
CA GLU M 69 -6.72 17.93 24.99
C GLU M 69 -6.02 19.27 24.85
N ILE M 70 -4.69 19.29 24.96
CA ILE M 70 -3.95 20.54 24.74
C ILE M 70 -4.25 21.07 23.34
N ILE M 71 -4.14 20.21 22.33
CA ILE M 71 -4.35 20.63 20.95
C ILE M 71 -5.77 21.18 20.78
N GLY M 72 -6.77 20.46 21.30
CA GLY M 72 -8.14 20.88 21.11
C GLY M 72 -8.49 22.17 21.85
N LEU M 73 -7.94 22.35 23.05
CA LEU M 73 -8.21 23.58 23.78
C LEU M 73 -7.55 24.77 23.11
N ASN M 74 -6.38 24.58 22.50
CA ASN M 74 -5.79 25.67 21.74
C ASN M 74 -6.59 25.97 20.49
N MET M 75 -7.14 24.93 19.84
CA MET M 75 -7.98 25.15 18.67
C MET M 75 -9.28 25.89 19.04
N LEU M 76 -9.82 25.62 20.23
CA LEU M 76 -11.00 26.36 20.67
C LEU M 76 -10.65 27.79 21.06
N ALA M 77 -9.47 28.01 21.65
CA ALA M 77 -9.10 29.36 22.03
C ALA M 77 -8.77 30.22 20.82
N SER M 78 -8.27 29.62 19.74
CA SER M 78 -7.97 30.39 18.54
C SER M 78 -9.22 30.84 17.80
N VAL M 79 -10.41 30.41 18.23
CA VAL M 79 -11.64 30.70 17.52
C VAL M 79 -12.60 31.39 18.47
N ASP M 80 -12.07 31.88 19.60
CA ASP M 80 -12.82 32.59 20.63
C ASP M 80 -13.88 31.72 21.29
N TRP M 81 -13.60 30.43 21.42
CA TRP M 81 -14.42 29.47 22.15
C TRP M 81 -15.78 29.24 21.53
N SER M 82 -16.04 29.78 20.35
CA SER M 82 -17.32 29.56 19.70
C SER M 82 -17.38 28.14 19.15
N PRO M 83 -18.35 27.31 19.57
CA PRO M 83 -18.46 25.98 18.98
C PRO M 83 -18.97 26.01 17.55
N ILE M 84 -19.78 27.01 17.20
CA ILE M 84 -20.27 27.11 15.83
C ILE M 84 -19.13 27.39 14.87
N GLU M 85 -18.30 28.38 15.19
CA GLU M 85 -17.15 28.68 14.36
C GLU M 85 -16.08 27.61 14.46
N PHE M 86 -16.06 26.83 15.54
CA PHE M 86 -15.16 25.69 15.62
C PHE M 86 -15.56 24.61 14.64
N LEU M 87 -16.85 24.25 14.61
CA LEU M 87 -17.31 23.24 13.68
C LEU M 87 -17.26 23.74 12.23
N ARG M 88 -17.49 25.04 12.02
CA ARG M 88 -17.45 25.59 10.66
C ARG M 88 -16.12 25.32 10.00
N GLN M 89 -15.02 25.61 10.70
CA GLN M 89 -13.69 25.44 10.15
C GLN M 89 -12.85 24.65 11.14
N PHE M 90 -13.00 23.34 11.10
CA PHE M 90 -12.22 22.49 11.99
C PHE M 90 -10.96 21.97 11.32
N CYS M 91 -11.01 21.70 10.02
CA CYS M 91 -9.84 21.23 9.30
C CYS M 91 -8.86 22.33 8.95
N TRP M 92 -9.21 23.59 9.17
CA TRP M 92 -8.32 24.71 8.93
C TRP M 92 -7.63 25.20 10.18
N LEU M 93 -7.93 24.64 11.34
CA LEU M 93 -7.33 25.05 12.59
C LEU M 93 -6.11 24.19 12.91
N ALA M 94 -5.22 24.74 13.73
CA ALA M 94 -4.01 24.04 14.10
C ALA M 94 -3.41 24.64 15.36
N LEU M 95 -2.41 23.96 15.89
CA LEU M 95 -1.55 24.44 16.96
C LEU M 95 -0.17 24.61 16.35
N GLU M 96 0.21 25.86 16.08
CA GLU M 96 1.40 26.12 15.28
C GLU M 96 2.67 25.80 16.06
N PRO M 97 3.74 25.43 15.37
CA PRO M 97 5.04 25.24 16.03
C PRO M 97 5.57 26.56 16.54
N PRO M 98 6.61 26.54 17.37
CA PRO M 98 7.15 27.79 17.91
C PRO M 98 7.66 28.71 16.82
N LYS M 99 7.89 29.95 17.21
CA LYS M 99 8.39 30.97 16.29
C LYS M 99 9.90 30.84 16.13
N PRO M 100 10.43 31.20 14.95
CA PRO M 100 11.85 30.94 14.68
C PRO M 100 12.81 31.72 15.55
N GLU M 101 12.34 32.70 16.32
CA GLU M 101 13.22 33.59 17.08
C GLU M 101 13.55 33.05 18.47
N TYR M 102 13.16 31.81 18.78
CA TYR M 102 13.38 31.25 20.10
C TYR M 102 14.35 30.08 20.10
N GLY M 103 14.80 29.63 18.94
CA GLY M 103 15.78 28.57 18.90
C GLY M 103 15.21 27.28 19.45
N LEU M 104 15.95 26.65 20.37
CA LEU M 104 15.52 25.40 21.00
C LEU M 104 15.16 25.59 22.46
N THR M 105 14.88 26.82 22.88
CA THR M 105 14.49 27.11 24.25
C THR M 105 13.03 26.74 24.45
N ILE M 106 12.48 27.08 25.61
CA ILE M 106 11.05 26.89 25.89
C ILE M 106 10.36 28.23 25.66
N PRO M 107 9.52 28.35 24.64
CA PRO M 107 8.95 29.65 24.28
C PRO M 107 7.75 29.98 25.17
N PRO M 108 7.20 31.18 25.04
CA PRO M 108 5.94 31.49 25.73
C PRO M 108 4.83 30.55 25.28
N LEU M 109 3.79 30.48 26.11
CA LEU M 109 2.71 29.52 25.86
C LEU M 109 2.00 29.81 24.53
N LYS M 110 1.74 31.07 24.25
CA LYS M 110 1.03 31.45 23.04
C LYS M 110 1.95 31.59 21.84
N GLU M 111 3.21 31.21 21.97
CA GLU M 111 4.16 31.29 20.87
C GLU M 111 4.98 30.02 20.69
N GLY M 112 4.55 28.91 21.29
CA GLY M 112 5.23 27.65 21.06
C GLY M 112 5.32 26.74 22.27
N GLY M 113 4.95 27.24 23.45
CA GLY M 113 5.01 26.41 24.63
C GLY M 113 4.00 25.29 24.64
N TRP M 114 2.75 25.60 24.27
CA TRP M 114 1.73 24.57 24.21
C TRP M 114 2.08 23.52 23.15
N TRP M 115 2.63 23.95 22.01
CA TRP M 115 3.06 23.01 20.99
C TRP M 115 4.13 22.08 21.54
N LEU M 116 5.09 22.62 22.29
CA LEU M 116 6.17 21.79 22.81
C LEU M 116 5.65 20.79 23.85
N MET M 117 4.73 21.24 24.72
CA MET M 117 4.18 20.33 25.71
C MET M 117 3.36 19.22 25.05
N ALA M 118 2.58 19.56 24.03
CA ALA M 118 1.80 18.55 23.32
C ALA M 118 2.71 17.55 22.61
N GLY M 119 3.78 18.04 21.99
CA GLY M 119 4.74 17.13 21.37
C GLY M 119 5.39 16.20 22.37
N PHE M 120 5.77 16.72 23.54
CA PHE M 120 6.40 15.90 24.56
C PHE M 120 5.46 14.80 25.03
N PHE M 121 4.19 15.14 25.31
CA PHE M 121 3.29 14.13 25.82
C PHE M 121 2.89 13.13 24.74
N LEU M 122 2.77 13.57 23.49
CA LEU M 122 2.50 12.63 22.40
C LEU M 122 3.68 11.66 22.21
N THR M 123 4.91 12.16 22.34
CA THR M 123 6.06 11.29 22.20
C THR M 123 6.12 10.25 23.31
N VAL M 124 5.84 10.66 24.54
CA VAL M 124 5.80 9.70 25.64
C VAL M 124 4.70 8.66 25.41
N SER M 125 3.55 9.10 24.91
CA SER M 125 2.46 8.18 24.60
C SER M 125 2.89 7.14 23.56
N ILE M 126 3.53 7.59 22.49
CA ILE M 126 3.93 6.68 21.42
C ILE M 126 4.99 5.69 21.91
N ALA M 127 5.92 6.16 22.74
CA ALA M 127 6.94 5.25 23.28
C ALA M 127 6.30 4.22 24.21
N LEU M 128 5.32 4.64 25.01
CA LEU M 128 4.64 3.68 25.87
C LEU M 128 3.85 2.66 25.06
N TRP M 129 3.28 3.06 23.93
CA TRP M 129 2.58 2.08 23.10
C TRP M 129 3.56 1.11 22.46
N TRP M 130 4.74 1.57 22.07
CA TRP M 130 5.77 0.66 21.59
C TRP M 130 6.13 -0.37 22.65
N VAL M 131 6.36 0.10 23.88
CA VAL M 131 6.65 -0.81 24.98
C VAL M 131 5.50 -1.80 25.18
N ARG M 132 4.26 -1.33 24.99
CA ARG M 132 3.11 -2.22 25.14
C ARG M 132 3.09 -3.31 24.08
N THR M 133 3.42 -2.96 22.83
CA THR M 133 3.47 -3.96 21.78
C THR M 133 4.53 -5.01 22.08
N TYR M 134 5.74 -4.55 22.45
CA TYR M 134 6.80 -5.48 22.82
C TYR M 134 6.38 -6.40 23.96
N ARG M 135 5.75 -5.82 25.00
CA ARG M 135 5.39 -6.57 26.19
C ARG M 135 4.30 -7.60 25.88
N ARG M 136 3.28 -7.20 25.13
CA ARG M 136 2.21 -8.14 24.79
C ARG M 136 2.72 -9.25 23.89
N SER M 137 3.67 -8.96 23.00
CA SER M 137 4.23 -10.03 22.19
C SER M 137 5.06 -10.99 23.04
N ARG M 138 5.84 -10.46 23.98
CA ARG M 138 6.68 -11.33 24.80
C ARG M 138 5.86 -12.17 25.78
N ALA M 139 4.72 -11.66 26.24
CA ALA M 139 3.93 -12.38 27.23
C ALA M 139 3.29 -13.65 26.68
N LEU M 140 3.41 -13.92 25.39
CA LEU M 140 2.85 -15.13 24.79
C LEU M 140 3.92 -16.05 24.22
N GLY M 141 5.19 -15.72 24.41
CA GLY M 141 6.27 -16.52 23.90
C GLY M 141 6.60 -16.31 22.43
N MET M 142 6.02 -15.31 21.80
CA MET M 142 6.23 -15.05 20.39
C MET M 142 7.41 -14.10 20.18
N GLY M 143 7.80 -13.94 18.92
CA GLY M 143 8.85 -13.01 18.56
C GLY M 143 8.39 -11.57 18.63
N THR M 144 9.31 -10.66 18.29
CA THR M 144 9.08 -9.23 18.45
C THR M 144 9.18 -8.49 17.12
N HIS M 145 8.79 -9.12 16.02
CA HIS M 145 8.92 -8.49 14.70
C HIS M 145 7.97 -7.31 14.54
N VAL M 146 6.80 -7.36 15.18
CA VAL M 146 5.82 -6.30 15.03
C VAL M 146 6.33 -5.01 15.67
N SER M 147 6.92 -5.10 16.86
CA SER M 147 7.41 -3.91 17.53
C SER M 147 8.61 -3.31 16.80
N TRP M 148 9.45 -4.14 16.19
CA TRP M 148 10.56 -3.61 15.43
C TRP M 148 10.14 -3.06 14.08
N ALA M 149 8.98 -3.46 13.57
CA ALA M 149 8.41 -2.77 12.41
C ALA M 149 7.79 -1.44 12.82
N PHE M 150 7.16 -1.40 14.00
CA PHE M 150 6.61 -0.15 14.52
C PHE M 150 7.70 0.87 14.81
N ALA M 151 8.88 0.39 15.22
CA ALA M 151 9.98 1.30 15.54
C ALA M 151 10.40 2.13 14.34
N SER M 152 10.19 1.63 13.12
CA SER M 152 10.58 2.41 11.94
C SER M 152 9.65 3.59 11.72
N ALA M 153 8.35 3.37 11.88
CA ALA M 153 7.40 4.48 11.81
C ALA M 153 7.68 5.48 12.93
N ILE M 154 8.00 4.98 14.12
CA ILE M 154 8.36 5.88 15.22
C ILE M 154 9.60 6.69 14.87
N LEU M 155 10.55 6.07 14.17
CA LEU M 155 11.77 6.77 13.80
C LEU M 155 11.50 7.87 12.79
N LEU M 156 10.63 7.60 11.81
CA LEU M 156 10.26 8.66 10.87
C LEU M 156 9.54 9.80 11.59
N TYR M 157 8.67 9.46 12.54
CA TYR M 157 7.97 10.49 13.31
C TYR M 157 8.95 11.35 14.10
N LEU M 158 9.94 10.72 14.73
CA LEU M 158 10.93 11.46 15.52
C LEU M 158 11.81 12.32 14.62
N ALA M 159 12.19 11.81 13.45
CA ALA M 159 12.97 12.61 12.52
C ALA M 159 12.19 13.83 12.06
N LEU M 160 10.91 13.65 11.74
CA LEU M 160 10.09 14.78 11.31
C LEU M 160 9.96 15.81 12.42
N GLY M 161 9.70 15.37 13.63
CA GLY M 161 9.39 16.31 14.69
C GLY M 161 10.52 16.73 15.60
N PHE M 162 11.50 15.86 15.83
CA PHE M 162 12.51 16.11 16.85
C PHE M 162 13.93 16.22 16.28
N ILE M 163 14.37 15.23 15.51
CA ILE M 163 15.79 15.12 15.18
C ILE M 163 16.21 16.22 14.21
N GLN M 164 15.43 16.43 13.15
CA GLN M 164 15.76 17.43 12.16
C GLN M 164 15.67 18.84 12.73
N PRO M 165 14.66 19.16 13.57
CA PRO M 165 14.72 20.45 14.27
C PRO M 165 15.93 20.63 15.15
N LEU M 166 16.35 19.58 15.87
CA LEU M 166 17.58 19.64 16.64
C LEU M 166 18.77 19.99 15.75
N LEU M 167 19.00 19.20 14.71
CA LEU M 167 20.15 19.43 13.84
C LEU M 167 20.06 20.76 13.11
N MET M 168 18.86 21.32 12.96
CA MET M 168 18.71 22.65 12.39
C MET M 168 18.74 23.75 13.44
N GLY M 169 18.61 23.41 14.72
CA GLY M 169 18.71 24.38 15.78
C GLY M 169 17.50 25.27 15.96
N SER M 170 16.31 24.76 15.71
CA SER M 170 15.09 25.57 15.86
C SER M 170 13.89 24.64 15.92
N TRP M 171 12.96 24.96 16.83
CA TRP M 171 11.71 24.20 16.90
C TRP M 171 10.75 24.55 15.77
N SER M 172 10.96 25.67 15.08
CA SER M 172 10.04 26.12 14.05
C SER M 172 10.04 25.24 12.81
N GLU M 173 11.00 24.33 12.68
CA GLU M 173 11.11 23.46 11.51
C GLU M 173 10.17 22.28 11.56
N ALA M 174 9.28 22.21 12.53
CA ALA M 174 8.44 21.06 12.78
C ALA M 174 7.04 21.29 12.25
N PRO M 175 6.26 20.23 12.05
CA PRO M 175 4.92 20.39 11.48
C PRO M 175 3.91 20.83 12.53
N PRO M 176 2.82 21.47 12.12
CA PRO M 176 1.78 21.84 13.07
C PRO M 176 0.84 20.68 13.35
N PHE M 177 -0.02 20.87 14.35
CA PHE M 177 -1.03 19.90 14.72
C PHE M 177 -2.35 20.32 14.09
N GLY M 178 -2.60 19.85 12.88
CA GLY M 178 -3.80 20.22 12.16
C GLY M 178 -3.92 19.43 10.88
N VAL M 179 -5.15 19.34 10.40
CA VAL M 179 -5.44 18.48 9.25
C VAL M 179 -4.92 19.09 7.97
N PHE M 180 -5.46 20.23 7.57
CA PHE M 180 -4.99 20.95 6.38
C PHE M 180 -3.69 21.70 6.63
N PRO M 181 -3.47 22.30 7.82
CA PRO M 181 -2.18 22.95 8.06
C PRO M 181 -0.98 22.04 7.92
N HIS M 182 -1.08 20.77 8.29
CA HIS M 182 0.09 19.91 8.14
C HIS M 182 0.32 19.49 6.70
N LEU M 183 -0.73 19.43 5.88
CA LEU M 183 -0.54 19.27 4.44
C LEU M 183 0.15 20.50 3.85
N ASP M 184 -0.27 21.68 4.29
CA ASP M 184 0.41 22.90 3.85
C ASP M 184 1.87 22.91 4.28
N TRP M 185 2.16 22.40 5.47
CA TRP M 185 3.54 22.29 5.92
C TRP M 185 4.33 21.34 5.04
N THR M 186 3.72 20.22 4.64
CA THR M 186 4.39 19.29 3.72
C THR M 186 4.75 19.99 2.41
N ASN M 187 3.78 20.69 1.83
CA ASN M 187 4.02 21.42 0.59
C ASN M 187 5.15 22.44 0.76
N ASN M 188 5.11 23.22 1.84
CA ASN M 188 6.10 24.26 2.04
C ASN M 188 7.48 23.69 2.35
N PHE M 189 7.53 22.53 3.01
CA PHE M 189 8.80 21.86 3.24
C PHE M 189 9.42 21.43 1.91
N SER M 190 8.62 20.84 1.04
CA SER M 190 9.16 20.47 -0.27
C SER M 190 9.63 21.69 -1.03
N ILE M 191 8.87 22.80 -0.98
CA ILE M 191 9.24 23.98 -1.74
C ILE M 191 10.49 24.64 -1.16
N LYS M 192 10.67 24.58 0.16
CA LYS M 192 11.71 25.36 0.82
C LYS M 192 13.11 24.80 0.59
N TYR M 193 13.24 23.49 0.38
CA TYR M 193 14.56 22.87 0.33
C TYR M 193 14.85 22.33 -1.06
N GLY M 194 14.54 23.11 -2.09
CA GLY M 194 14.71 22.66 -3.45
C GLY M 194 13.47 21.96 -3.95
N ASN M 195 13.64 20.84 -4.64
CA ASN M 195 12.54 19.99 -5.04
C ASN M 195 12.76 18.62 -4.42
N LEU M 196 11.85 18.19 -3.57
CA LEU M 196 12.03 16.93 -2.86
C LEU M 196 11.98 15.71 -3.77
N TYR M 197 11.57 15.88 -5.03
CA TYR M 197 11.61 14.77 -5.97
C TYR M 197 13.04 14.33 -6.25
N TYR M 198 14.00 15.23 -6.10
CA TYR M 198 15.39 14.94 -6.43
C TYR M 198 16.20 14.48 -5.22
N ASN M 199 15.54 14.22 -4.09
CA ASN M 199 16.16 13.58 -2.94
C ASN M 199 16.13 12.08 -3.17
N PRO M 200 17.29 11.43 -3.33
CA PRO M 200 17.29 10.01 -3.70
C PRO M 200 16.65 9.11 -2.65
N PHE M 201 16.74 9.45 -1.37
CA PHE M 201 16.09 8.64 -0.35
C PHE M 201 14.59 8.81 -0.36
N HIS M 202 14.11 9.98 -0.78
CA HIS M 202 12.68 10.16 -1.05
C HIS M 202 12.22 9.24 -2.19
N CYS M 203 13.04 9.15 -3.24
CA CYS M 203 12.73 8.25 -4.35
C CYS M 203 12.70 6.80 -3.88
N LEU M 204 13.67 6.40 -3.06
CA LEU M 204 13.68 5.03 -2.55
C LEU M 204 12.47 4.75 -1.67
N SER M 205 12.09 5.71 -0.83
CA SER M 205 10.93 5.53 0.02
C SER M 205 9.65 5.38 -0.81
N ILE M 206 9.52 6.16 -1.89
CA ILE M 206 8.36 6.03 -2.75
C ILE M 206 8.37 4.67 -3.45
N ALA M 207 9.55 4.22 -3.89
CA ALA M 207 9.66 2.90 -4.51
C ALA M 207 9.22 1.81 -3.55
N PHE M 208 9.58 1.95 -2.26
CA PHE M 208 9.21 0.91 -1.31
C PHE M 208 7.74 0.97 -0.92
N LEU M 209 7.14 2.17 -0.92
CA LEU M 209 5.69 2.25 -0.72
C LEU M 209 4.93 1.60 -1.88
N TYR M 210 5.33 1.93 -3.12
CA TYR M 210 4.73 1.30 -4.29
C TYR M 210 4.91 -0.22 -4.26
N GLY M 211 6.12 -0.69 -3.91
CA GLY M 211 6.36 -2.11 -3.85
C GLY M 211 5.61 -2.78 -2.72
N SER M 212 5.37 -2.07 -1.63
CA SER M 212 4.53 -2.58 -0.55
C SER M 212 3.11 -2.82 -1.03
N ALA M 213 2.54 -1.84 -1.73
CA ALA M 213 1.20 -2.03 -2.27
C ALA M 213 1.16 -3.16 -3.29
N LEU M 214 2.13 -3.19 -4.20
CA LEU M 214 2.23 -4.25 -5.19
C LEU M 214 2.28 -5.62 -4.55
N LEU M 215 3.17 -5.80 -3.56
CA LEU M 215 3.36 -7.10 -2.95
C LEU M 215 2.17 -7.51 -2.11
N PHE M 216 1.50 -6.57 -1.45
CA PHE M 216 0.38 -6.96 -0.62
C PHE M 216 -0.83 -7.30 -1.46
N ALA M 217 -1.02 -6.61 -2.59
CA ALA M 217 -2.02 -7.04 -3.56
C ALA M 217 -1.72 -8.43 -4.09
N MET M 218 -0.46 -8.68 -4.49
CA MET M 218 -0.09 -9.98 -5.02
C MET M 218 -0.33 -11.09 -4.01
N HIS M 219 0.10 -10.87 -2.76
CA HIS M 219 -0.04 -11.90 -1.73
C HIS M 219 -1.50 -12.16 -1.40
N GLY M 220 -2.31 -11.10 -1.28
CA GLY M 220 -3.73 -11.30 -1.03
C GLY M 220 -4.40 -12.08 -2.14
N ALA M 221 -4.14 -11.69 -3.40
CA ALA M 221 -4.74 -12.39 -4.52
C ALA M 221 -4.30 -13.84 -4.59
N THR M 222 -3.02 -14.11 -4.33
CA THR M 222 -2.51 -15.48 -4.38
C THR M 222 -3.16 -16.33 -3.29
N ILE M 223 -3.23 -15.80 -2.06
CA ILE M 223 -3.80 -16.60 -0.98
C ILE M 223 -5.29 -16.82 -1.19
N LEU M 224 -6.00 -15.85 -1.76
CA LEU M 224 -7.42 -16.07 -2.05
C LEU M 224 -7.61 -17.05 -3.19
N ALA M 225 -6.67 -17.11 -4.15
CA ALA M 225 -6.82 -17.99 -5.29
C ALA M 225 -6.63 -19.46 -4.91
N VAL M 226 -5.75 -19.75 -3.96
CA VAL M 226 -5.48 -21.13 -3.55
C VAL M 226 -6.17 -21.49 -2.24
N SER M 227 -7.09 -20.65 -1.77
CA SER M 227 -7.77 -20.93 -0.51
C SER M 227 -8.72 -22.12 -0.61
N ARG M 228 -9.08 -22.53 -1.83
CA ARG M 228 -9.93 -23.71 -2.00
C ARG M 228 -9.20 -24.98 -1.62
N TYR M 229 -7.87 -24.98 -1.70
CA TYR M 229 -7.06 -26.13 -1.30
C TYR M 229 -6.53 -26.01 0.12
N GLY M 230 -6.98 -25.00 0.87
CA GLY M 230 -6.57 -24.83 2.25
C GLY M 230 -5.33 -23.98 2.40
N GLY M 231 -5.26 -22.89 1.66
CA GLY M 231 -4.06 -22.08 1.60
C GLY M 231 -3.94 -21.02 2.68
N GLU M 232 -5.06 -20.63 3.29
CA GLU M 232 -5.03 -19.56 4.27
C GLU M 232 -4.38 -19.97 5.58
N ARG M 233 -4.19 -21.27 5.82
CA ARG M 233 -3.50 -21.74 7.01
C ARG M 233 -2.00 -21.72 6.73
N GLU M 234 -1.43 -20.52 6.77
CA GLU M 234 -0.06 -20.33 6.33
C GLU M 234 0.95 -21.00 7.26
N ILE M 235 0.60 -21.18 8.53
CA ILE M 235 1.55 -21.76 9.49
C ILE M 235 1.63 -23.27 9.33
N GLU M 236 0.49 -23.94 9.19
CA GLU M 236 0.51 -25.38 9.01
C GLU M 236 1.02 -25.78 7.63
N GLN M 237 0.86 -24.90 6.64
CA GLN M 237 1.37 -25.19 5.30
C GLN M 237 2.88 -25.09 5.23
N MET M 238 3.54 -24.52 6.23
CA MET M 238 4.99 -24.45 6.25
C MET M 238 5.60 -25.63 6.98
N LEU M 239 4.98 -26.07 8.07
CA LEU M 239 5.46 -27.25 8.78
C LEU M 239 5.11 -28.53 8.06
N ASP M 240 4.09 -28.50 7.20
CA ASP M 240 3.70 -29.68 6.42
C ASP M 240 3.15 -29.17 5.10
N ARG M 241 4.00 -29.16 4.07
CA ARG M 241 3.65 -28.54 2.81
C ARG M 241 2.54 -29.33 2.12
N GLY M 242 1.43 -28.67 1.84
CA GLY M 242 0.36 -29.24 1.05
C GLY M 242 0.38 -28.75 -0.38
N THR M 243 -0.68 -29.10 -1.12
CA THR M 243 -0.73 -28.76 -2.53
C THR M 243 -1.07 -27.29 -2.76
N ALA M 244 -1.68 -26.61 -1.78
CA ALA M 244 -2.04 -25.21 -1.96
C ALA M 244 -0.80 -24.34 -2.13
N LEU M 245 0.19 -24.50 -1.24
CA LEU M 245 1.41 -23.71 -1.35
C LEU M 245 2.26 -24.16 -2.53
N GLU M 246 2.17 -25.42 -2.92
CA GLU M 246 2.87 -25.86 -4.12
C GLU M 246 2.32 -25.15 -5.35
N ARG M 247 0.99 -25.08 -5.48
CA ARG M 247 0.39 -24.37 -6.59
C ARG M 247 0.69 -22.87 -6.52
N ALA M 248 0.68 -22.30 -5.32
CA ALA M 248 0.99 -20.89 -5.15
C ALA M 248 2.42 -20.57 -5.61
N ALA M 249 3.37 -21.44 -5.25
CA ALA M 249 4.76 -21.22 -5.67
C ALA M 249 4.92 -21.44 -7.17
N LEU M 250 4.26 -22.46 -7.72
CA LEU M 250 4.42 -22.76 -9.13
C LEU M 250 3.81 -21.69 -10.01
N PHE M 251 2.73 -21.05 -9.55
CA PHE M 251 2.17 -19.93 -10.32
C PHE M 251 3.21 -18.86 -10.56
N TRP M 252 3.86 -18.39 -9.50
CA TRP M 252 4.81 -17.30 -9.64
C TRP M 252 6.12 -17.77 -10.27
N ARG M 253 6.45 -19.06 -10.14
CA ARG M 253 7.64 -19.56 -10.80
C ARG M 253 7.45 -19.62 -12.31
N TRP M 254 6.29 -20.10 -12.77
CA TRP M 254 6.03 -20.11 -14.20
C TRP M 254 5.70 -18.72 -14.73
N THR M 255 5.33 -17.79 -13.87
CA THR M 255 5.06 -16.43 -14.32
C THR M 255 6.35 -15.62 -14.46
N MET M 256 7.10 -15.44 -13.38
CA MET M 256 8.22 -14.51 -13.38
C MET M 256 9.56 -15.16 -13.05
N GLY M 257 9.63 -16.48 -13.00
CA GLY M 257 10.89 -17.19 -12.93
C GLY M 257 11.32 -17.59 -11.53
N PHE M 258 10.91 -16.86 -10.50
CA PHE M 258 11.31 -17.18 -9.14
C PHE M 258 10.10 -17.12 -8.23
N ASN M 259 10.23 -17.75 -7.07
CA ASN M 259 9.13 -17.87 -6.11
C ASN M 259 9.69 -17.83 -4.70
N ALA M 260 8.80 -17.96 -3.73
CA ALA M 260 9.17 -17.95 -2.31
C ALA M 260 8.61 -19.19 -1.61
N THR M 261 8.66 -19.20 -0.29
CA THR M 261 8.02 -20.24 0.52
C THR M 261 6.86 -19.62 1.29
N ALA M 262 6.21 -20.46 2.11
CA ALA M 262 5.11 -19.99 2.93
C ALA M 262 5.56 -19.02 4.02
N GLU M 263 6.85 -18.96 4.30
CA GLU M 263 7.40 -18.06 5.30
C GLU M 263 8.21 -16.91 4.72
N SER M 264 9.00 -17.16 3.69
CA SER M 264 9.90 -16.12 3.16
C SER M 264 9.13 -14.98 2.51
N ILE M 265 7.93 -15.24 2.00
CA ILE M 265 7.14 -14.15 1.44
C ILE M 265 6.76 -13.16 2.52
N HIS M 266 6.57 -13.62 3.75
CA HIS M 266 6.30 -12.71 4.84
C HIS M 266 7.53 -11.94 5.27
N ARG M 267 8.72 -12.47 4.98
CA ARG M 267 9.95 -11.68 5.17
C ARG M 267 10.07 -10.60 4.11
N TRP M 268 9.76 -10.94 2.86
CA TRP M 268 9.69 -9.92 1.82
C TRP M 268 8.74 -8.81 2.22
N ALA M 269 7.56 -9.20 2.73
CA ALA M 269 6.57 -8.24 3.18
C ALA M 269 7.11 -7.34 4.28
N TRP M 270 7.62 -7.96 5.35
CA TRP M 270 8.19 -7.22 6.47
C TRP M 270 9.22 -6.21 5.99
N TRP M 271 10.14 -6.64 5.13
CA TRP M 271 11.25 -5.77 4.76
C TRP M 271 10.79 -4.64 3.84
N PHE M 272 9.93 -4.93 2.86
CA PHE M 272 9.45 -3.85 2.01
C PHE M 272 8.59 -2.86 2.78
N ALA M 273 7.93 -3.30 3.84
CA ALA M 273 7.14 -2.36 4.63
C ALA M 273 8.04 -1.53 5.54
N VAL M 274 9.08 -2.14 6.11
CA VAL M 274 9.95 -1.44 7.04
C VAL M 274 10.89 -0.47 6.30
N LEU M 275 11.26 -0.78 5.06
CA LEU M 275 12.24 0.08 4.37
C LEU M 275 11.66 1.40 3.91
N CYS M 276 10.33 1.56 3.91
CA CYS M 276 9.76 2.86 3.53
C CYS M 276 10.05 3.93 4.57
N PRO M 277 9.66 3.78 5.84
CA PRO M 277 9.96 4.84 6.82
C PRO M 277 11.44 4.97 7.15
N LEU M 278 12.24 3.92 7.00
CA LEU M 278 13.67 4.02 7.27
C LEU M 278 14.35 4.95 6.27
N THR M 279 14.18 4.66 4.98
CA THR M 279 14.71 5.54 3.94
C THR M 279 14.09 6.93 4.03
N GLY M 280 12.81 7.01 4.40
CA GLY M 280 12.21 8.33 4.58
C GLY M 280 12.85 9.13 5.69
N ALA M 281 13.14 8.48 6.82
CA ALA M 281 13.78 9.17 7.94
C ALA M 281 15.19 9.61 7.57
N ILE M 282 15.94 8.75 6.87
CA ILE M 282 17.27 9.14 6.43
C ILE M 282 17.20 10.35 5.51
N GLY M 283 16.28 10.33 4.53
CA GLY M 283 16.15 11.44 3.62
C GLY M 283 15.72 12.73 4.31
N ILE M 284 14.89 12.62 5.35
CA ILE M 284 14.45 13.81 6.07
C ILE M 284 15.59 14.37 6.92
N ILE M 285 16.38 13.49 7.54
CA ILE M 285 17.50 13.94 8.35
C ILE M 285 18.55 14.61 7.48
N LEU M 286 18.73 14.15 6.24
CA LEU M 286 19.69 14.77 5.34
C LEU M 286 19.23 16.12 4.80
N THR M 287 17.93 16.40 4.84
CA THR M 287 17.37 17.60 4.24
C THR M 287 17.43 18.75 5.24
N GLY M 288 18.16 19.80 4.88
CA GLY M 288 18.50 20.87 5.79
C GLY M 288 19.88 20.78 6.41
N PRO M 289 20.10 19.82 7.31
CA PRO M 289 21.44 19.70 7.92
C PRO M 289 22.55 19.45 6.92
N VAL M 290 22.31 18.63 5.89
CA VAL M 290 23.33 18.27 4.91
C VAL M 290 23.10 18.99 3.59
N VAL M 291 21.95 18.77 2.97
CA VAL M 291 21.60 19.39 1.69
C VAL M 291 20.45 20.35 1.92
N ASP M 292 20.55 21.54 1.33
CA ASP M 292 19.50 22.54 1.43
C ASP M 292 18.84 22.86 0.10
N ASN M 293 19.30 22.27 -1.00
CA ASN M 293 18.68 22.45 -2.31
C ASN M 293 18.89 21.15 -3.08
N TRP M 294 17.83 20.36 -3.21
CA TRP M 294 17.97 19.03 -3.79
C TRP M 294 18.08 19.08 -5.31
N PHE M 295 17.53 20.11 -5.95
CA PHE M 295 17.66 20.20 -7.40
C PHE M 295 19.09 20.54 -7.81
N ASP M 296 19.77 21.36 -7.03
CA ASP M 296 21.18 21.63 -7.29
C ASP M 296 22.01 20.36 -7.11
N TRP M 297 21.68 19.56 -6.11
CA TRP M 297 22.35 18.27 -5.93
C TRP M 297 22.10 17.36 -7.13
N GLY M 298 20.86 17.32 -7.62
CA GLY M 298 20.57 16.49 -8.78
C GLY M 298 21.29 16.95 -10.03
N VAL M 299 21.42 18.27 -10.21
CA VAL M 299 22.17 18.80 -11.35
C VAL M 299 23.64 18.46 -11.22
N LYS M 300 24.18 18.52 -9.99
CA LYS M 300 25.59 18.20 -9.79
C LYS M 300 25.91 16.75 -10.11
N HIS M 301 24.97 15.83 -9.83
CA HIS M 301 25.21 14.40 -10.03
C HIS M 301 24.51 13.86 -11.27
N GLY M 302 24.19 14.72 -12.24
CA GLY M 302 23.69 14.26 -13.51
C GLY M 302 22.29 13.67 -13.49
N LEU M 303 21.48 14.06 -12.52
CA LEU M 303 20.09 13.61 -12.50
C LEU M 303 19.23 14.41 -13.46
N ALA M 304 19.61 15.63 -13.79
CA ALA M 304 18.82 16.49 -14.66
C ALA M 304 19.77 17.45 -15.36
N PRO M 305 19.39 17.98 -16.52
CA PRO M 305 20.20 19.01 -17.16
C PRO M 305 20.16 20.29 -16.36
N PRO M 306 21.13 21.20 -16.57
CA PRO M 306 21.19 22.42 -15.75
C PRO M 306 19.89 23.22 -15.69
N ARG M 307 19.07 23.11 -16.74
CA ARG M 307 17.75 23.73 -16.79
C ARG M 307 17.75 25.19 -16.35
N TRP N 2 8.95 -1.20 55.13
CA TRP N 2 9.22 -2.33 54.25
C TRP N 2 7.94 -2.90 53.66
N ARG N 3 6.80 -2.55 54.25
CA ARG N 3 5.52 -3.11 53.83
C ARG N 3 5.19 -2.78 52.38
N ILE N 4 5.81 -1.74 51.82
CA ILE N 4 5.53 -1.37 50.43
C ILE N 4 5.81 -2.54 49.49
N TRP N 5 6.84 -3.33 49.81
CA TRP N 5 7.20 -4.44 48.94
C TRP N 5 6.25 -5.62 49.05
N LEU N 6 5.32 -5.59 50.01
CA LEU N 6 4.23 -6.54 50.01
C LEU N 6 3.15 -6.17 49.00
N LEU N 7 3.14 -4.91 48.56
CA LEU N 7 2.22 -4.47 47.52
C LEU N 7 2.83 -4.52 46.14
N PHE N 8 4.10 -4.14 46.01
CA PHE N 8 4.73 -3.98 44.72
C PHE N 8 5.67 -5.14 44.41
N ASP N 9 5.76 -5.47 43.13
CA ASP N 9 6.73 -6.45 42.66
C ASP N 9 8.09 -5.77 42.53
N PRO N 10 9.14 -6.26 43.20
CA PRO N 10 10.41 -5.54 43.17
C PRO N 10 11.03 -5.42 41.78
N ARG N 11 10.91 -6.44 40.94
CA ARG N 11 11.49 -6.37 39.61
C ARG N 11 10.83 -5.28 38.77
N ARG N 12 9.50 -5.29 38.73
CA ARG N 12 8.75 -4.27 38.01
C ARG N 12 9.09 -2.88 38.54
N ALA N 13 9.15 -2.74 39.86
CA ALA N 13 9.44 -1.45 40.46
C ALA N 13 10.82 -0.95 40.06
N LEU N 14 11.83 -1.83 40.06
CA LEU N 14 13.17 -1.41 39.69
C LEU N 14 13.25 -1.03 38.22
N VAL N 15 12.61 -1.79 37.35
CA VAL N 15 12.63 -1.44 35.93
C VAL N 15 12.01 -0.06 35.72
N LEU N 16 10.82 0.15 36.30
CA LEU N 16 10.14 1.42 36.15
C LEU N 16 10.97 2.56 36.72
N LEU N 17 11.55 2.35 37.90
CA LEU N 17 12.29 3.40 38.56
C LEU N 17 13.55 3.77 37.79
N PHE N 18 14.27 2.77 37.26
CA PHE N 18 15.49 3.08 36.52
C PHE N 18 15.19 3.81 35.23
N VAL N 19 14.15 3.36 34.49
CA VAL N 19 13.80 4.07 33.27
C VAL N 19 13.38 5.50 33.57
N PHE N 20 12.55 5.68 34.61
CA PHE N 20 12.09 7.01 34.97
C PHE N 20 13.24 7.91 35.36
N LEU N 21 14.18 7.41 36.17
CA LEU N 21 15.31 8.23 36.61
C LEU N 21 16.19 8.64 35.44
N PHE N 22 16.50 7.70 34.54
CA PHE N 22 17.33 8.04 33.39
C PHE N 22 16.64 9.08 32.51
N GLY N 23 15.33 8.91 32.26
CA GLY N 23 14.62 9.85 31.43
C GLY N 23 14.58 11.24 32.04
N LEU N 24 14.30 11.32 33.34
CA LEU N 24 14.27 12.61 34.01
C LEU N 24 15.63 13.30 33.97
N ALA N 25 16.69 12.53 34.21
CA ALA N 25 18.04 13.11 34.17
C ALA N 25 18.36 13.66 32.78
N ILE N 26 18.05 12.90 31.73
CA ILE N 26 18.39 13.35 30.39
C ILE N 26 17.56 14.59 30.02
N ILE N 27 16.31 14.65 30.50
CA ILE N 27 15.46 15.81 30.23
C ILE N 27 16.04 17.06 30.90
N ILE N 28 16.40 16.95 32.18
CA ILE N 28 16.95 18.10 32.89
C ILE N 28 18.26 18.55 32.23
N HIS N 29 19.11 17.61 31.85
CA HIS N 29 20.36 17.96 31.19
C HIS N 29 20.11 18.70 29.88
N PHE N 30 19.15 18.22 29.08
CA PHE N 30 18.85 18.88 27.82
C PHE N 30 18.33 20.30 28.04
N ILE N 31 17.41 20.46 29.00
CA ILE N 31 16.88 21.79 29.29
C ILE N 31 18.00 22.73 29.69
N LEU N 32 18.89 22.28 30.58
CA LEU N 32 20.02 23.11 30.99
C LEU N 32 20.90 23.48 29.81
N LEU N 33 21.19 22.51 28.94
CA LEU N 33 22.02 22.76 27.78
C LEU N 33 21.38 23.74 26.80
N SER N 34 20.05 23.81 26.78
CA SER N 34 19.38 24.71 25.85
C SER N 34 19.47 26.18 26.24
N THR N 35 19.71 26.47 27.51
CA THR N 35 19.75 27.85 27.97
C THR N 35 21.09 28.48 27.64
N SER N 36 21.19 29.78 27.92
CA SER N 36 22.42 30.53 27.68
C SER N 36 23.30 30.61 28.92
N ARG N 37 22.70 30.69 30.10
CA ARG N 37 23.47 30.89 31.32
C ARG N 37 24.10 29.60 31.82
N PHE N 38 23.39 28.48 31.71
CA PHE N 38 23.85 27.21 32.27
C PHE N 38 24.41 26.28 31.22
N ASN N 39 24.85 26.80 30.08
CA ASN N 39 25.52 26.00 29.08
C ASN N 39 27.00 25.87 29.45
N TRP N 40 27.43 24.64 29.71
CA TRP N 40 28.82 24.37 30.08
C TRP N 40 29.69 24.06 28.89
N LEU N 41 29.16 24.19 27.67
CA LEU N 41 29.92 23.99 26.45
C LEU N 41 29.69 25.21 25.56
N ASP N 42 30.76 25.96 25.30
CA ASP N 42 30.79 27.25 24.61
C ASP N 42 30.28 28.39 25.48
N GLY N 43 29.75 28.12 26.67
CA GLY N 43 29.35 29.16 27.58
C GLY N 43 28.22 30.02 27.06
N PRO N 44 28.12 31.23 27.60
CA PRO N 44 27.02 32.12 27.22
C PRO N 44 27.14 32.60 25.79
N ARG N 45 25.97 32.85 25.18
CA ARG N 45 25.94 33.39 23.82
C ARG N 45 26.32 34.86 23.84
N ALA N 46 27.60 35.15 23.60
CA ALA N 46 28.11 36.51 23.58
C ALA N 46 27.77 37.28 24.86
N SER O 5 1.83 -10.75 50.28
CA SER O 5 0.60 -11.34 49.76
C SER O 5 0.43 -11.01 48.28
N ILE O 6 0.06 -9.76 48.00
CA ILE O 6 -0.07 -9.30 46.61
C ILE O 6 1.20 -9.55 45.83
N SER O 7 2.35 -9.28 46.45
CA SER O 7 3.63 -9.44 45.79
C SER O 7 4.17 -10.87 45.86
N GLY O 8 3.55 -11.73 46.67
CA GLY O 8 4.07 -13.08 46.82
C GLY O 8 5.47 -13.12 47.42
N LEU O 9 5.74 -12.24 48.37
CA LEU O 9 7.06 -12.16 48.99
C LEU O 9 6.97 -12.51 50.47
N SER O 10 7.95 -13.30 50.93
CA SER O 10 8.13 -13.49 52.35
C SER O 10 8.45 -12.16 53.01
N GLU O 11 7.99 -12.01 54.26
CA GLU O 11 8.26 -10.79 55.00
C GLU O 11 9.76 -10.58 55.20
N ALA O 12 10.51 -11.68 55.37
CA ALA O 12 11.96 -11.58 55.47
C ALA O 12 12.57 -11.07 54.15
N GLU O 13 12.09 -11.61 53.03
CA GLU O 13 12.52 -11.10 51.73
C GLU O 13 12.21 -9.62 51.60
N ALA O 14 11.02 -9.21 52.06
CA ALA O 14 10.64 -7.81 51.99
C ALA O 14 11.61 -6.94 52.78
N LYS O 15 11.98 -7.37 53.99
CA LYS O 15 12.88 -6.55 54.79
C LYS O 15 14.29 -6.53 54.21
N GLU O 16 14.75 -7.65 53.66
CA GLU O 16 16.05 -7.68 52.99
C GLU O 16 16.08 -6.69 51.84
N PHE O 17 15.12 -6.82 50.92
CA PHE O 17 15.02 -5.90 49.80
C PHE O 17 14.93 -4.46 50.26
N HIS O 18 14.17 -4.20 51.33
CA HIS O 18 14.04 -2.84 51.83
C HIS O 18 15.38 -2.30 52.32
N SER O 19 16.14 -3.11 53.05
CA SER O 19 17.44 -2.67 53.53
C SER O 19 18.36 -2.27 52.38
N ILE O 20 18.49 -3.16 51.40
CA ILE O 20 19.41 -2.87 50.30
C ILE O 20 18.92 -1.70 49.46
N PHE O 21 17.60 -1.59 49.30
CA PHE O 21 17.02 -0.48 48.56
C PHE O 21 17.32 0.85 49.24
N VAL O 22 17.18 0.90 50.57
CA VAL O 22 17.39 2.14 51.30
C VAL O 22 18.86 2.53 51.26
N THR O 23 19.76 1.55 51.37
CA THR O 23 21.19 1.86 51.24
C THR O 23 21.49 2.51 49.88
N SER O 24 21.03 1.88 48.81
CA SER O 24 21.26 2.43 47.47
C SER O 24 20.66 3.82 47.33
N PHE O 25 19.41 3.98 47.78
CA PHE O 25 18.73 5.27 47.67
C PHE O 25 19.49 6.36 48.41
N PHE O 26 20.00 6.05 49.60
N PHE O 26 20.02 6.06 49.59
CA PHE O 26 20.72 7.05 50.39
CA PHE O 26 20.71 7.10 50.35
C PHE O 26 22.03 7.44 49.72
C PHE O 26 22.05 7.45 49.72
N LEU O 27 22.76 6.46 49.17
CA LEU O 27 23.98 6.77 48.45
C LEU O 27 23.69 7.70 47.26
N PHE O 28 22.63 7.39 46.51
CA PHE O 28 22.21 8.22 45.39
C PHE O 28 21.92 9.64 45.83
N ILE O 29 21.16 9.79 46.92
CA ILE O 29 20.81 11.13 47.39
C ILE O 29 22.06 11.89 47.82
N VAL O 30 22.99 11.21 48.50
CA VAL O 30 24.21 11.89 48.95
C VAL O 30 24.99 12.43 47.77
N VAL O 31 25.21 11.60 46.75
CA VAL O 31 26.01 12.06 45.62
C VAL O 31 25.29 13.16 44.86
N ALA O 32 23.96 13.09 44.78
CA ALA O 32 23.21 14.15 44.11
C ALA O 32 23.32 15.47 44.87
N VAL O 33 23.32 15.41 46.20
CA VAL O 33 23.44 16.63 46.99
C VAL O 33 24.82 17.26 46.81
N VAL O 34 25.87 16.43 46.78
CA VAL O 34 27.19 16.97 46.49
C VAL O 34 27.21 17.64 45.12
N ALA O 35 26.60 17.00 44.13
CA ALA O 35 26.56 17.58 42.78
C ALA O 35 25.85 18.92 42.78
N HIS O 36 24.76 19.04 43.54
CA HIS O 36 24.00 20.30 43.55
C HIS O 36 24.75 21.40 44.27
N ILE O 37 25.48 21.07 45.34
CA ILE O 37 26.31 22.08 46.01
C ILE O 37 27.38 22.59 45.06
N LEU O 38 28.03 21.68 44.34
CA LEU O 38 29.04 22.10 43.38
C LEU O 38 28.44 22.95 42.27
N ALA O 39 27.23 22.59 41.83
CA ALA O 39 26.58 23.35 40.76
C ALA O 39 26.21 24.75 41.22
N TRP O 40 25.72 24.89 42.46
CA TRP O 40 25.43 26.22 42.98
C TRP O 40 26.70 27.05 43.12
N MET O 41 27.80 26.41 43.53
CA MET O 41 29.07 27.13 43.56
C MET O 41 29.48 27.60 42.17
N TRP O 42 29.18 26.81 41.14
CA TRP O 42 29.51 27.21 39.78
C TRP O 42 28.64 28.38 39.33
N ARG O 43 27.33 28.18 39.31
CA ARG O 43 26.41 29.27 38.99
C ARG O 43 25.13 29.16 39.80
N PRO O 44 24.78 30.20 40.58
CA PRO O 44 23.51 30.19 41.28
C PRO O 44 22.34 30.41 40.32
N TRP O 45 21.17 29.96 40.75
CA TRP O 45 19.92 30.20 40.04
C TRP O 45 18.99 31.02 40.93
N LEU O 46 17.73 31.10 40.53
CA LEU O 46 16.71 31.91 41.19
C LEU O 46 17.11 33.38 41.21
N PRO O 47 17.08 34.06 40.06
CA PRO O 47 17.46 35.49 40.04
C PRO O 47 16.42 36.38 40.67
N LYS O 48 16.64 37.69 40.59
CA LYS O 48 15.68 38.69 41.04
C LYS O 48 14.77 39.10 39.87
N ALA O 49 13.73 39.86 40.21
CA ALA O 49 12.76 40.29 39.20
C ALA O 49 13.37 41.14 38.10
N THR O 50 14.58 41.65 38.30
CA THR O 50 15.25 42.46 37.29
C THR O 50 16.32 41.68 36.52
N GLY O 51 16.78 40.55 37.05
CA GLY O 51 17.81 39.76 36.43
C GLY O 51 18.90 39.46 37.42
N TYR O 52 20.08 39.12 36.90
CA TYR O 52 21.23 38.83 37.74
C TYR O 52 22.11 40.07 37.90
N TRP P 2 -11.11 4.88 56.72
CA TRP P 2 -10.27 3.71 56.46
C TRP P 2 -11.00 2.63 55.68
N ARG P 3 -12.34 2.70 55.70
CA ARG P 3 -13.15 1.68 55.07
C ARG P 3 -13.01 1.67 53.55
N ILE P 4 -12.60 2.80 52.94
CA ILE P 4 -12.52 2.90 51.50
C ILE P 4 -11.65 1.79 50.91
N TRP P 5 -10.68 1.30 51.68
CA TRP P 5 -9.75 0.30 51.18
C TRP P 5 -10.38 -1.08 51.07
N LEU P 6 -11.68 -1.20 51.31
CA LEU P 6 -12.42 -2.39 50.94
C LEU P 6 -13.05 -2.30 49.56
N LEU P 7 -13.21 -1.09 49.03
CA LEU P 7 -13.64 -0.91 47.65
C LEU P 7 -12.48 -1.02 46.68
N PHE P 8 -11.49 -0.15 46.82
CA PHE P 8 -10.42 -0.05 45.85
C PHE P 8 -9.20 -0.86 46.29
N ASP P 9 -8.52 -1.44 45.31
CA ASP P 9 -7.28 -2.13 45.58
C ASP P 9 -6.20 -1.11 45.88
N PRO P 10 -5.41 -1.29 46.94
CA PRO P 10 -4.34 -0.33 47.23
C PRO P 10 -3.28 -0.26 46.15
N ARG P 11 -2.99 -1.38 45.47
CA ARG P 11 -1.91 -1.39 44.49
C ARG P 11 -2.24 -0.51 43.29
N ARG P 12 -3.40 -0.74 42.68
CA ARG P 12 -3.80 0.05 41.51
C ARG P 12 -3.88 1.53 41.85
N ALA P 13 -4.57 1.87 42.93
CA ALA P 13 -4.74 3.28 43.30
C ALA P 13 -3.41 3.94 43.60
N LEU P 14 -2.54 3.24 44.34
CA LEU P 14 -1.27 3.83 44.74
C LEU P 14 -0.32 3.97 43.56
N VAL P 15 -0.45 3.11 42.55
CA VAL P 15 0.42 3.24 41.39
C VAL P 15 -0.13 4.26 40.38
N LEU P 16 -1.44 4.49 40.36
CA LEU P 16 -1.97 5.53 39.50
C LEU P 16 -1.79 6.92 40.11
N LEU P 17 -1.82 7.00 41.44
CA LEU P 17 -1.67 8.30 42.10
C LEU P 17 -0.30 8.89 41.83
N PHE P 18 0.75 8.07 41.88
CA PHE P 18 2.10 8.57 41.66
C PHE P 18 2.26 9.07 40.24
N VAL P 19 1.71 8.34 39.26
CA VAL P 19 1.77 8.76 37.87
C VAL P 19 1.05 10.09 37.67
N PHE P 20 -0.16 10.20 38.23
CA PHE P 20 -0.92 11.45 38.15
C PHE P 20 -0.13 12.61 38.76
N LEU P 21 0.46 12.39 39.93
CA LEU P 21 1.17 13.45 40.63
C LEU P 21 2.39 13.90 39.84
N PHE P 22 3.15 12.96 39.29
CA PHE P 22 4.32 13.33 38.51
C PHE P 22 3.93 14.10 37.26
N GLY P 23 2.88 13.66 36.57
CA GLY P 23 2.43 14.38 35.39
C GLY P 23 2.04 15.81 35.71
N LEU P 24 1.25 15.99 36.78
CA LEU P 24 0.86 17.33 37.20
C LEU P 24 2.08 18.17 37.53
N ALA P 25 3.05 17.61 38.25
CA ALA P 25 4.23 18.37 38.64
C ALA P 25 5.03 18.83 37.43
N ILE P 26 5.24 17.94 36.45
CA ILE P 26 6.04 18.36 35.30
C ILE P 26 5.29 19.37 34.46
N ILE P 27 3.96 19.25 34.37
CA ILE P 27 3.19 20.23 33.61
C ILE P 27 3.28 21.61 34.26
N ILE P 28 3.20 21.66 35.59
CA ILE P 28 3.29 22.94 36.28
C ILE P 28 4.68 23.54 36.11
N HIS P 29 5.72 22.72 36.25
CA HIS P 29 7.08 23.21 36.06
C HIS P 29 7.28 23.77 34.65
N PHE P 30 6.75 23.07 33.64
CA PHE P 30 6.87 23.52 32.26
C PHE P 30 6.16 24.85 32.05
N ILE P 31 4.93 24.98 32.56
CA ILE P 31 4.20 26.23 32.44
C ILE P 31 4.97 27.37 33.09
N LEU P 32 5.53 27.13 34.28
CA LEU P 32 6.30 28.17 34.96
C LEU P 32 7.53 28.56 34.16
N LEU P 33 8.22 27.57 33.59
CA LEU P 33 9.45 27.84 32.87
C LEU P 33 9.19 28.50 31.53
N SER P 34 7.99 28.39 30.98
CA SER P 34 7.67 29.08 29.73
C SER P 34 7.57 30.58 29.92
N THR P 35 7.05 31.04 31.07
CA THR P 35 6.83 32.45 31.29
C THR P 35 8.16 33.18 31.47
N SER P 36 8.06 34.50 31.63
CA SER P 36 9.23 35.34 31.83
C SER P 36 9.45 35.73 33.28
N ARG P 37 8.38 35.87 34.06
CA ARG P 37 8.54 36.28 35.46
C ARG P 37 9.02 35.15 36.33
N PHE P 38 8.58 33.93 36.05
CA PHE P 38 8.90 32.79 36.91
C PHE P 38 9.94 31.86 36.29
N ASN P 39 10.63 32.31 35.25
CA ASN P 39 11.78 31.57 34.75
C ASN P 39 12.92 31.72 35.74
N TRP P 40 13.40 30.59 36.26
CA TRP P 40 14.42 30.60 37.29
C TRP P 40 15.80 30.25 36.76
N LEU P 41 15.93 29.99 35.46
CA LEU P 41 17.22 29.61 34.89
C LEU P 41 17.90 30.77 34.18
N ASP P 42 17.24 31.36 33.18
CA ASP P 42 17.79 32.52 32.50
C ASP P 42 17.29 33.84 33.06
N GLY P 43 16.14 33.85 33.72
CA GLY P 43 15.56 35.07 34.21
C GLY P 43 14.61 35.69 33.21
N PRO P 44 14.24 36.94 33.43
CA PRO P 44 13.26 37.59 32.55
C PRO P 44 13.81 37.81 31.16
N ARG P 45 12.97 37.58 30.15
CA ARG P 45 13.36 37.81 28.77
C ARG P 45 13.66 39.29 28.54
N ALA P 46 14.64 39.54 27.68
CA ALA P 46 15.02 40.92 27.36
C ALA P 46 13.85 41.66 26.75
N ALA P 47 13.46 42.77 27.37
CA ALA P 47 12.31 43.53 26.90
C ALA P 47 12.63 44.20 25.56
N LYS P 48 11.72 44.05 24.61
CA LYS P 48 11.90 44.62 23.29
C LYS P 48 11.46 46.08 23.26
N ILE Q 6 -14.01 -6.46 49.40
CA ILE Q 6 -14.09 -7.03 48.06
C ILE Q 6 -12.78 -6.79 47.31
N SER Q 7 -11.88 -6.05 47.95
CA SER Q 7 -10.57 -5.76 47.39
C SER Q 7 -9.54 -6.85 47.69
N GLY Q 8 -9.95 -7.96 48.27
CA GLY Q 8 -9.00 -8.96 48.70
C GLY Q 8 -8.18 -8.54 49.90
N LEU Q 9 -8.66 -7.59 50.68
CA LEU Q 9 -7.97 -7.12 51.87
C LEU Q 9 -8.70 -7.58 53.12
N SER Q 10 -7.93 -7.75 54.19
CA SER Q 10 -8.50 -8.00 55.50
C SER Q 10 -8.93 -6.65 56.09
N GLU Q 11 -9.27 -6.63 57.38
CA GLU Q 11 -9.65 -5.37 57.99
C GLU Q 11 -8.48 -4.72 58.73
N ALA Q 12 -7.71 -5.52 59.48
CA ALA Q 12 -6.55 -4.97 60.19
C ALA Q 12 -5.54 -4.39 59.22
N GLU Q 13 -5.23 -5.11 58.15
CA GLU Q 13 -4.30 -4.59 57.14
C GLU Q 13 -4.88 -3.40 56.41
N ALA Q 14 -6.21 -3.35 56.24
CA ALA Q 14 -6.84 -2.16 55.68
C ALA Q 14 -6.57 -0.94 56.55
N LYS Q 15 -6.77 -1.07 57.86
CA LYS Q 15 -6.55 0.05 58.76
C LYS Q 15 -5.07 0.44 58.80
N GLU Q 16 -4.18 -0.56 58.72
CA GLU Q 16 -2.75 -0.27 58.73
C GLU Q 16 -2.35 0.52 57.49
N PHE Q 17 -2.79 0.05 56.31
CA PHE Q 17 -2.57 0.80 55.08
C PHE Q 17 -3.11 2.22 55.19
N HIS Q 18 -4.30 2.38 55.77
CA HIS Q 18 -4.87 3.71 55.88
C HIS Q 18 -4.02 4.61 56.75
N SER Q 19 -3.51 4.08 57.86
CA SER Q 19 -2.66 4.89 58.74
C SER Q 19 -1.39 5.34 58.01
N ILE Q 20 -0.70 4.42 57.35
CA ILE Q 20 0.54 4.78 56.67
C ILE Q 20 0.25 5.77 55.53
N PHE Q 21 -0.86 5.56 54.83
CA PHE Q 21 -1.26 6.47 53.76
C PHE Q 21 -1.47 7.88 54.28
N VAL Q 22 -2.14 8.01 55.42
CA VAL Q 22 -2.39 9.33 55.97
C VAL Q 22 -1.09 10.00 56.41
N THR Q 23 -0.19 9.24 57.04
CA THR Q 23 1.06 9.84 57.49
C THR Q 23 1.88 10.35 56.30
N SER Q 24 2.00 9.54 55.25
CA SER Q 24 2.81 9.96 54.11
C SER Q 24 2.14 11.10 53.34
N PHE Q 25 0.80 11.06 53.22
CA PHE Q 25 0.07 12.17 52.64
C PHE Q 25 0.36 13.47 53.38
N PHE Q 26 0.38 13.42 54.71
N PHE Q 26 0.38 13.42 54.71
CA PHE Q 26 0.62 14.61 55.50
CA PHE Q 26 0.62 14.64 55.47
C PHE Q 26 2.04 15.12 55.32
C PHE Q 26 2.05 15.13 55.33
N LEU Q 27 3.02 14.22 55.27
CA LEU Q 27 4.40 14.63 55.01
C LEU Q 27 4.52 15.33 53.66
N PHE Q 28 3.89 14.76 52.63
CA PHE Q 28 3.88 15.38 51.31
C PHE Q 28 3.29 16.78 51.37
N ILE Q 29 2.14 16.92 52.03
CA ILE Q 29 1.47 18.21 52.11
C ILE Q 29 2.36 19.23 52.82
N VAL Q 30 3.02 18.82 53.90
CA VAL Q 30 3.86 19.75 54.66
C VAL Q 30 5.02 20.23 53.82
N VAL Q 31 5.71 19.31 53.13
CA VAL Q 31 6.81 19.71 52.26
C VAL Q 31 6.33 20.67 51.19
N ALA Q 32 5.15 20.41 50.63
CA ALA Q 32 4.62 21.27 49.56
C ALA Q 32 4.32 22.67 50.08
N VAL Q 33 3.73 22.77 51.27
CA VAL Q 33 3.44 24.09 51.83
C VAL Q 33 4.74 24.87 52.09
N VAL Q 34 5.76 24.19 52.58
CA VAL Q 34 7.04 24.86 52.80
C VAL Q 34 7.61 25.38 51.47
N ALA Q 35 7.58 24.53 50.45
CA ALA Q 35 8.06 24.95 49.13
C ALA Q 35 7.28 26.14 48.61
N HIS Q 36 5.97 26.19 48.86
CA HIS Q 36 5.18 27.30 48.37
C HIS Q 36 5.46 28.59 49.12
N ILE Q 37 5.74 28.50 50.42
CA ILE Q 37 6.14 29.69 51.16
C ILE Q 37 7.45 30.24 50.59
N LEU Q 38 8.42 29.36 50.35
CA LEU Q 38 9.68 29.79 49.74
C LEU Q 38 9.45 30.42 48.37
N ALA Q 39 8.59 29.80 47.55
CA ALA Q 39 8.33 30.33 46.23
C ALA Q 39 7.69 31.70 46.29
N TRP Q 40 6.74 31.90 47.21
CA TRP Q 40 6.10 33.20 47.33
C TRP Q 40 7.08 34.26 47.78
N MET Q 41 7.98 33.93 48.70
CA MET Q 41 8.97 34.92 49.09
C MET Q 41 10.03 35.13 48.02
N TRP Q 42 10.12 34.23 47.04
CA TRP Q 42 10.96 34.48 45.86
C TRP Q 42 10.24 35.37 44.85
N ARG Q 43 9.06 34.93 44.38
CA ARG Q 43 8.26 35.72 43.45
C ARG Q 43 6.78 35.62 43.81
N PRO Q 44 6.14 36.72 44.20
CA PRO Q 44 4.70 36.69 44.43
C PRO Q 44 3.93 36.62 43.13
N TRP Q 45 2.80 35.91 43.16
CA TRP Q 45 1.87 35.90 42.06
C TRP Q 45 0.62 36.69 42.45
N LEU Q 46 -0.42 36.59 41.62
CA LEU Q 46 -1.66 37.36 41.78
C LEU Q 46 -1.39 38.85 41.70
N PRO Q 47 -1.05 39.38 40.53
CA PRO Q 47 -0.77 40.82 40.40
C PRO Q 47 -2.02 41.68 40.55
N LYS Q 48 -1.85 42.98 40.36
CA LYS Q 48 -2.97 43.90 40.33
C LYS Q 48 -3.49 44.07 38.91
N ALA Q 49 -4.71 44.59 38.80
CA ALA Q 49 -5.35 44.72 37.50
C ALA Q 49 -4.58 45.62 36.54
N THR Q 50 -3.59 46.36 37.01
CA THR Q 50 -2.75 47.17 36.15
C THR Q 50 -1.40 46.52 35.86
N GLY Q 51 -1.04 45.47 36.58
CA GLY Q 51 0.23 44.81 36.41
C GLY Q 51 1.04 44.83 37.69
N TYR Q 52 2.23 44.27 37.61
CA TYR Q 52 3.14 44.25 38.74
C TYR Q 52 3.80 45.61 38.93
N TRP R 2 -29.31 7.46 49.29
CA TRP R 2 -28.31 6.43 49.41
C TRP R 2 -28.65 5.22 48.54
N ARG R 3 -29.90 5.17 48.08
CA ARG R 3 -30.34 4.06 47.25
C ARG R 3 -29.54 3.97 45.96
N ILE R 4 -29.01 5.09 45.48
CA ILE R 4 -28.28 5.11 44.21
C ILE R 4 -27.16 4.08 44.20
N TRP R 5 -26.56 3.80 45.36
CA TRP R 5 -25.42 2.91 45.43
C TRP R 5 -25.81 1.44 45.30
N LEU R 6 -27.11 1.13 45.32
CA LEU R 6 -27.55 -0.20 44.93
C LEU R 6 -27.52 -0.38 43.43
N LEU R 7 -27.56 0.71 42.67
CA LEU R 7 -27.58 0.65 41.21
C LEU R 7 -26.20 0.85 40.60
N PHE R 8 -25.37 1.67 41.20
CA PHE R 8 -24.07 2.02 40.66
C PHE R 8 -22.97 1.39 41.49
N ASP R 9 -22.00 0.79 40.83
CA ASP R 9 -20.80 0.31 41.52
C ASP R 9 -19.99 1.52 41.99
N PRO R 10 -19.79 1.70 43.29
CA PRO R 10 -19.04 2.88 43.76
C PRO R 10 -17.67 3.02 43.15
N ARG R 11 -17.01 1.92 42.78
CA ARG R 11 -15.68 2.02 42.18
C ARG R 11 -15.73 2.79 40.87
N ARG R 12 -16.48 2.28 39.88
CA ARG R 12 -16.53 2.91 38.57
C ARG R 12 -17.12 4.31 38.65
N ALA R 13 -18.21 4.47 39.40
CA ALA R 13 -18.84 5.77 39.55
C ALA R 13 -17.86 6.79 40.13
N LEU R 14 -17.12 6.39 41.16
CA LEU R 14 -16.22 7.33 41.82
C LEU R 14 -15.03 7.68 40.93
N VAL R 15 -14.51 6.71 40.18
CA VAL R 15 -13.38 7.03 39.32
C VAL R 15 -13.82 7.90 38.16
N LEU R 16 -15.03 7.68 37.63
CA LEU R 16 -15.54 8.56 36.59
C LEU R 16 -15.77 9.96 37.13
N LEU R 17 -16.27 10.07 38.36
CA LEU R 17 -16.46 11.37 38.97
C LEU R 17 -15.13 12.10 39.13
N PHE R 18 -14.10 11.38 39.58
CA PHE R 18 -12.79 12.01 39.75
C PHE R 18 -12.23 12.49 38.41
N VAL R 19 -12.32 11.65 37.38
CA VAL R 19 -11.82 12.05 36.07
C VAL R 19 -12.57 13.27 35.56
N PHE R 20 -13.90 13.26 35.71
CA PHE R 20 -14.71 14.37 35.23
C PHE R 20 -14.36 15.67 35.95
N LEU R 21 -14.21 15.60 37.27
CA LEU R 21 -13.91 16.80 38.04
C LEU R 21 -12.53 17.35 37.69
N PHE R 22 -11.54 16.47 37.55
CA PHE R 22 -10.21 16.93 37.17
C PHE R 22 -10.22 17.57 35.80
N GLY R 23 -10.91 16.96 34.84
CA GLY R 23 -10.99 17.55 33.51
C GLY R 23 -11.65 18.90 33.51
N LEU R 24 -12.76 19.03 34.25
CA LEU R 24 -13.44 20.32 34.33
C LEU R 24 -12.55 21.38 34.95
N ALA R 25 -11.86 21.04 36.05
CA ALA R 25 -10.97 21.99 36.69
C ALA R 25 -9.85 22.43 35.76
N ILE R 26 -9.26 21.49 35.03
CA ILE R 26 -8.21 21.80 34.07
C ILE R 26 -8.74 22.75 33.00
N ILE R 27 -9.95 22.49 32.49
CA ILE R 27 -10.51 23.33 31.44
C ILE R 27 -10.73 24.76 31.94
N ILE R 28 -11.26 24.90 33.16
CA ILE R 28 -11.51 26.24 33.69
C ILE R 28 -10.21 26.98 33.91
N HIS R 29 -9.20 26.31 34.49
CA HIS R 29 -7.90 26.95 34.67
C HIS R 29 -7.31 27.37 33.34
N PHE R 30 -7.45 26.54 32.31
CA PHE R 30 -6.92 26.89 30.99
C PHE R 30 -7.61 28.12 30.43
N ILE R 31 -8.94 28.17 30.50
CA ILE R 31 -9.67 29.31 29.99
C ILE R 31 -9.26 30.58 30.72
N LEU R 32 -9.06 30.50 32.03
CA LEU R 32 -8.65 31.67 32.79
C LEU R 32 -7.25 32.11 32.40
N LEU R 33 -6.32 31.15 32.31
CA LEU R 33 -4.95 31.46 31.90
C LEU R 33 -4.88 32.05 30.50
N SER R 34 -5.87 31.77 29.66
CA SER R 34 -5.85 32.25 28.29
C SER R 34 -6.27 33.71 28.15
N THR R 35 -6.91 34.29 29.16
CA THR R 35 -7.39 35.66 29.06
C THR R 35 -6.32 36.65 29.48
N SER R 36 -6.64 37.93 29.36
CA SER R 36 -5.73 39.00 29.78
C SER R 36 -6.02 39.49 31.19
N ARG R 37 -7.28 39.47 31.61
CA ARG R 37 -7.63 40.02 32.91
C ARG R 37 -7.29 39.05 34.05
N PHE R 38 -7.63 37.78 33.89
CA PHE R 38 -7.48 36.80 34.94
C PHE R 38 -6.21 35.96 34.78
N ASN R 39 -5.25 36.42 33.99
CA ASN R 39 -3.96 35.76 33.89
C ASN R 39 -3.16 36.10 35.14
N TRP R 40 -2.97 35.12 36.03
CA TRP R 40 -2.27 35.34 37.28
C TRP R 40 -0.77 35.14 37.14
N LEU R 41 -0.30 34.67 36.00
CA LEU R 41 1.12 34.54 35.70
C LEU R 41 1.45 35.53 34.60
N ASP R 42 2.46 36.36 34.83
CA ASP R 42 2.90 37.44 33.95
C ASP R 42 1.90 38.59 33.89
N GLY R 43 0.76 38.48 34.55
CA GLY R 43 -0.16 39.58 34.71
C GLY R 43 -0.87 40.01 33.44
N PRO R 44 -1.54 41.15 33.51
CA PRO R 44 -2.29 41.64 32.34
C PRO R 44 -1.38 41.97 31.17
N ARG R 45 -1.99 42.02 29.99
CA ARG R 45 -1.26 42.26 28.75
C ARG R 45 -1.26 43.75 28.45
N ALA R 46 -0.07 44.36 28.46
CA ALA R 46 0.12 45.77 28.10
C ALA R 46 -0.79 46.69 28.90
N ILE S 6 -28.03 -5.40 43.57
CA ILE S 6 -27.94 -5.23 42.13
C ILE S 6 -26.50 -4.90 41.73
N SER S 7 -25.88 -4.04 42.52
CA SER S 7 -24.49 -3.65 42.30
C SER S 7 -23.51 -4.55 43.02
N GLY S 8 -23.88 -5.06 44.19
CA GLY S 8 -22.99 -5.85 45.00
C GLY S 8 -22.81 -5.26 46.39
N LEU S 9 -23.80 -4.48 46.82
CA LEU S 9 -23.79 -3.88 48.14
C LEU S 9 -25.04 -4.26 48.92
N SER S 10 -24.90 -4.26 50.23
CA SER S 10 -26.04 -4.48 51.13
C SER S 10 -26.83 -3.19 51.28
N GLU S 11 -27.75 -3.15 52.24
CA GLU S 11 -28.51 -1.94 52.49
C GLU S 11 -27.88 -1.05 53.55
N ALA S 12 -26.93 -1.55 54.32
CA ALA S 12 -26.26 -0.77 55.35
C ALA S 12 -24.90 -0.25 54.92
N GLU S 13 -24.09 -1.08 54.26
CA GLU S 13 -22.81 -0.60 53.75
C GLU S 13 -23.02 0.50 52.71
N ALA S 14 -24.07 0.39 51.90
CA ALA S 14 -24.42 1.48 51.02
C ALA S 14 -24.74 2.74 51.82
N LYS S 15 -25.42 2.58 52.96
CA LYS S 15 -25.73 3.73 53.81
C LYS S 15 -24.47 4.44 54.28
N GLU S 16 -23.52 3.68 54.83
CA GLU S 16 -22.32 4.33 55.37
C GLU S 16 -21.43 4.89 54.27
N PHE S 17 -21.36 4.20 53.12
CA PHE S 17 -20.63 4.77 51.99
C PHE S 17 -21.25 6.09 51.57
N HIS S 18 -22.58 6.15 51.50
CA HIS S 18 -23.24 7.39 51.11
C HIS S 18 -22.99 8.49 52.12
N SER S 19 -22.96 8.16 53.40
CA SER S 19 -22.66 9.15 54.43
C SER S 19 -21.27 9.74 54.23
N ILE S 20 -20.27 8.88 54.02
CA ILE S 20 -18.91 9.36 53.83
C ILE S 20 -18.82 10.21 52.56
N PHE S 21 -19.44 9.73 51.48
CA PHE S 21 -19.47 10.46 50.22
C PHE S 21 -20.05 11.85 50.41
N VAL S 22 -21.13 11.96 51.18
CA VAL S 22 -21.78 13.26 51.36
C VAL S 22 -20.91 14.18 52.19
N THR S 23 -20.26 13.65 53.23
CA THR S 23 -19.39 14.51 54.03
C THR S 23 -18.22 15.04 53.19
N SER S 24 -17.59 14.16 52.39
CA SER S 24 -16.51 14.59 51.53
C SER S 24 -16.97 15.65 50.54
N PHE S 25 -18.14 15.44 49.93
CA PHE S 25 -18.69 16.40 48.98
C PHE S 25 -18.92 17.74 49.64
N PHE S 26 -19.49 17.74 50.84
CA PHE S 26 -19.78 18.99 51.54
C PHE S 26 -18.52 19.75 51.88
N LEU S 27 -17.49 19.06 52.38
CA LEU S 27 -16.26 19.77 52.71
C LEU S 27 -15.58 20.32 51.47
N PHE S 28 -15.60 19.53 50.37
CA PHE S 28 -15.08 20.03 49.10
C PHE S 28 -15.80 21.30 48.67
N ILE S 29 -17.12 21.32 48.80
CA ILE S 29 -17.90 22.50 48.42
C ILE S 29 -17.50 23.69 49.30
N VAL S 30 -17.27 23.45 50.59
CA VAL S 30 -16.86 24.53 51.49
C VAL S 30 -15.53 25.14 51.03
N VAL S 31 -14.56 24.27 50.72
CA VAL S 31 -13.26 24.76 50.27
C VAL S 31 -13.40 25.56 48.97
N ALA S 32 -14.25 25.08 48.06
CA ALA S 32 -14.46 25.79 46.81
C ALA S 32 -15.07 27.17 47.04
N VAL S 33 -16.03 27.25 47.97
CA VAL S 33 -16.65 28.53 48.28
C VAL S 33 -15.62 29.52 48.83
N VAL S 34 -14.75 29.03 49.71
CA VAL S 34 -13.71 29.91 50.25
C VAL S 34 -12.78 30.38 49.14
N ALA S 35 -12.39 29.47 48.25
CA ALA S 35 -11.53 29.84 47.13
C ALA S 35 -12.19 30.90 46.25
N HIS S 36 -13.52 30.80 46.07
CA HIS S 36 -14.21 31.76 45.22
C HIS S 36 -14.31 33.13 45.88
N ILE S 37 -14.52 33.17 47.19
CA ILE S 37 -14.48 34.45 47.90
C ILE S 37 -13.12 35.10 47.72
N LEU S 38 -12.05 34.32 47.89
CA LEU S 38 -10.71 34.86 47.71
C LEU S 38 -10.50 35.36 46.28
N ALA S 39 -10.97 34.61 45.29
CA ALA S 39 -10.78 34.99 43.90
C ALA S 39 -11.55 36.26 43.56
N TRP S 40 -12.75 36.43 44.12
CA TRP S 40 -13.48 37.67 43.90
C TRP S 40 -12.77 38.85 44.55
N MET S 41 -12.17 38.63 45.72
CA MET S 41 -11.40 39.71 46.32
C MET S 41 -10.15 40.02 45.51
N TRP S 42 -9.63 39.06 44.75
CA TRP S 42 -8.46 39.34 43.93
C TRP S 42 -8.83 40.06 42.64
N ARG S 43 -9.81 39.53 41.90
CA ARG S 43 -10.18 40.09 40.61
C ARG S 43 -11.63 39.77 40.28
N PRO S 44 -12.54 40.72 40.45
CA PRO S 44 -13.97 40.44 40.20
C PRO S 44 -14.25 40.22 38.72
N TRP S 45 -15.39 39.59 38.45
CA TRP S 45 -15.89 39.37 37.11
C TRP S 45 -17.30 39.92 36.99
N LEU S 46 -17.98 39.55 35.90
CA LEU S 46 -19.32 40.05 35.57
C LEU S 46 -19.33 41.56 35.45
N PRO S 47 -18.72 42.12 34.40
CA PRO S 47 -18.66 43.58 34.28
C PRO S 47 -19.98 44.21 33.87
N LYS S 48 -19.96 45.53 33.68
CA LYS S 48 -21.11 46.25 33.15
C LYS S 48 -21.05 46.25 31.62
N ALA S 49 -22.17 46.63 31.01
CA ALA S 49 -22.27 46.58 29.55
C ALA S 49 -21.24 47.48 28.88
N THR S 50 -20.68 48.44 29.60
CA THR S 50 -19.63 49.29 29.05
C THR S 50 -18.23 48.76 29.30
N GLY S 51 -18.04 47.98 30.36
CA GLY S 51 -16.75 47.40 30.68
C GLY S 51 -16.49 47.50 32.17
N TYR S 52 -15.22 47.42 32.54
CA TYR S 52 -14.82 47.49 33.94
C TYR S 52 -14.49 48.93 34.32
N TRP T 2 24.73 -8.81 44.96
CA TRP T 2 24.71 -9.85 43.93
C TRP T 2 23.31 -10.41 43.67
N ARG T 3 22.40 -10.17 44.61
CA ARG T 3 21.04 -10.70 44.48
C ARG T 3 20.30 -10.11 43.29
N ILE T 4 20.75 -8.97 42.76
CA ILE T 4 20.08 -8.34 41.63
C ILE T 4 20.06 -9.29 40.43
N TRP T 5 21.06 -10.15 40.31
CA TRP T 5 21.14 -11.07 39.19
C TRP T 5 20.19 -12.25 39.33
N LEU T 6 19.48 -12.35 40.45
CA LEU T 6 18.42 -13.33 40.59
C LEU T 6 17.14 -12.89 39.89
N LEU T 7 16.97 -11.58 39.66
CA LEU T 7 15.78 -11.06 39.00
C LEU T 7 15.96 -10.90 37.50
N PHE T 8 17.18 -10.60 37.04
CA PHE T 8 17.41 -10.22 35.65
C PHE T 8 18.37 -11.19 34.98
N ASP T 9 18.01 -11.62 33.78
CA ASP T 9 18.87 -12.52 33.01
C ASP T 9 20.13 -11.77 32.56
N PRO T 10 21.31 -12.22 32.95
CA PRO T 10 22.54 -11.51 32.52
C PRO T 10 22.72 -11.48 31.02
N ARG T 11 22.25 -12.50 30.29
CA ARG T 11 22.46 -12.55 28.86
C ARG T 11 21.73 -11.44 28.12
N ARG T 12 20.65 -10.91 28.68
CA ARG T 12 19.99 -9.74 28.09
C ARG T 12 20.52 -8.45 28.69
N ALA T 13 20.85 -8.47 29.98
CA ALA T 13 21.36 -7.28 30.65
C ALA T 13 22.65 -6.80 30.00
N LEU T 14 23.52 -7.73 29.60
CA LEU T 14 24.78 -7.33 28.99
C LEU T 14 24.57 -6.67 27.65
N VAL T 15 23.67 -7.22 26.83
CA VAL T 15 23.39 -6.63 25.52
C VAL T 15 22.78 -5.24 25.69
N LEU T 16 21.80 -5.13 26.58
CA LEU T 16 21.17 -3.84 26.83
C LEU T 16 22.21 -2.82 27.31
N LEU T 17 23.09 -3.24 28.22
CA LEU T 17 24.09 -2.32 28.75
C LEU T 17 25.06 -1.88 27.67
N PHE T 18 25.49 -2.81 26.81
CA PHE T 18 26.43 -2.44 25.76
C PHE T 18 25.79 -1.47 24.78
N VAL T 19 24.55 -1.73 24.39
CA VAL T 19 23.85 -0.82 23.48
C VAL T 19 23.72 0.56 24.10
N PHE T 20 23.27 0.62 25.36
CA PHE T 20 23.08 1.90 26.03
C PHE T 20 24.39 2.66 26.13
N LEU T 21 25.47 1.99 26.54
CA LEU T 21 26.76 2.65 26.71
C LEU T 21 27.29 3.16 25.38
N PHE T 22 27.22 2.34 24.34
CA PHE T 22 27.76 2.76 23.05
C PHE T 22 26.97 3.93 22.48
N GLY T 23 25.64 3.89 22.60
CA GLY T 23 24.84 5.02 22.13
C GLY T 23 25.15 6.30 22.87
N LEU T 24 25.26 6.22 24.20
CA LEU T 24 25.60 7.39 24.99
C LEU T 24 26.95 7.96 24.60
N ALA T 25 27.95 7.07 24.45
CA ALA T 25 29.30 7.53 24.13
C ALA T 25 29.34 8.19 22.75
N ILE T 26 28.68 7.59 21.76
CA ILE T 26 28.71 8.17 20.42
C ILE T 26 27.96 9.50 20.40
N ILE T 27 26.89 9.61 21.18
CA ILE T 27 26.16 10.87 21.22
C ILE T 27 26.99 11.97 21.87
N ILE T 28 27.69 11.65 22.96
CA ILE T 28 28.53 12.64 23.61
C ILE T 28 29.67 13.07 22.69
N HIS T 29 30.28 12.12 21.99
CA HIS T 29 31.35 12.46 21.06
C HIS T 29 30.86 13.36 19.95
N PHE T 30 29.68 13.06 19.39
CA PHE T 30 29.12 13.92 18.34
C PHE T 30 28.78 15.31 18.88
N ILE T 31 28.23 15.39 20.09
CA ILE T 31 27.90 16.69 20.67
C ILE T 31 29.17 17.53 20.82
N LEU T 32 30.24 16.92 21.35
CA LEU T 32 31.48 17.66 21.51
C LEU T 32 32.08 18.03 20.16
N LEU T 33 31.91 17.17 19.16
CA LEU T 33 32.52 17.44 17.86
C LEU T 33 31.87 18.61 17.15
N SER T 34 30.60 18.86 17.40
CA SER T 34 29.86 19.89 16.69
C SER T 34 29.92 21.24 17.38
N THR T 35 30.72 21.38 18.43
CA THR T 35 30.88 22.65 19.12
C THR T 35 32.19 23.30 18.69
N SER T 36 32.38 24.54 19.11
CA SER T 36 33.57 25.27 18.70
C SER T 36 34.73 25.10 19.67
N ARG T 37 34.46 25.15 20.97
CA ARG T 37 35.56 25.11 21.94
C ARG T 37 36.14 23.71 22.07
N PHE T 38 35.32 22.67 21.89
CA PHE T 38 35.75 21.30 22.15
C PHE T 38 35.88 20.47 20.88
N ASN T 39 36.11 21.12 19.75
CA ASN T 39 36.40 20.42 18.50
C ASN T 39 37.90 20.16 18.44
N TRP T 40 38.27 18.88 18.42
CA TRP T 40 39.67 18.48 18.48
C TRP T 40 40.28 18.19 17.12
N LEU T 41 39.54 18.41 16.03
CA LEU T 41 40.09 18.14 14.71
C LEU T 41 40.56 19.40 14.01
N ASP T 42 39.66 20.34 13.77
CA ASP T 42 40.03 21.60 13.15
C ASP T 42 40.21 22.74 14.14
N GLY T 43 39.81 22.54 15.39
CA GLY T 43 39.94 23.56 16.39
C GLY T 43 38.77 24.53 16.38
N PRO T 44 38.97 25.70 16.99
CA PRO T 44 37.87 26.66 17.09
C PRO T 44 37.46 27.21 15.74
N ARG T 45 36.17 27.47 15.59
CA ARG T 45 35.64 28.08 14.39
C ARG T 45 35.94 29.59 14.41
N ALA T 46 36.53 30.08 13.32
CA ALA T 46 36.89 31.49 13.18
C ALA T 46 37.77 31.96 14.34
N SER U 5 15.98 -17.59 40.66
CA SER U 5 14.78 -18.33 40.29
C SER U 5 14.13 -17.75 39.04
N ILE U 6 13.95 -16.42 39.05
CA ILE U 6 13.36 -15.74 37.89
C ILE U 6 14.30 -15.84 36.70
N SER U 7 15.52 -15.34 36.85
CA SER U 7 16.51 -15.42 35.78
C SER U 7 17.01 -16.84 35.55
N GLY U 8 16.72 -17.77 36.45
CA GLY U 8 17.25 -19.12 36.33
C GLY U 8 18.66 -19.27 36.85
N LEU U 9 19.07 -18.44 37.79
CA LEU U 9 20.44 -18.43 38.30
C LEU U 9 20.42 -18.85 39.77
N SER U 10 21.33 -19.74 40.14
CA SER U 10 21.47 -20.14 41.53
C SER U 10 22.28 -19.10 42.29
N GLU U 11 22.22 -19.18 43.62
CA GLU U 11 22.97 -18.25 44.45
C GLU U 11 24.48 -18.41 44.30
N ALA U 12 24.94 -19.51 43.71
CA ALA U 12 26.36 -19.72 43.53
C ALA U 12 26.87 -19.01 42.30
N GLU U 13 26.24 -19.27 41.15
CA GLU U 13 26.66 -18.64 39.90
C GLU U 13 26.42 -17.14 39.93
N ALA U 14 25.39 -16.70 40.67
CA ALA U 14 25.13 -15.27 40.78
C ALA U 14 26.33 -14.54 41.37
N LYS U 15 26.98 -15.14 42.37
CA LYS U 15 28.11 -14.46 43.01
C LYS U 15 29.32 -14.36 42.09
N GLU U 16 29.60 -15.40 41.30
CA GLU U 16 30.72 -15.31 40.38
C GLU U 16 30.45 -14.30 39.27
N PHE U 17 29.22 -14.30 38.75
CA PHE U 17 28.87 -13.29 37.74
C PHE U 17 28.99 -11.90 38.32
N HIS U 18 28.54 -11.71 39.56
CA HIS U 18 28.62 -10.39 40.18
C HIS U 18 30.06 -9.96 40.40
N SER U 19 30.93 -10.90 40.78
CA SER U 19 32.34 -10.57 40.97
C SER U 19 32.97 -10.11 39.66
N ILE U 20 32.76 -10.89 38.59
CA ILE U 20 33.33 -10.51 37.30
C ILE U 20 32.77 -9.17 36.84
N PHE U 21 31.47 -8.97 37.01
CA PHE U 21 30.85 -7.70 36.63
C PHE U 21 31.45 -6.54 37.40
N VAL U 22 31.70 -6.72 38.70
CA VAL U 22 32.23 -5.65 39.52
C VAL U 22 33.64 -5.29 39.07
N THR U 23 34.48 -6.30 38.84
CA THR U 23 35.84 -6.02 38.39
C THR U 23 35.85 -5.31 37.05
N SER U 24 35.02 -5.76 36.10
CA SER U 24 34.98 -5.13 34.79
C SER U 24 34.48 -3.69 34.89
N PHE U 25 33.41 -3.48 35.65
CA PHE U 25 32.88 -2.14 35.84
C PHE U 25 33.92 -1.22 36.47
N PHE U 26 34.68 -1.73 37.43
N PHE U 26 34.69 -1.73 37.41
CA PHE U 26 35.69 -0.94 38.10
CA PHE U 26 35.68 -0.89 38.07
C PHE U 26 36.82 -0.55 37.14
C PHE U 26 36.83 -0.55 37.13
N LEU U 27 37.27 -1.50 36.31
CA LEU U 27 38.29 -1.19 35.31
C LEU U 27 37.80 -0.12 34.34
N PHE U 28 36.57 -0.27 33.86
CA PHE U 28 35.96 0.71 32.98
C PHE U 28 35.95 2.09 33.63
N ILE U 29 35.51 2.17 34.89
CA ILE U 29 35.39 3.47 35.54
C ILE U 29 36.76 4.08 35.81
N VAL U 30 37.77 3.28 36.12
CA VAL U 30 39.10 3.81 36.33
C VAL U 30 39.64 4.42 35.02
N VAL U 31 39.47 3.68 33.91
CA VAL U 31 39.92 4.20 32.63
C VAL U 31 39.18 5.49 32.29
N ALA U 32 37.89 5.54 32.59
CA ALA U 32 37.11 6.75 32.29
C ALA U 32 37.56 7.93 33.13
N VAL U 33 37.91 7.69 34.40
CA VAL U 33 38.39 8.78 35.24
C VAL U 33 39.72 9.32 34.71
N VAL U 34 40.62 8.43 34.30
CA VAL U 34 41.87 8.89 33.70
C VAL U 34 41.60 9.71 32.45
N ALA U 35 40.67 9.24 31.60
CA ALA U 35 40.33 9.97 30.39
C ALA U 35 39.80 11.36 30.70
N HIS U 36 38.97 11.48 31.74
CA HIS U 36 38.41 12.78 32.08
C HIS U 36 39.46 13.71 32.66
N ILE U 37 40.42 13.18 33.41
CA ILE U 37 41.50 14.03 33.91
C ILE U 37 42.31 14.58 32.75
N LEU U 38 42.64 13.72 31.78
CA LEU U 38 43.36 14.18 30.60
C LEU U 38 42.54 15.21 29.83
N ALA U 39 41.23 15.00 29.72
CA ALA U 39 40.39 15.93 28.97
C ALA U 39 40.26 17.27 29.68
N TRP U 40 40.26 17.28 31.01
CA TRP U 40 40.24 18.55 31.72
C TRP U 40 41.58 19.26 31.58
N MET U 41 42.68 18.51 31.56
CA MET U 41 43.97 19.14 31.33
C MET U 41 44.05 19.75 29.95
N TRP U 42 43.42 19.11 28.96
CA TRP U 42 43.38 19.69 27.62
C TRP U 42 42.54 20.95 27.59
N ARG U 43 41.28 20.86 28.00
CA ARG U 43 40.38 22.01 28.04
C ARG U 43 39.43 21.95 29.22
N PRO U 44 39.49 22.91 30.13
CA PRO U 44 38.50 22.96 31.22
C PRO U 44 37.16 23.46 30.71
N TRP U 45 36.10 22.85 31.21
CA TRP U 45 34.74 23.33 31.01
C TRP U 45 34.29 24.03 32.29
N LEU U 46 33.00 24.36 32.37
CA LEU U 46 32.46 25.15 33.47
C LEU U 46 33.13 26.53 33.51
N PRO U 47 32.83 27.40 32.55
CA PRO U 47 33.45 28.73 32.54
C PRO U 47 32.92 29.65 33.62
N LYS U 48 33.46 30.87 33.67
CA LYS U 48 32.94 31.90 34.56
C LYS U 48 31.62 32.43 34.03
N ALA U 49 30.90 33.17 34.89
CA ALA U 49 29.61 33.70 34.50
C ALA U 49 29.69 34.64 33.31
N THR U 50 30.88 35.16 33.01
CA THR U 50 31.07 36.07 31.89
C THR U 50 31.61 35.38 30.64
N GLY U 51 32.19 34.20 30.79
CA GLY U 51 32.74 33.48 29.65
C GLY U 51 34.05 32.80 29.98
N TYR U 52 34.88 32.57 28.96
CA TYR U 52 36.19 31.96 29.18
C TYR U 52 37.29 33.02 29.16
N TRP V 2 -47.32 6.94 38.44
CA TRP V 2 -45.90 6.64 38.31
C TRP V 2 -45.58 6.31 36.86
N ARG V 3 -44.40 6.69 36.40
CA ARG V 3 -43.98 6.27 35.08
C ARG V 3 -43.37 4.88 35.16
N ILE V 4 -43.55 4.13 34.08
CA ILE V 4 -43.20 2.71 34.06
C ILE V 4 -41.75 2.60 33.61
N TRP V 5 -40.84 2.52 34.59
CA TRP V 5 -39.44 2.24 34.33
C TRP V 5 -39.18 0.75 34.10
N LEU V 6 -40.24 -0.02 33.82
CA LEU V 6 -40.11 -1.43 33.46
C LEU V 6 -39.58 -1.61 32.04
N LEU V 7 -39.13 -0.53 31.41
CA LEU V 7 -38.65 -0.55 30.03
C LEU V 7 -37.22 -0.07 29.89
N PHE V 8 -36.80 0.93 30.66
CA PHE V 8 -35.48 1.53 30.53
C PHE V 8 -34.69 1.27 31.80
N ASP V 9 -33.50 0.69 31.65
CA ASP V 9 -32.60 0.49 32.77
C ASP V 9 -32.18 1.83 33.34
N PRO V 10 -32.41 2.10 34.63
CA PRO V 10 -32.01 3.39 35.19
C PRO V 10 -30.54 3.70 35.05
N ARG V 11 -29.67 2.69 35.08
CA ARG V 11 -28.23 2.91 35.02
C ARG V 11 -27.83 3.61 33.72
N ARG V 12 -28.15 2.99 32.59
CA ARG V 12 -27.78 3.56 31.30
C ARG V 12 -28.54 4.84 31.01
N ALA V 13 -29.85 4.84 31.27
CA ALA V 13 -30.67 6.01 31.01
C ALA V 13 -30.29 7.18 31.90
N LEU V 14 -29.54 6.94 32.97
CA LEU V 14 -29.09 8.02 33.83
C LEU V 14 -27.70 8.51 33.45
N VAL V 15 -26.79 7.59 33.11
CA VAL V 15 -25.46 8.00 32.71
C VAL V 15 -25.50 8.76 31.39
N LEU V 16 -26.33 8.30 30.45
CA LEU V 16 -26.45 9.02 29.19
C LEU V 16 -27.08 10.39 29.40
N LEU V 17 -28.11 10.47 30.25
CA LEU V 17 -28.72 11.75 30.56
C LEU V 17 -27.69 12.72 31.15
N PHE V 18 -26.85 12.24 32.07
CA PHE V 18 -25.89 13.12 32.69
C PHE V 18 -24.85 13.60 31.69
N VAL V 19 -24.31 12.69 30.88
CA VAL V 19 -23.34 13.09 29.86
C VAL V 19 -23.95 14.11 28.90
N PHE V 20 -25.20 13.88 28.51
CA PHE V 20 -25.89 14.77 27.59
C PHE V 20 -26.08 16.16 28.19
N LEU V 21 -26.52 16.21 29.44
CA LEU V 21 -26.74 17.50 30.09
C LEU V 21 -25.43 18.27 30.24
N PHE V 22 -24.35 17.57 30.62
CA PHE V 22 -23.06 18.23 30.73
C PHE V 22 -22.61 18.79 29.39
N GLY V 23 -22.75 18.01 28.32
CA GLY V 23 -22.37 18.51 27.01
C GLY V 23 -23.17 19.74 26.60
N LEU V 24 -24.48 19.71 26.83
CA LEU V 24 -25.32 20.85 26.50
C LEU V 24 -24.90 22.09 27.28
N ALA V 25 -24.62 21.93 28.57
CA ALA V 25 -24.23 23.08 29.39
C ALA V 25 -22.90 23.67 28.93
N ILE V 26 -21.93 22.79 28.61
CA ILE V 26 -20.65 23.27 28.09
C ILE V 26 -20.86 24.05 26.81
N ILE V 27 -21.71 23.53 25.92
CA ILE V 27 -21.95 24.21 24.64
C ILE V 27 -22.56 25.58 24.87
N ILE V 28 -23.53 25.69 25.78
CA ILE V 28 -24.18 26.97 26.00
C ILE V 28 -23.20 27.98 26.61
N HIS V 29 -22.40 27.54 27.59
CA HIS V 29 -21.43 28.44 28.19
C HIS V 29 -20.41 28.92 27.16
N PHE V 30 -19.95 28.03 26.27
CA PHE V 30 -19.00 28.46 25.24
C PHE V 30 -19.63 29.42 24.26
N ILE V 31 -20.87 29.16 23.84
CA ILE V 31 -21.57 30.09 22.96
C ILE V 31 -21.63 31.47 23.59
N LEU V 32 -22.02 31.54 24.86
CA LEU V 32 -22.10 32.83 25.54
C LEU V 32 -20.74 33.50 25.64
N LEU V 33 -19.71 32.73 25.98
CA LEU V 33 -18.37 33.29 26.12
C LEU V 33 -17.84 33.83 24.80
N SER V 34 -18.28 33.26 23.68
CA SER V 34 -17.79 33.71 22.38
C SER V 34 -18.33 35.07 21.99
N THR V 35 -19.44 35.52 22.58
CA THR V 35 -20.03 36.79 22.23
C THR V 35 -19.30 37.93 22.95
N SER V 36 -19.58 39.16 22.52
CA SER V 36 -19.01 40.32 23.19
C SER V 36 -19.95 40.89 24.25
N ARG V 37 -21.27 40.71 24.08
CA ARG V 37 -22.21 41.26 25.05
C ARG V 37 -22.27 40.41 26.32
N PHE V 38 -22.20 39.08 26.18
CA PHE V 38 -22.36 38.19 27.33
C PHE V 38 -21.04 37.58 27.77
N ASN V 39 -19.91 38.13 27.34
CA ASN V 39 -18.62 37.68 27.84
C ASN V 39 -18.42 38.23 29.25
N TRP V 40 -18.34 37.32 30.23
CA TRP V 40 -18.28 37.70 31.63
C TRP V 40 -16.87 37.68 32.20
N LEU V 41 -15.85 37.53 31.35
CA LEU V 41 -14.47 37.50 31.82
C LEU V 41 -13.68 38.71 31.35
N ASP V 42 -13.61 38.95 30.05
CA ASP V 42 -12.92 40.12 29.53
C ASP V 42 -13.85 41.27 29.21
N GLY V 43 -15.15 40.99 29.07
CA GLY V 43 -16.12 42.03 28.81
C GLY V 43 -16.28 42.32 27.34
N PRO V 44 -16.89 43.45 27.02
CA PRO V 44 -17.12 43.81 25.61
C PRO V 44 -15.83 44.02 24.86
N ARG V 45 -15.89 43.81 23.56
CA ARG V 45 -14.72 43.95 22.68
C ARG V 45 -14.76 45.30 21.98
N ALA V 46 -13.65 45.61 21.31
CA ALA V 46 -13.50 46.85 20.55
C ALA V 46 -13.78 48.08 21.39
N SER W 5 -41.66 -6.33 33.49
CA SER W 5 -40.51 -7.03 34.05
C SER W 5 -39.36 -7.11 33.06
N ILE W 6 -39.32 -6.17 32.12
CA ILE W 6 -38.29 -6.18 31.09
C ILE W 6 -36.99 -5.56 31.61
N SER W 7 -37.10 -4.43 32.29
CA SER W 7 -35.91 -3.73 32.77
C SER W 7 -35.09 -4.58 33.73
N GLY W 8 -35.75 -5.43 34.52
CA GLY W 8 -35.11 -6.14 35.59
C GLY W 8 -35.45 -5.62 36.97
N LEU W 9 -36.22 -4.54 37.04
CA LEU W 9 -36.67 -3.96 38.30
C LEU W 9 -38.06 -4.50 38.64
N SER W 10 -38.44 -4.34 39.89
CA SER W 10 -39.78 -4.67 40.34
C SER W 10 -40.73 -3.54 39.97
N GLU W 11 -41.95 -3.57 40.50
CA GLU W 11 -42.88 -2.47 40.24
C GLU W 11 -42.90 -1.44 41.36
N ALA W 12 -42.52 -1.83 42.59
CA ALA W 12 -42.35 -0.83 43.64
C ALA W 12 -41.02 -0.10 43.54
N GLU W 13 -39.96 -0.82 43.16
CA GLU W 13 -38.67 -0.18 42.91
C GLU W 13 -38.79 0.89 41.83
N ALA W 14 -39.60 0.62 40.80
CA ALA W 14 -39.83 1.61 39.76
C ALA W 14 -40.46 2.87 40.34
N LYS W 15 -41.46 2.70 41.21
CA LYS W 15 -42.12 3.85 41.81
C LYS W 15 -41.15 4.66 42.66
N GLU W 16 -40.33 3.96 43.45
CA GLU W 16 -39.36 4.63 44.30
C GLU W 16 -38.36 5.44 43.48
N PHE W 17 -37.74 4.78 42.49
CA PHE W 17 -36.78 5.46 41.63
C PHE W 17 -37.42 6.65 40.93
N HIS W 18 -38.65 6.49 40.46
CA HIS W 18 -39.31 7.58 39.74
C HIS W 18 -39.60 8.76 40.66
N SER W 19 -39.99 8.49 41.91
CA SER W 19 -40.20 9.57 42.85
C SER W 19 -38.92 10.36 43.09
N ILE W 20 -37.82 9.65 43.34
CA ILE W 20 -36.55 10.34 43.57
C ILE W 20 -36.14 11.12 42.33
N PHE W 21 -36.32 10.52 41.15
CA PHE W 21 -36.00 11.18 39.89
C PHE W 21 -36.79 12.47 39.73
N VAL W 22 -38.09 12.44 40.04
CA VAL W 22 -38.90 13.64 39.88
C VAL W 22 -38.47 14.72 40.85
N THR W 23 -38.18 14.35 42.10
CA THR W 23 -37.73 15.35 43.06
C THR W 23 -36.43 16.02 42.60
N SER W 24 -35.47 15.22 42.13
CA SER W 24 -34.21 15.79 41.66
C SER W 24 -34.42 16.68 40.45
N PHE W 25 -35.19 16.20 39.48
CA PHE W 25 -35.53 16.98 38.29
C PHE W 25 -36.12 18.33 38.66
N PHE W 26 -37.03 18.34 39.64
N PHE W 26 -37.03 18.35 39.64
CA PHE W 26 -37.70 19.58 40.03
CA PHE W 26 -37.68 19.61 39.99
C PHE W 26 -36.74 20.53 40.73
C PHE W 26 -36.74 20.54 40.74
N LEU W 27 -35.88 19.99 41.60
CA LEU W 27 -34.87 20.82 42.26
C LEU W 27 -33.96 21.47 41.22
N PHE W 28 -33.51 20.68 40.25
CA PHE W 28 -32.68 21.18 39.17
C PHE W 28 -33.37 22.33 38.43
N ILE W 29 -34.64 22.14 38.08
CA ILE W 29 -35.34 23.20 37.34
C ILE W 29 -35.50 24.46 38.20
N VAL W 30 -35.74 24.30 39.50
CA VAL W 30 -35.89 25.48 40.35
C VAL W 30 -34.59 26.28 40.40
N VAL W 31 -33.47 25.58 40.60
CA VAL W 31 -32.18 26.26 40.63
C VAL W 31 -31.91 26.94 39.29
N ALA W 32 -32.29 26.30 38.19
CA ALA W 32 -32.08 26.89 36.88
C ALA W 32 -32.92 28.14 36.68
N VAL W 33 -34.16 28.13 37.17
CA VAL W 33 -35.00 29.32 37.06
C VAL W 33 -34.39 30.48 37.82
N VAL W 34 -33.89 30.23 39.03
CA VAL W 34 -33.23 31.31 39.78
C VAL W 34 -32.02 31.82 39.02
N ALA W 35 -31.22 30.90 38.47
CA ALA W 35 -30.06 31.29 37.69
C ALA W 35 -30.44 32.18 36.52
N HIS W 36 -31.54 31.88 35.84
CA HIS W 36 -31.94 32.67 34.68
C HIS W 36 -32.46 34.04 35.10
N ILE W 37 -33.17 34.11 36.24
CA ILE W 37 -33.60 35.42 36.73
C ILE W 37 -32.39 36.30 37.01
N LEU W 38 -31.38 35.74 37.67
CA LEU W 38 -30.17 36.51 37.94
C LEU W 38 -29.46 36.92 36.64
N ALA W 39 -29.39 35.99 35.69
CA ALA W 39 -28.72 36.29 34.43
C ALA W 39 -29.41 37.41 33.67
N TRP W 40 -30.74 37.41 33.65
CA TRP W 40 -31.46 38.52 33.04
C TRP W 40 -31.21 39.81 33.80
N MET W 41 -31.14 39.74 35.13
CA MET W 41 -30.81 40.92 35.90
C MET W 41 -29.42 41.46 35.56
N TRP W 42 -28.52 40.59 35.08
CA TRP W 42 -27.20 41.04 34.66
C TRP W 42 -27.20 41.58 33.22
N ARG W 43 -27.64 40.76 32.26
CA ARG W 43 -27.76 41.21 30.87
C ARG W 43 -29.06 40.70 30.25
N PRO W 44 -29.98 41.59 29.89
CA PRO W 44 -31.15 41.15 29.14
C PRO W 44 -30.78 40.76 27.72
N TRP W 45 -31.54 39.84 27.15
CA TRP W 45 -31.38 39.43 25.76
C TRP W 45 -32.67 39.70 25.00
N LEU W 46 -32.74 39.18 23.78
CA LEU W 46 -33.85 39.38 22.85
C LEU W 46 -34.03 40.86 22.54
N PRO W 47 -33.10 41.47 21.80
CA PRO W 47 -33.22 42.89 21.48
C PRO W 47 -34.32 43.15 20.47
N LYS W 48 -34.54 44.42 20.20
CA LYS W 48 -35.43 44.85 19.14
C LYS W 48 -34.68 44.97 17.83
N ALA W 49 -35.42 44.92 16.72
CA ALA W 49 -34.80 44.95 15.40
C ALA W 49 -33.95 46.19 15.17
N THR W 50 -34.05 47.19 16.03
CA THR W 50 -33.16 48.34 15.97
C THR W 50 -31.83 48.04 16.67
N GLY W 51 -31.87 47.29 17.76
CA GLY W 51 -30.72 46.95 18.55
C GLY W 51 -31.06 47.02 20.02
N TYR W 52 -30.03 47.18 20.84
CA TYR W 52 -30.24 47.36 22.27
C TYR W 52 -30.32 48.84 22.61
N TRP X 2 3.57 -28.59 -50.79
CA TRP X 2 2.43 -29.14 -50.05
C TRP X 2 2.88 -29.76 -48.74
N ARG X 3 4.20 -29.96 -48.60
CA ARG X 3 4.74 -30.61 -47.42
C ARG X 3 4.65 -29.74 -46.18
N ILE X 4 4.21 -28.49 -46.30
CA ILE X 4 4.10 -27.63 -45.14
C ILE X 4 2.96 -28.10 -44.22
N TRP X 5 1.91 -28.67 -44.79
CA TRP X 5 0.79 -29.14 -44.01
C TRP X 5 1.03 -30.50 -43.37
N LEU X 6 2.23 -31.04 -43.51
CA LEU X 6 2.66 -32.21 -42.75
C LEU X 6 3.33 -31.81 -41.46
N LEU X 7 3.95 -30.63 -41.43
CA LEU X 7 4.59 -30.09 -40.24
C LEU X 7 3.67 -29.24 -39.40
N PHE X 8 2.63 -28.66 -39.99
CA PHE X 8 1.72 -27.77 -39.29
C PHE X 8 0.28 -28.26 -39.42
N ASP X 9 -0.58 -27.67 -38.61
CA ASP X 9 -2.00 -28.03 -38.55
C ASP X 9 -2.82 -26.87 -39.10
N PRO X 10 -3.50 -27.04 -40.24
CA PRO X 10 -4.14 -25.89 -40.90
C PRO X 10 -5.12 -25.13 -40.03
N ARG X 11 -5.82 -25.81 -39.13
CA ARG X 11 -6.85 -25.16 -38.33
C ARG X 11 -6.27 -24.08 -37.42
N ARG X 12 -5.03 -24.23 -36.99
CA ARG X 12 -4.36 -23.23 -36.17
C ARG X 12 -3.52 -22.26 -36.99
N ALA X 13 -2.89 -22.77 -38.07
CA ALA X 13 -2.12 -21.90 -38.94
C ALA X 13 -2.99 -20.81 -39.54
N LEU X 14 -4.25 -21.13 -39.87
CA LEU X 14 -5.12 -20.10 -40.43
C LEU X 14 -5.41 -19.01 -39.42
N VAL X 15 -5.68 -19.37 -38.17
CA VAL X 15 -5.92 -18.37 -37.13
C VAL X 15 -4.71 -17.48 -36.96
N LEU X 16 -3.53 -18.09 -36.83
CA LEU X 16 -2.31 -17.31 -36.65
C LEU X 16 -2.07 -16.38 -37.83
N LEU X 17 -2.25 -16.88 -39.05
CA LEU X 17 -2.03 -16.08 -40.24
C LEU X 17 -3.00 -14.90 -40.30
N PHE X 18 -4.28 -15.15 -39.98
CA PHE X 18 -5.26 -14.08 -40.06
C PHE X 18 -4.98 -13.00 -39.02
N VAL X 19 -4.62 -13.40 -37.80
CA VAL X 19 -4.30 -12.41 -36.78
C VAL X 19 -3.07 -11.59 -37.17
N PHE X 20 -2.04 -12.26 -37.67
CA PHE X 20 -0.84 -11.55 -38.09
C PHE X 20 -1.13 -10.57 -39.22
N LEU X 21 -1.93 -10.98 -40.20
CA LEU X 21 -2.22 -10.11 -41.33
C LEU X 21 -3.05 -8.90 -40.90
N PHE X 22 -4.02 -9.11 -40.00
CA PHE X 22 -4.79 -7.99 -39.48
C PHE X 22 -3.89 -7.00 -38.75
N GLY X 23 -3.00 -7.50 -37.90
CA GLY X 23 -2.09 -6.61 -37.20
C GLY X 23 -1.18 -5.83 -38.14
N LEU X 24 -0.67 -6.50 -39.18
CA LEU X 24 0.22 -5.83 -40.12
C LEU X 24 -0.51 -4.74 -40.90
N ALA X 25 -1.74 -5.02 -41.33
CA ALA X 25 -2.52 -4.01 -42.04
C ALA X 25 -2.80 -2.81 -41.15
N ILE X 26 -3.14 -3.07 -39.88
CA ILE X 26 -3.32 -1.98 -38.92
C ILE X 26 -2.06 -1.12 -38.83
N ILE X 27 -0.90 -1.78 -38.69
CA ILE X 27 0.35 -1.04 -38.56
C ILE X 27 0.59 -0.15 -39.77
N ILE X 28 0.41 -0.70 -40.97
CA ILE X 28 0.71 0.06 -42.18
C ILE X 28 -0.22 1.26 -42.31
N HIS X 29 -1.52 1.06 -42.05
CA HIS X 29 -2.45 2.18 -42.13
C HIS X 29 -2.12 3.26 -41.10
N PHE X 30 -1.79 2.85 -39.87
CA PHE X 30 -1.43 3.81 -38.83
C PHE X 30 -0.20 4.60 -39.23
N ILE X 31 0.78 3.94 -39.85
CA ILE X 31 1.99 4.65 -40.28
C ILE X 31 1.66 5.64 -41.40
N LEU X 32 0.78 5.24 -42.32
CA LEU X 32 0.43 6.14 -43.42
C LEU X 32 -0.30 7.38 -42.90
N LEU X 33 -1.20 7.21 -41.93
CA LEU X 33 -1.93 8.35 -41.38
C LEU X 33 -1.01 9.33 -40.67
N SER X 34 0.17 8.89 -40.25
CA SER X 34 1.11 9.74 -39.52
C SER X 34 1.75 10.81 -40.39
N THR X 35 1.65 10.70 -41.70
CA THR X 35 2.34 11.59 -42.62
C THR X 35 1.41 12.69 -43.12
N SER X 36 1.98 13.60 -43.90
CA SER X 36 1.24 14.69 -44.52
C SER X 36 0.88 14.42 -45.97
N ARG X 37 1.80 13.79 -46.72
CA ARG X 37 1.56 13.54 -48.13
C ARG X 37 0.53 12.44 -48.34
N PHE X 38 0.55 11.40 -47.50
CA PHE X 38 -0.28 10.23 -47.70
C PHE X 38 -1.45 10.16 -46.73
N ASN X 39 -1.81 11.28 -46.11
CA ASN X 39 -3.00 11.36 -45.27
C ASN X 39 -4.20 11.56 -46.18
N TRP X 40 -5.08 10.56 -46.24
CA TRP X 40 -6.23 10.59 -47.13
C TRP X 40 -7.49 11.13 -46.46
N LEU X 41 -7.37 11.70 -45.27
CA LEU X 41 -8.52 12.24 -44.56
C LEU X 41 -8.47 13.75 -44.45
N ASP X 42 -7.39 14.32 -43.92
CA ASP X 42 -7.21 15.76 -43.91
C ASP X 42 -6.41 16.28 -45.08
N GLY X 43 -5.62 15.44 -45.73
CA GLY X 43 -4.74 15.90 -46.77
C GLY X 43 -3.49 16.51 -46.19
N PRO X 44 -2.83 17.37 -46.96
CA PRO X 44 -1.56 17.94 -46.50
C PRO X 44 -1.77 18.95 -45.38
N ARG X 45 -0.80 19.00 -44.47
CA ARG X 45 -0.86 19.92 -43.36
C ARG X 45 -0.56 21.34 -43.84
N ALA X 46 -1.01 22.32 -43.06
CA ALA X 46 -0.80 23.72 -43.37
C ALA X 46 0.68 24.08 -43.22
N GLY Y 4 4.90 -37.82 -42.64
CA GLY Y 4 5.06 -37.49 -41.25
C GLY Y 4 3.75 -37.27 -40.52
N SER Y 5 3.51 -38.04 -39.47
CA SER Y 5 2.27 -37.94 -38.71
C SER Y 5 2.39 -36.90 -37.60
N ILE Y 6 3.31 -35.96 -37.76
CA ILE Y 6 3.47 -34.89 -36.77
C ILE Y 6 2.17 -34.09 -36.67
N SER Y 7 1.65 -33.67 -37.81
CA SER Y 7 0.38 -32.96 -37.85
C SER Y 7 -0.82 -33.91 -37.87
N GLY Y 8 -0.60 -35.18 -38.16
CA GLY Y 8 -1.70 -36.11 -38.34
C GLY Y 8 -2.41 -36.00 -39.66
N LEU Y 9 -1.84 -35.28 -40.63
CA LEU Y 9 -2.44 -35.17 -41.95
C LEU Y 9 -1.82 -36.17 -42.91
N SER Y 10 -2.67 -36.83 -43.68
CA SER Y 10 -2.22 -37.75 -44.71
C SER Y 10 -1.71 -36.95 -45.91
N GLU Y 11 -1.37 -37.64 -46.99
CA GLU Y 11 -1.07 -36.98 -48.24
C GLU Y 11 -2.33 -36.58 -49.00
N ALA Y 12 -3.50 -37.02 -48.56
CA ALA Y 12 -4.76 -36.73 -49.27
C ALA Y 12 -5.30 -35.35 -48.89
N GLU Y 13 -5.61 -35.17 -47.60
CA GLU Y 13 -6.20 -33.90 -47.16
C GLU Y 13 -5.24 -32.74 -47.34
N ALA Y 14 -3.94 -33.01 -47.23
CA ALA Y 14 -2.94 -32.00 -47.53
C ALA Y 14 -3.16 -31.41 -48.92
N LYS Y 15 -3.52 -32.26 -49.90
CA LYS Y 15 -3.65 -31.77 -51.26
C LYS Y 15 -4.90 -30.92 -51.45
N GLU Y 16 -6.05 -31.35 -50.93
CA GLU Y 16 -7.26 -30.53 -51.06
C GLU Y 16 -7.07 -29.19 -50.37
N PHE Y 17 -6.56 -29.20 -49.13
CA PHE Y 17 -6.37 -27.95 -48.42
C PHE Y 17 -5.34 -27.08 -49.12
N HIS Y 18 -4.29 -27.69 -49.68
CA HIS Y 18 -3.27 -26.90 -50.36
C HIS Y 18 -3.83 -26.26 -51.61
N SER Y 19 -4.67 -26.98 -52.36
CA SER Y 19 -5.34 -26.40 -53.51
C SER Y 19 -6.12 -25.15 -53.12
N ILE Y 20 -7.05 -25.31 -52.19
CA ILE Y 20 -7.90 -24.16 -51.88
C ILE Y 20 -7.09 -23.04 -51.23
N PHE Y 21 -6.07 -23.38 -50.45
CA PHE Y 21 -5.21 -22.39 -49.82
C PHE Y 21 -4.46 -21.57 -50.87
N VAL Y 22 -3.92 -22.24 -51.89
CA VAL Y 22 -3.18 -21.52 -52.92
C VAL Y 22 -4.12 -20.60 -53.69
N THR Y 23 -5.33 -21.07 -54.00
CA THR Y 23 -6.26 -20.21 -54.73
C THR Y 23 -6.63 -18.97 -53.91
N SER Y 24 -6.88 -19.14 -52.61
CA SER Y 24 -7.20 -17.98 -51.78
C SER Y 24 -6.01 -17.04 -51.64
N PHE Y 25 -4.82 -17.60 -51.45
CA PHE Y 25 -3.61 -16.80 -51.37
C PHE Y 25 -3.41 -15.96 -52.63
N PHE Y 26 -3.70 -16.54 -53.79
N PHE Y 26 -3.71 -16.54 -53.79
CA PHE Y 26 -3.50 -15.80 -55.03
CA PHE Y 26 -3.51 -15.81 -55.04
C PHE Y 26 -4.58 -14.75 -55.26
C PHE Y 26 -4.58 -14.75 -55.26
N LEU Y 27 -5.82 -15.03 -54.85
CA LEU Y 27 -6.84 -13.99 -54.91
C LEU Y 27 -6.46 -12.81 -54.04
N PHE Y 28 -5.93 -13.10 -52.85
CA PHE Y 28 -5.44 -12.05 -51.95
C PHE Y 28 -4.33 -11.25 -52.61
N ILE Y 29 -3.36 -11.93 -53.21
CA ILE Y 29 -2.24 -11.25 -53.85
C ILE Y 29 -2.72 -10.36 -54.98
N VAL Y 30 -3.67 -10.85 -55.78
CA VAL Y 30 -4.15 -10.08 -56.92
C VAL Y 30 -4.88 -8.82 -56.45
N VAL Y 31 -5.76 -8.95 -55.46
CA VAL Y 31 -6.46 -7.78 -54.93
C VAL Y 31 -5.46 -6.77 -54.39
N ALA Y 32 -4.42 -7.25 -53.68
CA ALA Y 32 -3.42 -6.33 -53.15
C ALA Y 32 -2.66 -5.61 -54.25
N VAL Y 33 -2.33 -6.32 -55.33
CA VAL Y 33 -1.60 -5.70 -56.44
C VAL Y 33 -2.45 -4.62 -57.09
N VAL Y 34 -3.75 -4.88 -57.26
CA VAL Y 34 -4.63 -3.86 -57.84
C VAL Y 34 -4.72 -2.65 -56.92
N ALA Y 35 -4.82 -2.90 -55.60
CA ALA Y 35 -4.87 -1.80 -54.64
C ALA Y 35 -3.60 -0.96 -54.71
N HIS Y 36 -2.44 -1.59 -54.89
CA HIS Y 36 -1.20 -0.83 -54.94
C HIS Y 36 -1.09 -0.05 -56.24
N ILE Y 37 -1.58 -0.60 -57.35
CA ILE Y 37 -1.60 0.17 -58.60
C ILE Y 37 -2.46 1.41 -58.44
N LEU Y 38 -3.64 1.24 -57.85
CA LEU Y 38 -4.52 2.39 -57.62
C LEU Y 38 -3.86 3.41 -56.69
N ALA Y 39 -3.15 2.94 -55.66
CA ALA Y 39 -2.50 3.84 -54.72
C ALA Y 39 -1.39 4.63 -55.41
N TRP Y 40 -0.59 3.97 -56.26
CA TRP Y 40 0.43 4.70 -56.99
C TRP Y 40 -0.18 5.69 -57.96
N MET Y 41 -1.33 5.37 -58.55
CA MET Y 41 -2.01 6.35 -59.38
C MET Y 41 -2.47 7.54 -58.57
N TRP Y 42 -2.88 7.31 -57.32
CA TRP Y 42 -3.32 8.41 -56.45
C TRP Y 42 -2.13 9.23 -55.96
N ARG Y 43 -1.11 8.57 -55.43
CA ARG Y 43 0.10 9.24 -54.94
C ARG Y 43 1.29 8.34 -55.24
N PRO Y 44 2.31 8.85 -55.91
CA PRO Y 44 3.56 8.10 -56.00
C PRO Y 44 4.43 8.34 -54.78
N TRP Y 45 5.15 7.29 -54.39
CA TRP Y 45 6.13 7.39 -53.31
C TRP Y 45 7.53 7.24 -53.88
N LEU Y 46 8.52 7.12 -52.99
CA LEU Y 46 9.94 7.03 -53.33
C LEU Y 46 10.41 8.27 -54.06
N PRO Y 47 10.45 9.43 -53.41
CA PRO Y 47 10.90 10.65 -54.09
C PRO Y 47 12.39 10.68 -54.36
N LYS Y 48 12.87 11.80 -54.91
CA LYS Y 48 14.28 12.03 -55.13
C LYS Y 48 14.87 12.81 -53.95
N ALA Y 49 16.19 12.92 -53.94
CA ALA Y 49 16.89 13.52 -52.80
C ALA Y 49 16.54 14.99 -52.60
N THR Y 50 15.90 15.63 -53.58
CA THR Y 50 15.49 17.02 -53.46
C THR Y 50 14.00 17.17 -53.18
N GLY Y 51 13.24 16.09 -53.21
CA GLY Y 51 11.82 16.13 -52.98
C GLY Y 51 11.04 15.80 -54.25
N TYR Y 52 9.76 16.13 -54.21
CA TYR Y 52 8.89 15.91 -55.36
C TYR Y 52 8.86 17.15 -56.25
N TRP Z 2 -51.55 1.74 17.63
CA TRP Z 2 -50.73 1.11 18.65
C TRP Z 2 -50.03 -0.13 18.12
N ARG Z 3 -50.41 -0.54 16.90
CA ARG Z 3 -49.86 -1.74 16.31
C ARG Z 3 -48.35 -1.67 16.16
N ILE Z 4 -47.82 -0.47 15.87
CA ILE Z 4 -46.41 -0.31 15.55
C ILE Z 4 -45.51 -0.83 16.66
N TRP Z 5 -46.02 -0.86 17.89
CA TRP Z 5 -45.19 -1.26 19.02
C TRP Z 5 -45.05 -2.77 19.14
N LEU Z 6 -45.92 -3.53 18.49
CA LEU Z 6 -45.68 -4.96 18.35
C LEU Z 6 -44.54 -5.24 17.37
N LEU Z 7 -44.16 -4.26 16.56
CA LEU Z 7 -43.12 -4.40 15.57
C LEU Z 7 -41.83 -3.67 15.90
N PHE Z 8 -41.91 -2.51 16.54
CA PHE Z 8 -40.74 -1.70 16.86
C PHE Z 8 -40.49 -1.71 18.36
N ASP Z 9 -39.25 -1.98 18.74
CA ASP Z 9 -38.85 -2.02 20.14
C ASP Z 9 -38.71 -0.60 20.68
N PRO Z 10 -39.54 -0.20 21.64
CA PRO Z 10 -39.46 1.18 22.15
C PRO Z 10 -38.09 1.56 22.68
N ARG Z 11 -37.35 0.60 23.25
CA ARG Z 11 -36.05 0.89 23.84
C ARG Z 11 -35.00 1.30 22.82
N ARG Z 12 -35.34 1.35 21.53
CA ARG Z 12 -34.42 1.89 20.54
C ARG Z 12 -35.13 2.97 19.73
N ALA Z 13 -36.45 2.80 19.55
CA ALA Z 13 -37.23 3.83 18.87
C ALA Z 13 -37.14 5.16 19.61
N LEU Z 14 -37.29 5.14 20.94
CA LEU Z 14 -37.24 6.40 21.69
C LEU Z 14 -35.85 6.99 21.68
N VAL Z 15 -34.81 6.15 21.72
CA VAL Z 15 -33.45 6.68 21.70
C VAL Z 15 -33.16 7.35 20.36
N LEU Z 16 -33.51 6.69 19.26
CA LEU Z 16 -33.33 7.29 17.95
C LEU Z 16 -34.12 8.59 17.82
N LEU Z 17 -35.37 8.58 18.28
CA LEU Z 17 -36.20 9.77 18.21
C LEU Z 17 -35.58 10.92 19.00
N PHE Z 18 -35.06 10.63 20.19
CA PHE Z 18 -34.53 11.70 21.03
C PHE Z 18 -33.24 12.27 20.43
N VAL Z 19 -32.35 11.41 19.95
CA VAL Z 19 -31.12 11.90 19.34
C VAL Z 19 -31.44 12.73 18.10
N PHE Z 20 -32.39 12.27 17.29
CA PHE Z 20 -32.74 13.00 16.08
C PHE Z 20 -33.37 14.35 16.40
N LEU Z 21 -34.27 14.38 17.38
CA LEU Z 21 -34.91 15.64 17.75
C LEU Z 21 -33.89 16.63 18.31
N PHE Z 22 -32.95 16.15 19.13
CA PHE Z 22 -31.92 17.05 19.66
C PHE Z 22 -31.04 17.59 18.54
N GLY Z 23 -30.62 16.73 17.61
CA GLY Z 23 -29.82 17.21 16.49
C GLY Z 23 -30.56 18.25 15.67
N LEU Z 24 -31.85 18.03 15.43
CA LEU Z 24 -32.64 18.98 14.66
C LEU Z 24 -32.74 20.32 15.39
N ALA Z 25 -33.02 20.28 16.70
CA ALA Z 25 -33.13 21.52 17.46
C ALA Z 25 -31.81 22.29 17.46
N ILE Z 26 -30.70 21.59 17.62
CA ILE Z 26 -29.39 22.23 17.56
C ILE Z 26 -29.17 22.88 16.20
N ILE Z 27 -29.52 22.18 15.12
CA ILE Z 27 -29.30 22.73 13.78
C ILE Z 27 -30.13 23.99 13.58
N ILE Z 28 -31.40 23.96 13.96
CA ILE Z 28 -32.27 25.11 13.76
C ILE Z 28 -31.78 26.30 14.59
N HIS Z 29 -31.41 26.05 15.84
CA HIS Z 29 -30.91 27.12 16.69
C HIS Z 29 -29.64 27.73 16.10
N PHE Z 30 -28.73 26.90 15.58
CA PHE Z 30 -27.51 27.43 14.97
C PHE Z 30 -27.83 28.26 13.73
N ILE Z 31 -28.75 27.78 12.89
CA ILE Z 31 -29.14 28.54 11.70
C ILE Z 31 -29.67 29.92 12.11
N LEU Z 32 -30.58 29.95 13.08
CA LEU Z 32 -31.14 31.22 13.53
C LEU Z 32 -30.05 32.13 14.09
N LEU Z 33 -29.13 31.55 14.86
CA LEU Z 33 -28.12 32.37 15.52
C LEU Z 33 -27.09 32.91 14.53
N SER Z 34 -26.92 32.25 13.38
CA SER Z 34 -25.96 32.71 12.39
C SER Z 34 -26.47 33.88 11.56
N THR Z 35 -27.77 34.12 11.52
CA THR Z 35 -28.31 35.27 10.81
C THR Z 35 -28.03 36.54 11.60
N SER Z 36 -28.50 37.66 11.07
CA SER Z 36 -28.46 38.92 11.81
C SER Z 36 -29.83 39.39 12.28
N ARG Z 37 -30.89 39.07 11.54
CA ARG Z 37 -32.23 39.48 11.97
C ARG Z 37 -32.69 38.70 13.19
N PHE Z 38 -32.26 37.45 13.33
CA PHE Z 38 -32.76 36.59 14.40
C PHE Z 38 -31.70 36.28 15.45
N ASN Z 39 -30.56 36.96 15.42
CA ASN Z 39 -29.58 36.81 16.47
C ASN Z 39 -30.10 37.45 17.75
N TRP Z 40 -30.40 36.63 18.75
CA TRP Z 40 -30.99 37.10 20.00
C TRP Z 40 -29.95 37.34 21.09
N LEU Z 41 -28.66 37.30 20.75
CA LEU Z 41 -27.62 37.53 21.74
C LEU Z 41 -26.85 38.82 21.48
N ASP Z 42 -26.26 38.99 20.31
CA ASP Z 42 -25.55 40.21 19.99
C ASP Z 42 -26.39 41.19 19.19
N GLY Z 43 -27.55 40.77 18.68
CA GLY Z 43 -28.42 41.64 17.93
C GLY Z 43 -28.02 41.75 16.48
N PRO Z 44 -28.62 42.69 15.77
CA PRO Z 44 -28.32 42.84 14.34
C PRO Z 44 -26.91 43.35 14.10
N ARG Z 45 -26.44 43.14 12.88
CA ARG Z 45 -25.11 43.55 12.47
C ARG Z 45 -25.20 44.78 11.58
N ALA Z 46 -24.13 45.58 11.62
CA ALA Z 46 -24.03 46.80 10.81
C ALA Z 46 -25.21 47.74 11.03
N SER AA 5 -45.04 -9.76 20.39
CA SER AA 5 -44.96 -10.70 19.27
C SER AA 5 -43.53 -10.78 18.73
N ILE AA 6 -43.09 -9.71 18.07
CA ILE AA 6 -41.74 -9.63 17.53
C ILE AA 6 -40.89 -8.65 18.32
N SER AA 7 -41.45 -7.49 18.68
CA SER AA 7 -40.75 -6.56 19.57
C SER AA 7 -40.70 -7.06 21.00
N GLY AA 8 -41.35 -8.19 21.31
CA GLY AA 8 -41.34 -8.74 22.65
C GLY AA 8 -42.36 -8.13 23.59
N LEU AA 9 -43.37 -7.45 23.07
CA LEU AA 9 -44.39 -6.81 23.88
C LEU AA 9 -45.74 -7.46 23.64
N SER AA 10 -46.54 -7.54 24.70
CA SER AA 10 -47.92 -7.99 24.61
C SER AA 10 -48.83 -6.82 24.28
N GLU AA 11 -50.08 -7.15 23.94
CA GLU AA 11 -51.02 -6.13 23.46
C GLU AA 11 -51.24 -5.04 24.50
N ALA AA 12 -51.43 -5.42 25.77
CA ALA AA 12 -51.74 -4.44 26.80
C ALA AA 12 -50.61 -3.44 26.97
N GLU AA 13 -49.37 -3.94 27.10
CA GLU AA 13 -48.22 -3.05 27.23
C GLU AA 13 -48.12 -2.11 26.04
N ALA AA 14 -48.24 -2.66 24.83
CA ALA AA 14 -48.16 -1.84 23.62
C ALA AA 14 -49.21 -0.74 23.63
N LYS AA 15 -50.44 -1.08 24.02
CA LYS AA 15 -51.51 -0.08 23.98
C LYS AA 15 -51.29 1.02 25.01
N GLU AA 16 -50.93 0.67 26.25
CA GLU AA 16 -50.73 1.72 27.24
C GLU AA 16 -49.49 2.56 26.93
N PHE AA 17 -48.45 1.93 26.38
CA PHE AA 17 -47.29 2.68 25.92
C PHE AA 17 -47.67 3.65 24.82
N HIS AA 18 -48.53 3.21 23.90
CA HIS AA 18 -49.02 4.11 22.85
C HIS AA 18 -49.77 5.29 23.46
N SER AA 19 -50.59 5.02 24.48
CA SER AA 19 -51.37 6.09 25.10
C SER AA 19 -50.44 7.15 25.71
N ILE AA 20 -49.49 6.71 26.53
CA ILE AA 20 -48.58 7.68 27.17
C ILE AA 20 -47.74 8.38 26.12
N PHE AA 21 -47.31 7.66 25.08
CA PHE AA 21 -46.54 8.26 24.00
C PHE AA 21 -47.32 9.39 23.33
N VAL AA 22 -48.59 9.13 22.99
CA VAL AA 22 -49.39 10.15 22.32
C VAL AA 22 -49.61 11.34 23.23
N THR AA 23 -49.86 11.10 24.52
CA THR AA 23 -50.04 12.22 25.45
C THR AA 23 -48.80 13.10 25.49
N SER AA 24 -47.62 12.48 25.66
CA SER AA 24 -46.39 13.28 25.73
C SER AA 24 -46.12 14.00 24.42
N PHE AA 25 -46.33 13.33 23.29
CA PHE AA 25 -46.18 13.96 21.99
C PHE AA 25 -47.08 15.18 21.85
N PHE AA 26 -48.31 15.08 22.36
N PHE AA 26 -48.31 15.09 22.36
CA PHE AA 26 -49.26 16.18 22.27
CA PHE AA 26 -49.23 16.23 22.24
C PHE AA 26 -48.82 17.36 23.14
C PHE AA 26 -48.81 17.38 23.14
N LEU AA 27 -48.31 17.08 24.33
CA LEU AA 27 -47.77 18.15 25.18
C LEU AA 27 -46.58 18.82 24.52
N PHE AA 28 -45.69 18.04 23.92
CA PHE AA 28 -44.56 18.60 23.18
C PHE AA 28 -45.06 19.52 22.07
N ILE AA 29 -46.07 19.08 21.32
CA ILE AA 29 -46.57 19.86 20.20
C ILE AA 29 -47.18 21.16 20.68
N VAL AA 30 -47.96 21.13 21.75
CA VAL AA 30 -48.61 22.36 22.20
C VAL AA 30 -47.57 23.35 22.75
N VAL AA 31 -46.54 22.83 23.44
CA VAL AA 31 -45.47 23.71 23.90
C VAL AA 31 -44.76 24.35 22.73
N ALA AA 32 -44.49 23.57 21.68
CA ALA AA 32 -43.85 24.13 20.49
C ALA AA 32 -44.72 25.20 19.84
N VAL AA 33 -46.03 25.00 19.81
CA VAL AA 33 -46.94 25.99 19.23
C VAL AA 33 -46.86 27.29 20.01
N VAL AA 34 -46.89 27.21 21.33
CA VAL AA 34 -46.78 28.42 22.15
C VAL AA 34 -45.45 29.12 21.88
N ALA AA 35 -44.37 28.34 21.82
CA ALA AA 35 -43.05 28.90 21.55
C ALA AA 35 -43.02 29.62 20.21
N HIS AA 36 -43.69 29.07 19.20
CA HIS AA 36 -43.68 29.70 17.88
C HIS AA 36 -44.51 30.98 17.87
N ILE AA 37 -45.64 30.98 18.58
CA ILE AA 37 -46.41 32.22 18.69
C ILE AA 37 -45.56 33.32 19.32
N LEU AA 38 -44.87 32.98 20.40
CA LEU AA 38 -44.00 33.96 21.05
C LEU AA 38 -42.88 34.42 20.13
N ALA AA 39 -42.26 33.49 19.41
CA ALA AA 39 -41.18 33.84 18.48
C ALA AA 39 -41.68 34.79 17.40
N TRP AA 40 -42.88 34.55 16.88
CA TRP AA 40 -43.42 35.46 15.87
C TRP AA 40 -43.69 36.83 16.47
N MET AA 41 -44.21 36.88 17.69
CA MET AA 41 -44.41 38.18 18.33
C MET AA 41 -43.10 38.89 18.61
N TRP AA 42 -41.99 38.17 18.69
CA TRP AA 42 -40.71 38.85 18.86
C TRP AA 42 -40.13 39.32 17.52
N ARG AA 43 -40.11 38.44 16.53
CA ARG AA 43 -39.49 38.74 15.24
C ARG AA 43 -40.15 37.94 14.13
N PRO AA 44 -40.98 38.57 13.29
CA PRO AA 44 -41.64 37.82 12.22
C PRO AA 44 -40.69 37.45 11.09
N TRP AA 45 -41.01 36.35 10.42
CA TRP AA 45 -40.30 35.90 9.24
C TRP AA 45 -41.24 35.94 8.03
N LEU AA 46 -40.81 35.33 6.93
CA LEU AA 46 -41.53 35.29 5.67
C LEU AA 46 -41.75 36.70 5.10
N PRO AA 47 -40.70 37.38 4.65
CA PRO AA 47 -40.86 38.74 4.13
C PRO AA 47 -41.44 38.77 2.72
N LYS AA 48 -41.49 39.96 2.14
CA LYS AA 48 -41.93 40.15 0.77
C LYS AA 48 -40.74 40.16 -0.17
N ALA AA 49 -41.02 40.10 -1.47
CA ALA AA 49 -39.96 40.05 -2.46
C ALA AA 49 -39.08 41.30 -2.43
N THR AA 50 -39.56 42.39 -1.83
CA THR AA 50 -38.76 43.59 -1.67
C THR AA 50 -38.14 43.71 -0.30
N GLY AA 51 -38.38 42.76 0.60
CA GLY AA 51 -37.81 42.77 1.93
C GLY AA 51 -38.83 43.13 2.99
N TYR AA 52 -38.33 43.50 4.16
CA TYR AA 52 -39.18 43.88 5.27
C TYR AA 52 -39.49 45.37 5.23
N TRP BA 2 -50.13 -4.96 -1.13
CA TRP BA 2 -49.70 -5.26 0.23
C TRP BA 2 -48.67 -6.38 0.29
N ARG BA 3 -48.51 -7.09 -0.83
CA ARG BA 3 -47.55 -8.18 -0.89
C ARG BA 3 -46.11 -7.69 -0.87
N ILE BA 4 -45.88 -6.39 -1.03
CA ILE BA 4 -44.52 -5.85 -0.92
C ILE BA 4 -43.93 -6.20 0.44
N TRP BA 5 -44.77 -6.25 1.48
CA TRP BA 5 -44.30 -6.60 2.81
C TRP BA 5 -44.10 -8.10 2.98
N LEU BA 6 -44.71 -8.91 2.11
CA LEU BA 6 -44.31 -10.30 2.00
C LEU BA 6 -42.96 -10.45 1.32
N LEU BA 7 -42.46 -9.38 0.69
CA LEU BA 7 -41.18 -9.37 -0.01
C LEU BA 7 -40.11 -8.58 0.71
N PHE BA 8 -40.48 -7.55 1.46
CA PHE BA 8 -39.54 -6.73 2.21
C PHE BA 8 -39.92 -6.75 3.68
N ASP BA 9 -38.96 -6.37 4.53
CA ASP BA 9 -39.18 -6.34 5.95
C ASP BA 9 -39.63 -4.95 6.37
N PRO BA 10 -40.77 -4.80 7.03
CA PRO BA 10 -41.24 -3.45 7.38
C PRO BA 10 -40.29 -2.67 8.28
N ARG BA 11 -39.76 -3.29 9.33
CA ARG BA 11 -38.90 -2.55 10.25
C ARG BA 11 -37.54 -2.24 9.65
N ARG BA 12 -37.09 -3.00 8.65
CA ARG BA 12 -35.82 -2.71 8.00
C ARG BA 12 -35.97 -1.71 6.86
N ALA BA 13 -37.15 -1.61 6.26
CA ALA BA 13 -37.38 -0.71 5.15
C ALA BA 13 -37.90 0.65 5.60
N LEU BA 14 -38.70 0.69 6.67
CA LEU BA 14 -39.29 1.94 7.11
C LEU BA 14 -38.23 2.89 7.66
N VAL BA 15 -37.18 2.35 8.28
CA VAL BA 15 -36.10 3.20 8.78
C VAL BA 15 -35.35 3.84 7.62
N LEU BA 16 -35.06 3.07 6.58
CA LEU BA 16 -34.40 3.64 5.40
C LEU BA 16 -35.30 4.67 4.74
N LEU BA 17 -36.61 4.41 4.70
CA LEU BA 17 -37.53 5.39 4.14
C LEU BA 17 -37.50 6.70 4.93
N PHE BA 18 -37.49 6.60 6.26
CA PHE BA 18 -37.46 7.80 7.08
C PHE BA 18 -36.15 8.58 6.90
N VAL BA 19 -35.03 7.87 6.89
CA VAL BA 19 -33.74 8.53 6.67
C VAL BA 19 -33.72 9.21 5.31
N PHE BA 20 -34.22 8.53 4.28
CA PHE BA 20 -34.23 9.09 2.94
C PHE BA 20 -35.06 10.36 2.87
N LEU BA 21 -36.29 10.31 3.40
CA LEU BA 21 -37.15 11.49 3.36
C LEU BA 21 -36.56 12.65 4.16
N PHE BA 22 -35.96 12.36 5.32
CA PHE BA 22 -35.38 13.43 6.11
C PHE BA 22 -34.21 14.08 5.38
N GLY BA 23 -33.34 13.27 4.78
CA GLY BA 23 -32.23 13.83 4.02
C GLY BA 23 -32.70 14.66 2.84
N LEU BA 24 -33.71 14.17 2.12
CA LEU BA 24 -34.24 14.92 0.99
C LEU BA 24 -34.80 16.27 1.45
N ALA BA 25 -35.57 16.26 2.54
CA ALA BA 25 -36.15 17.50 3.04
C ALA BA 25 -35.07 18.48 3.47
N ILE BA 26 -34.05 18.01 4.19
CA ILE BA 26 -33.02 18.91 4.66
C ILE BA 26 -32.25 19.49 3.47
N ILE BA 27 -32.03 18.70 2.43
CA ILE BA 27 -31.31 19.19 1.26
C ILE BA 27 -32.13 20.27 0.54
N ILE BA 28 -33.42 20.00 0.33
CA ILE BA 28 -34.27 20.99 -0.34
C ILE BA 28 -34.33 22.28 0.46
N HIS BA 29 -34.46 22.16 1.79
CA HIS BA 29 -34.53 23.35 2.63
C HIS BA 29 -33.25 24.16 2.55
N PHE BA 30 -32.09 23.49 2.58
CA PHE BA 30 -30.83 24.20 2.49
C PHE BA 30 -30.69 24.89 1.13
N ILE BA 31 -31.09 24.22 0.06
CA ILE BA 31 -30.99 24.81 -1.27
C ILE BA 31 -31.86 26.06 -1.35
N LEU BA 32 -33.09 25.98 -0.85
CA LEU BA 32 -33.96 27.15 -0.87
C LEU BA 32 -33.39 28.28 -0.01
N LEU BA 33 -32.81 27.93 1.15
CA LEU BA 33 -32.25 28.93 2.05
C LEU BA 33 -31.03 29.60 1.45
N SER BA 34 -30.31 28.91 0.56
CA SER BA 34 -29.11 29.47 -0.02
C SER BA 34 -29.37 30.44 -1.17
N THR BA 35 -30.58 30.45 -1.72
CA THR BA 35 -30.90 31.36 -2.81
C THR BA 35 -31.12 32.75 -2.26
N SER BA 36 -31.50 33.68 -3.14
CA SER BA 36 -31.85 35.03 -2.73
C SER BA 36 -33.35 35.30 -2.78
N ARG BA 37 -34.08 34.64 -3.67
CA ARG BA 37 -35.51 34.87 -3.79
C ARG BA 37 -36.29 34.13 -2.71
N PHE BA 38 -35.92 32.88 -2.43
CA PHE BA 38 -36.69 32.03 -1.53
C PHE BA 38 -36.08 31.95 -0.13
N ASN BA 39 -35.15 32.83 0.21
CA ASN BA 39 -34.66 32.92 1.58
C ASN BA 39 -35.72 33.59 2.44
N TRP BA 40 -36.15 32.90 3.50
CA TRP BA 40 -37.27 33.34 4.31
C TRP BA 40 -36.87 33.84 5.68
N LEU BA 41 -35.57 33.91 5.98
CA LEU BA 41 -35.10 34.43 7.25
C LEU BA 41 -34.60 35.87 7.11
N ASP BA 42 -33.60 36.08 6.26
CA ASP BA 42 -33.05 37.42 6.06
C ASP BA 42 -33.61 38.10 4.81
N GLY BA 43 -34.39 37.38 4.01
CA GLY BA 43 -35.00 37.96 2.83
C GLY BA 43 -34.02 38.10 1.68
N PRO BA 44 -34.39 38.91 0.69
CA PRO BA 44 -33.54 39.06 -0.49
C PRO BA 44 -32.22 39.76 -0.16
N ARG BA 45 -31.27 39.61 -1.08
CA ARG BA 45 -29.96 40.22 -0.96
C ARG BA 45 -29.79 41.26 -2.06
N ALA BA 46 -29.47 42.49 -1.66
CA ALA BA 46 -29.28 43.57 -2.61
C ALA BA 46 -27.91 43.48 -3.28
N SER CA 5 -44.10 -14.92 1.83
CA SER CA 5 -43.96 -15.28 3.24
C SER CA 5 -42.51 -15.50 3.62
N ILE CA 6 -41.60 -14.90 2.84
CA ILE CA 6 -40.18 -15.01 3.13
C ILE CA 6 -39.68 -13.86 4.02
N SER CA 7 -40.46 -12.79 4.16
CA SER CA 7 -40.06 -11.68 5.02
C SER CA 7 -40.24 -11.99 6.49
N GLY CA 8 -40.80 -13.14 6.84
CA GLY CA 8 -41.07 -13.49 8.21
C GLY CA 8 -42.44 -13.10 8.71
N LEU CA 9 -43.30 -12.58 7.83
CA LEU CA 9 -44.64 -12.17 8.21
C LEU CA 9 -45.68 -13.08 7.59
N SER CA 10 -46.88 -13.05 8.15
CA SER CA 10 -48.02 -13.72 7.56
C SER CA 10 -48.75 -12.76 6.64
N GLU CA 11 -49.83 -13.24 6.03
CA GLU CA 11 -50.61 -12.37 5.15
C GLU CA 11 -51.41 -11.34 5.93
N ALA CA 12 -51.96 -11.73 7.09
CA ALA CA 12 -52.78 -10.82 7.87
C ALA CA 12 -51.95 -9.68 8.43
N GLU CA 13 -50.77 -9.99 8.97
CA GLU CA 13 -49.88 -8.96 9.46
C GLU CA 13 -49.46 -8.02 8.33
N ALA CA 14 -49.21 -8.57 7.15
CA ALA CA 14 -48.86 -7.76 5.99
C ALA CA 14 -49.99 -6.80 5.65
N LYS CA 15 -51.23 -7.29 5.63
CA LYS CA 15 -52.37 -6.42 5.34
C LYS CA 15 -52.52 -5.33 6.39
N GLU CA 16 -52.33 -5.68 7.66
CA GLU CA 16 -52.41 -4.67 8.73
C GLU CA 16 -51.39 -3.56 8.50
N PHE CA 17 -50.11 -3.95 8.36
CA PHE CA 17 -49.07 -2.96 8.15
C PHE CA 17 -49.33 -2.13 6.90
N HIS CA 18 -49.82 -2.77 5.84
CA HIS CA 18 -50.04 -2.04 4.59
C HIS CA 18 -51.16 -1.03 4.73
N SER CA 19 -52.24 -1.38 5.43
CA SER CA 19 -53.32 -0.43 5.62
C SER CA 19 -52.84 0.78 6.41
N ILE CA 20 -52.15 0.53 7.52
CA ILE CA 20 -51.67 1.66 8.34
C ILE CA 20 -50.70 2.51 7.55
N PHE CA 21 -49.79 1.86 6.82
CA PHE CA 21 -48.81 2.58 6.01
C PHE CA 21 -49.47 3.44 4.95
N VAL CA 22 -50.51 2.91 4.30
CA VAL CA 22 -51.18 3.67 3.26
C VAL CA 22 -51.85 4.90 3.85
N THR CA 23 -52.55 4.74 4.98
CA THR CA 23 -53.21 5.91 5.56
C THR CA 23 -52.20 6.96 6.00
N SER CA 24 -51.08 6.53 6.60
CA SER CA 24 -50.07 7.48 7.03
C SER CA 24 -49.46 8.22 5.84
N PHE CA 25 -49.08 7.48 4.79
CA PHE CA 25 -48.53 8.09 3.59
C PHE CA 25 -49.50 9.07 2.97
N PHE CA 26 -50.81 8.75 3.00
N PHE CA 26 -50.80 8.76 3.01
CA PHE CA 26 -51.81 9.64 2.44
CA PHE CA 26 -51.79 9.66 2.43
C PHE CA 26 -51.92 10.93 3.24
C PHE CA 26 -51.91 10.94 3.24
N LEU CA 27 -51.91 10.84 4.56
CA LEU CA 27 -51.94 12.04 5.39
C LEU CA 27 -50.71 12.90 5.12
N PHE CA 28 -49.54 12.27 5.01
CA PHE CA 28 -48.32 12.98 4.67
C PHE CA 28 -48.48 13.73 3.35
N ILE CA 29 -49.03 13.06 2.33
CA ILE CA 29 -49.19 13.68 1.02
C ILE CA 29 -50.14 14.86 1.09
N VAL CA 30 -51.23 14.73 1.85
CA VAL CA 30 -52.19 15.83 1.93
C VAL CA 30 -51.55 17.05 2.62
N VAL CA 31 -50.82 16.81 3.71
CA VAL CA 31 -50.15 17.92 4.39
C VAL CA 31 -49.14 18.58 3.47
N ALA CA 32 -48.42 17.78 2.67
CA ALA CA 32 -47.45 18.33 1.74
C ALA CA 32 -48.13 19.19 0.68
N VAL CA 33 -49.30 18.76 0.20
CA VAL CA 33 -50.01 19.53 -0.81
C VAL CA 33 -50.44 20.88 -0.25
N VAL CA 34 -50.96 20.88 0.98
CA VAL CA 34 -51.34 22.15 1.61
C VAL CA 34 -50.12 23.05 1.78
N ALA CA 35 -49.00 22.47 2.21
CA ALA CA 35 -47.77 23.25 2.37
C ALA CA 35 -47.32 23.86 1.06
N HIS CA 36 -47.48 23.14 -0.05
CA HIS CA 36 -47.06 23.68 -1.35
C HIS CA 36 -47.98 24.79 -1.81
N ILE CA 37 -49.29 24.66 -1.54
CA ILE CA 37 -50.21 25.74 -1.86
C ILE CA 37 -49.81 27.01 -1.11
N LEU CA 38 -49.52 26.87 0.19
CA LEU CA 38 -49.15 28.04 0.98
C LEU CA 38 -47.82 28.62 0.50
N ALA CA 39 -46.86 27.76 0.15
CA ALA CA 39 -45.56 28.25 -0.32
C ALA CA 39 -45.70 28.99 -1.65
N TRP CA 40 -46.56 28.51 -2.55
CA TRP CA 40 -46.79 29.23 -3.79
C TRP CA 40 -47.47 30.56 -3.52
N MET CA 41 -48.40 30.60 -2.56
CA MET CA 41 -49.04 31.87 -2.24
C MET CA 41 -48.06 32.87 -1.64
N TRP CA 42 -47.05 32.38 -0.91
CA TRP CA 42 -46.06 33.30 -0.33
C TRP CA 42 -45.13 33.83 -1.42
N ARG CA 43 -44.52 32.96 -2.20
CA ARG CA 43 -43.64 33.39 -3.27
C ARG CA 43 -43.62 32.35 -4.39
N PRO CA 44 -44.09 32.69 -5.58
CA PRO CA 44 -44.18 31.70 -6.66
C PRO CA 44 -42.83 31.42 -7.30
N TRP CA 45 -42.76 30.27 -7.96
CA TRP CA 45 -41.62 29.87 -8.76
C TRP CA 45 -42.06 29.68 -10.20
N LEU CA 46 -41.19 29.09 -11.02
CA LEU CA 46 -41.40 28.92 -12.45
C LEU CA 46 -41.54 30.27 -13.15
N PRO CA 47 -40.47 31.05 -13.27
CA PRO CA 47 -40.57 32.35 -13.94
C PRO CA 47 -40.74 32.23 -15.45
N LYS CA 48 -40.89 33.36 -16.13
CA LYS CA 48 -40.94 33.40 -17.57
C LYS CA 48 -39.54 33.56 -18.15
N ALA CA 49 -39.43 33.31 -19.47
CA ALA CA 49 -38.11 33.27 -20.10
C ALA CA 49 -37.37 34.59 -19.98
N THR CA 50 -38.07 35.70 -19.73
CA THR CA 50 -37.43 36.99 -19.50
C THR CA 50 -37.06 37.20 -18.05
N GLY CA 51 -37.56 36.38 -17.13
CA GLY CA 51 -37.33 36.53 -15.71
C GLY CA 51 -38.58 36.96 -14.98
N TYR CA 52 -38.43 37.13 -13.67
CA TYR CA 52 -39.53 37.63 -12.84
C TYR CA 52 -39.77 39.10 -13.13
N TRP DA 2 -43.82 -12.31 -18.20
CA TRP DA 2 -43.87 -12.61 -16.77
C TRP DA 2 -42.84 -13.67 -16.38
N ARG DA 3 -42.42 -14.48 -17.35
CA ARG DA 3 -41.49 -15.57 -17.06
C ARG DA 3 -40.14 -15.07 -16.55
N ILE DA 4 -39.77 -13.83 -16.86
CA ILE DA 4 -38.48 -13.30 -16.46
C ILE DA 4 -38.27 -13.33 -14.95
N TRP DA 5 -39.34 -13.49 -14.18
CA TRP DA 5 -39.24 -13.53 -12.73
C TRP DA 5 -38.96 -14.92 -12.19
N LEU DA 6 -38.75 -15.90 -13.07
CA LEU DA 6 -38.23 -17.19 -12.69
C LEU DA 6 -36.71 -17.26 -12.83
N LEU DA 7 -36.08 -16.16 -13.25
CA LEU DA 7 -34.63 -16.05 -13.34
C LEU DA 7 -34.06 -15.10 -12.30
N PHE DA 8 -34.56 -13.88 -12.25
CA PHE DA 8 -34.06 -12.85 -11.35
C PHE DA 8 -34.90 -12.81 -10.07
N ASP DA 9 -34.28 -12.30 -9.02
CA ASP DA 9 -34.96 -12.17 -7.73
C ASP DA 9 -35.73 -10.85 -7.70
N PRO DA 10 -37.05 -10.87 -7.52
CA PRO DA 10 -37.80 -9.61 -7.47
C PRO DA 10 -37.25 -8.60 -6.47
N ARG DA 11 -36.78 -9.06 -5.31
CA ARG DA 11 -36.28 -8.13 -4.30
C ARG DA 11 -35.03 -7.40 -4.79
N ARG DA 12 -34.06 -8.16 -5.30
CA ARG DA 12 -32.81 -7.56 -5.77
C ARG DA 12 -33.06 -6.64 -6.95
N ALA DA 13 -33.83 -7.12 -7.94
CA ALA DA 13 -34.13 -6.29 -9.10
C ALA DA 13 -34.85 -5.02 -8.69
N LEU DA 14 -35.80 -5.13 -7.76
CA LEU DA 14 -36.58 -3.96 -7.38
C LEU DA 14 -35.73 -2.93 -6.66
N VAL DA 15 -34.86 -3.38 -5.75
CA VAL DA 15 -34.05 -2.42 -5.00
C VAL DA 15 -33.04 -1.74 -5.92
N LEU DA 16 -32.39 -2.51 -6.80
CA LEU DA 16 -31.43 -1.87 -7.69
C LEU DA 16 -32.14 -0.97 -8.70
N LEU DA 17 -33.37 -1.31 -9.09
CA LEU DA 17 -34.12 -0.45 -10.00
C LEU DA 17 -34.47 0.87 -9.34
N PHE DA 18 -34.93 0.82 -8.09
CA PHE DA 18 -35.23 2.05 -7.38
C PHE DA 18 -33.98 2.92 -7.22
N VAL DA 19 -32.85 2.30 -6.89
CA VAL DA 19 -31.59 3.04 -6.78
C VAL DA 19 -31.25 3.74 -8.08
N PHE DA 20 -31.30 2.98 -9.20
CA PHE DA 20 -30.96 3.55 -10.49
C PHE DA 20 -31.89 4.69 -10.88
N LEU DA 21 -33.20 4.51 -10.64
CA LEU DA 21 -34.16 5.55 -11.01
C LEU DA 21 -33.94 6.81 -10.20
N PHE DA 22 -33.72 6.67 -8.89
CA PHE DA 22 -33.46 7.85 -8.07
C PHE DA 22 -32.20 8.56 -8.52
N GLY DA 23 -31.13 7.82 -8.82
CA GLY DA 23 -29.92 8.45 -9.30
C GLY DA 23 -30.13 9.22 -10.58
N LEU DA 24 -30.81 8.59 -11.54
CA LEU DA 24 -31.10 9.27 -12.81
C LEU DA 24 -31.90 10.55 -12.59
N ALA DA 25 -32.93 10.49 -11.75
CA ALA DA 25 -33.77 11.66 -11.52
C ALA DA 25 -32.98 12.80 -10.87
N ILE DA 26 -32.15 12.47 -9.88
CA ILE DA 26 -31.33 13.49 -9.24
C ILE DA 26 -30.38 14.13 -10.25
N ILE DA 27 -29.73 13.31 -11.07
CA ILE DA 27 -28.78 13.84 -12.04
C ILE DA 27 -29.48 14.78 -13.01
N ILE DA 28 -30.65 14.38 -13.51
CA ILE DA 28 -31.36 15.20 -14.49
C ILE DA 28 -31.80 16.51 -13.86
N HIS DA 29 -32.35 16.45 -12.65
CA HIS DA 29 -32.78 17.68 -11.98
C HIS DA 29 -31.62 18.65 -11.80
N PHE DA 30 -30.48 18.14 -11.34
CA PHE DA 30 -29.35 19.04 -11.09
C PHE DA 30 -28.77 19.58 -12.39
N ILE DA 31 -28.73 18.77 -13.45
CA ILE DA 31 -28.28 19.27 -14.75
C ILE DA 31 -29.17 20.41 -15.20
N LEU DA 32 -30.49 20.22 -15.12
CA LEU DA 32 -31.40 21.29 -15.52
C LEU DA 32 -31.21 22.53 -14.66
N LEU DA 33 -30.97 22.33 -13.36
CA LEU DA 33 -30.80 23.48 -12.46
C LEU DA 33 -29.51 24.22 -12.73
N SER DA 34 -28.51 23.56 -13.32
CA SER DA 34 -27.26 24.23 -13.62
C SER DA 34 -27.42 25.26 -14.75
N THR DA 35 -28.30 24.99 -15.70
CA THR DA 35 -28.48 25.90 -16.83
C THR DA 35 -29.12 27.20 -16.37
N SER DA 36 -29.22 28.14 -17.30
CA SER DA 36 -29.91 29.40 -17.06
C SER DA 36 -31.33 29.42 -17.61
N ARG DA 37 -31.54 28.83 -18.78
CA ARG DA 37 -32.87 28.81 -19.36
C ARG DA 37 -33.82 27.92 -18.55
N PHE DA 38 -33.33 26.80 -18.03
CA PHE DA 38 -34.16 25.84 -17.31
C PHE DA 38 -33.96 25.90 -15.80
N ASN DA 39 -33.47 27.02 -15.28
CA ASN DA 39 -33.41 27.25 -13.84
C ASN DA 39 -34.74 27.86 -13.40
N TRP DA 40 -35.44 27.17 -12.50
CA TRP DA 40 -36.79 27.56 -12.12
C TRP DA 40 -36.86 28.26 -10.78
N LEU DA 41 -35.74 28.37 -10.05
CA LEU DA 41 -35.76 29.02 -8.75
C LEU DA 41 -35.39 30.49 -8.86
N ASP DA 42 -34.19 30.79 -9.35
CA ASP DA 42 -33.74 32.16 -9.54
C ASP DA 42 -33.82 32.61 -11.00
N GLY DA 43 -34.43 31.80 -11.87
CA GLY DA 43 -34.61 32.17 -13.24
C GLY DA 43 -33.30 32.32 -14.00
N PRO DA 44 -33.33 33.10 -15.08
CA PRO DA 44 -32.15 33.23 -15.93
C PRO DA 44 -31.10 34.17 -15.32
N ARG DA 45 -29.97 34.25 -16.01
CA ARG DA 45 -28.87 35.14 -15.64
C ARG DA 45 -28.78 36.21 -16.73
N ALA DA 46 -29.53 37.28 -16.57
CA ALA DA 46 -29.58 38.35 -17.56
C ALA DA 46 -28.29 39.16 -17.55
N ASP EA 3 -36.64 -30.68 -10.16
CA ASP EA 3 -36.03 -29.37 -9.97
C ASP EA 3 -37.06 -28.33 -9.54
N GLY EA 4 -36.81 -27.08 -9.91
CA GLY EA 4 -37.72 -25.99 -9.59
C GLY EA 4 -37.34 -24.70 -10.28
N SER EA 5 -37.77 -23.58 -9.72
CA SER EA 5 -37.45 -22.28 -10.29
C SER EA 5 -36.00 -21.91 -10.00
N ILE EA 6 -35.38 -21.21 -10.94
CA ILE EA 6 -34.03 -20.70 -10.71
C ILE EA 6 -34.05 -19.56 -9.71
N SER EA 7 -35.18 -18.86 -9.60
CA SER EA 7 -35.31 -17.74 -8.68
C SER EA 7 -35.96 -18.15 -7.37
N GLY EA 8 -36.73 -19.22 -7.35
CA GLY EA 8 -37.43 -19.66 -6.16
C GLY EA 8 -38.91 -19.37 -6.16
N LEU EA 9 -39.35 -18.40 -6.95
CA LEU EA 9 -40.78 -18.08 -7.07
C LEU EA 9 -41.45 -19.09 -7.98
N SER EA 10 -42.65 -19.53 -7.59
CA SER EA 10 -43.42 -20.41 -8.46
C SER EA 10 -44.07 -19.60 -9.58
N GLU EA 11 -44.89 -20.26 -10.37
CA GLU EA 11 -45.53 -19.58 -11.49
C GLU EA 11 -46.58 -18.58 -11.03
N ALA EA 12 -47.38 -18.93 -10.01
CA ALA EA 12 -48.42 -18.03 -9.55
C ALA EA 12 -47.83 -16.76 -8.96
N GLU EA 13 -46.83 -16.90 -8.08
CA GLU EA 13 -46.18 -15.74 -7.51
C GLU EA 13 -45.53 -14.89 -8.59
N ALA EA 14 -44.93 -15.54 -9.59
CA ALA EA 14 -44.30 -14.80 -10.68
C ALA EA 14 -45.32 -13.97 -11.44
N LYS EA 15 -46.45 -14.59 -11.81
CA LYS EA 15 -47.46 -13.87 -12.55
C LYS EA 15 -48.06 -12.73 -11.73
N GLU EA 16 -48.22 -12.92 -10.42
CA GLU EA 16 -48.75 -11.85 -9.58
C GLU EA 16 -47.77 -10.68 -9.49
N PHE EA 17 -46.51 -10.98 -9.21
CA PHE EA 17 -45.50 -9.93 -9.18
C PHE EA 17 -45.42 -9.21 -10.50
N HIS EA 18 -45.56 -9.93 -11.61
CA HIS EA 18 -45.48 -9.29 -12.91
C HIS EA 18 -46.68 -8.37 -13.16
N SER EA 19 -47.88 -8.79 -12.76
CA SER EA 19 -49.04 -7.93 -12.92
C SER EA 19 -48.88 -6.64 -12.12
N ILE EA 20 -48.47 -6.76 -10.86
CA ILE EA 20 -48.29 -5.56 -10.04
C ILE EA 20 -47.19 -4.68 -10.59
N PHE EA 21 -46.10 -5.29 -11.06
CA PHE EA 21 -44.99 -4.54 -11.63
C PHE EA 21 -45.43 -3.76 -12.87
N VAL EA 22 -46.20 -4.40 -13.74
CA VAL EA 22 -46.65 -3.74 -14.95
C VAL EA 22 -47.57 -2.57 -14.61
N THR EA 23 -48.49 -2.78 -13.68
CA THR EA 23 -49.39 -1.70 -13.28
C THR EA 23 -48.61 -0.51 -12.72
N SER EA 24 -47.64 -0.79 -11.84
CA SER EA 24 -46.85 0.30 -11.26
C SER EA 24 -46.05 1.04 -12.31
N PHE EA 25 -45.38 0.29 -13.19
CA PHE EA 25 -44.61 0.91 -14.26
C PHE EA 25 -45.49 1.77 -15.16
N PHE EA 26 -46.72 1.32 -15.43
N PHE EA 26 -46.72 1.32 -15.44
CA PHE EA 26 -47.61 2.08 -16.30
CA PHE EA 26 -47.60 2.10 -16.30
C PHE EA 26 -48.06 3.37 -15.63
C PHE EA 26 -48.05 3.38 -15.63
N LEU EA 27 -48.39 3.32 -14.33
CA LEU EA 27 -48.76 4.53 -13.62
C LEU EA 27 -47.60 5.52 -13.59
N PHE EA 28 -46.39 5.01 -13.36
CA PHE EA 28 -45.19 5.86 -13.38
C PHE EA 28 -45.03 6.55 -14.73
N ILE EA 29 -45.20 5.79 -15.81
CA ILE EA 29 -45.04 6.35 -17.15
C ILE EA 29 -46.10 7.41 -17.43
N VAL EA 30 -47.34 7.16 -17.00
CA VAL EA 30 -48.41 8.14 -17.24
C VAL EA 30 -48.10 9.44 -16.51
N VAL EA 31 -47.71 9.35 -15.23
CA VAL EA 31 -47.40 10.57 -14.47
C VAL EA 31 -46.24 11.30 -15.11
N ALA EA 32 -45.23 10.57 -15.58
CA ALA EA 32 -44.09 11.21 -16.22
C ALA EA 32 -44.51 11.93 -17.49
N VAL EA 33 -45.40 11.33 -18.28
CA VAL EA 33 -45.85 11.98 -19.52
C VAL EA 33 -46.59 13.27 -19.21
N VAL EA 34 -47.45 13.26 -18.19
CA VAL EA 34 -48.14 14.50 -17.81
C VAL EA 34 -47.13 15.56 -17.38
N ALA EA 35 -46.14 15.16 -16.57
CA ALA EA 35 -45.13 16.11 -16.12
C ALA EA 35 -44.36 16.69 -17.30
N HIS EA 36 -44.11 15.89 -18.34
CA HIS EA 36 -43.35 16.39 -19.47
C HIS EA 36 -44.17 17.34 -20.32
N ILE EA 37 -45.47 17.06 -20.47
CA ILE EA 37 -46.35 18.01 -21.17
C ILE EA 37 -46.35 19.35 -20.45
N LEU EA 38 -46.49 19.31 -19.12
CA LEU EA 38 -46.47 20.56 -18.35
C LEU EA 38 -45.13 21.28 -18.50
N ALA EA 39 -44.02 20.55 -18.41
CA ALA EA 39 -42.71 21.17 -18.51
C ALA EA 39 -42.50 21.81 -19.89
N TRP EA 40 -42.99 21.16 -20.94
CA TRP EA 40 -42.93 21.77 -22.26
C TRP EA 40 -43.76 23.04 -22.31
N MET EA 41 -44.94 23.02 -21.70
CA MET EA 41 -45.75 24.24 -21.67
C MET EA 41 -45.05 25.36 -20.91
N TRP EA 42 -44.20 25.03 -19.93
CA TRP EA 42 -43.48 26.07 -19.20
C TRP EA 42 -42.40 26.70 -20.08
N ARG EA 43 -41.37 25.92 -20.46
CA ARG EA 43 -40.34 26.37 -21.37
C ARG EA 43 -39.92 25.23 -22.28
N PRO EA 44 -40.06 25.37 -23.60
CA PRO EA 44 -39.69 24.28 -24.50
C PRO EA 44 -38.19 24.10 -24.60
N TRP EA 45 -37.80 22.98 -25.18
CA TRP EA 45 -36.42 22.69 -25.53
C TRP EA 45 -36.35 22.45 -27.04
N LEU EA 46 -35.22 21.93 -27.51
CA LEU EA 46 -34.94 21.70 -28.93
C LEU EA 46 -35.01 23.01 -29.71
N PRO EA 47 -34.05 23.91 -29.53
CA PRO EA 47 -34.07 25.18 -30.26
C PRO EA 47 -33.71 24.99 -31.72
N LYS EA 48 -33.96 26.05 -32.50
CA LYS EA 48 -33.51 26.09 -33.87
C LYS EA 48 -31.99 26.28 -33.93
N ALA EA 49 -31.44 26.08 -35.13
CA ALA EA 49 -29.99 26.12 -35.29
C ALA EA 49 -29.40 27.51 -35.08
N THR EA 50 -30.23 28.53 -34.85
CA THR EA 50 -29.75 29.88 -34.61
C THR EA 50 -30.11 30.40 -33.23
N GLY EA 51 -30.73 29.57 -32.39
CA GLY EA 51 -31.15 30.01 -31.08
C GLY EA 51 -32.66 29.91 -30.89
N TYR EA 52 -33.17 30.54 -29.85
CA TYR EA 52 -34.61 30.52 -29.59
C TYR EA 52 -35.29 31.74 -30.18
N TRP FA 2 -30.40 -20.19 -30.64
CA TRP FA 2 -30.85 -20.01 -29.26
C TRP FA 2 -30.01 -20.87 -28.33
N ARG FA 3 -29.03 -21.57 -28.91
CA ARG FA 3 -28.10 -22.38 -28.12
C ARG FA 3 -27.15 -21.47 -27.35
N ILE FA 4 -27.28 -20.16 -27.54
CA ILE FA 4 -26.48 -19.22 -26.79
C ILE FA 4 -26.90 -19.22 -25.32
N TRP FA 5 -28.21 -19.32 -25.07
CA TRP FA 5 -28.71 -19.31 -23.70
C TRP FA 5 -28.37 -20.60 -22.95
N LEU FA 6 -27.98 -21.66 -23.66
CA LEU FA 6 -27.43 -22.84 -23.03
C LEU FA 6 -25.92 -22.77 -22.91
N LEU FA 7 -25.28 -21.87 -23.65
CA LEU FA 7 -23.84 -21.62 -23.53
C LEU FA 7 -23.54 -20.56 -22.47
N PHE FA 8 -24.41 -19.57 -22.32
CA PHE FA 8 -24.23 -18.49 -21.36
C PHE FA 8 -25.36 -18.50 -20.36
N ASP FA 9 -25.02 -18.42 -19.08
CA ASP FA 9 -25.99 -18.16 -18.04
C ASP FA 9 -26.69 -16.85 -18.34
N PRO FA 10 -27.96 -16.87 -18.72
CA PRO FA 10 -28.62 -15.62 -19.15
C PRO FA 10 -28.69 -14.57 -18.05
N ARG FA 11 -28.72 -14.99 -16.79
CA ARG FA 11 -28.80 -14.07 -15.66
C ARG FA 11 -27.60 -13.15 -15.57
N ARG FA 12 -26.50 -13.47 -16.25
CA ARG FA 12 -25.33 -12.61 -16.33
C ARG FA 12 -25.19 -11.94 -17.69
N ALA FA 13 -25.54 -12.65 -18.75
CA ALA FA 13 -25.53 -12.06 -20.09
C ALA FA 13 -26.44 -10.85 -20.16
N LEU FA 14 -27.62 -10.92 -19.55
CA LEU FA 14 -28.56 -9.81 -19.63
C LEU FA 14 -28.08 -8.60 -18.84
N VAL FA 15 -27.48 -8.82 -17.66
CA VAL FA 15 -27.01 -7.67 -16.91
C VAL FA 15 -25.83 -7.02 -17.62
N LEU FA 16 -24.97 -7.83 -18.25
CA LEU FA 16 -23.87 -7.25 -19.02
C LEU FA 16 -24.38 -6.46 -20.22
N LEU FA 17 -25.37 -7.02 -20.94
CA LEU FA 17 -25.93 -6.32 -22.08
C LEU FA 17 -26.58 -5.01 -21.63
N PHE FA 18 -27.28 -5.02 -20.50
CA PHE FA 18 -27.96 -3.82 -20.04
C PHE FA 18 -26.96 -2.75 -19.63
N VAL FA 19 -25.92 -3.12 -18.87
CA VAL FA 19 -24.94 -2.11 -18.46
C VAL FA 19 -24.20 -1.57 -19.67
N PHE FA 20 -23.94 -2.42 -20.67
CA PHE FA 20 -23.26 -1.96 -21.87
C PHE FA 20 -24.11 -0.98 -22.66
N LEU FA 21 -25.40 -1.31 -22.85
CA LEU FA 21 -26.28 -0.41 -23.59
C LEU FA 21 -26.46 0.92 -22.86
N PHE FA 22 -26.60 0.86 -21.53
CA PHE FA 22 -26.77 2.09 -20.78
C PHE FA 22 -25.52 2.96 -20.83
N GLY FA 23 -24.34 2.33 -20.76
CA GLY FA 23 -23.11 3.10 -20.89
C GLY FA 23 -22.98 3.75 -22.25
N LEU FA 24 -23.30 3.00 -23.31
CA LEU FA 24 -23.26 3.57 -24.65
C LEU FA 24 -24.21 4.77 -24.77
N ALA FA 25 -25.44 4.61 -24.26
CA ALA FA 25 -26.43 5.68 -24.36
C ALA FA 25 -25.97 6.92 -23.58
N ILE FA 26 -25.46 6.72 -22.36
CA ILE FA 26 -24.99 7.84 -21.55
C ILE FA 26 -23.83 8.55 -22.25
N ILE FA 27 -22.88 7.79 -22.79
CA ILE FA 27 -21.73 8.38 -23.46
C ILE FA 27 -22.19 9.22 -24.63
N ILE FA 28 -23.09 8.68 -25.47
CA ILE FA 28 -23.56 9.42 -26.63
C ILE FA 28 -24.29 10.68 -26.22
N HIS FA 29 -25.16 10.57 -25.22
CA HIS FA 29 -25.92 11.74 -24.76
C HIS FA 29 -24.99 12.83 -24.26
N PHE FA 30 -23.99 12.47 -23.45
CA PHE FA 30 -23.11 13.49 -22.89
C PHE FA 30 -22.21 14.09 -23.95
N ILE FA 31 -21.75 13.28 -24.90
CA ILE FA 31 -20.94 13.82 -25.99
C ILE FA 31 -21.74 14.82 -26.81
N LEU FA 32 -22.99 14.48 -27.12
CA LEU FA 32 -23.84 15.41 -27.85
C LEU FA 32 -24.11 16.67 -27.06
N LEU FA 33 -24.32 16.54 -25.75
CA LEU FA 33 -24.62 17.70 -24.93
C LEU FA 33 -23.42 18.61 -24.75
N SER FA 34 -22.21 18.07 -24.86
CA SER FA 34 -21.01 18.89 -24.73
C SER FA 34 -20.73 19.74 -25.96
N THR FA 35 -21.35 19.44 -27.10
CA THR FA 35 -21.17 20.21 -28.31
C THR FA 35 -22.14 21.38 -28.37
N SER FA 36 -21.83 22.35 -29.21
CA SER FA 36 -22.68 23.53 -29.36
C SER FA 36 -23.74 23.35 -30.43
N ARG FA 37 -23.47 22.57 -31.47
CA ARG FA 37 -24.44 22.39 -32.54
C ARG FA 37 -25.61 21.51 -32.11
N PHE FA 38 -25.34 20.50 -31.29
CA PHE FA 38 -26.38 19.56 -30.89
C PHE FA 38 -26.79 19.72 -29.42
N ASN FA 39 -26.45 20.85 -28.82
CA ASN FA 39 -26.95 21.15 -27.48
C ASN FA 39 -28.42 21.52 -27.58
N TRP FA 40 -29.27 20.76 -26.89
CA TRP FA 40 -30.71 20.93 -26.97
C TRP FA 40 -31.31 21.67 -25.79
N LEU FA 41 -30.51 22.01 -24.79
CA LEU FA 41 -31.04 22.73 -23.63
C LEU FA 41 -30.83 24.24 -23.78
N ASP FA 42 -29.57 24.66 -23.84
CA ASP FA 42 -29.27 26.08 -23.97
C ASP FA 42 -29.12 26.53 -25.40
N GLY FA 43 -28.84 25.60 -26.32
CA GLY FA 43 -28.72 25.93 -27.72
C GLY FA 43 -27.31 26.29 -28.11
N PRO FA 44 -27.16 26.88 -29.30
CA PRO FA 44 -25.83 27.26 -29.76
C PRO FA 44 -25.25 28.40 -28.94
N ARG FA 45 -23.93 28.48 -28.92
CA ARG FA 45 -23.22 29.54 -28.21
C ARG FA 45 -22.30 30.26 -29.18
N ALA FA 46 -22.13 31.56 -28.92
CA ALA FA 46 -21.27 32.42 -29.74
C ALA FA 46 -21.67 32.38 -31.21
N GLY GA 4 -31.41 -30.08 -15.81
CA GLY GA 4 -30.75 -28.85 -16.22
C GLY GA 4 -29.64 -29.08 -17.22
N SER GA 5 -28.77 -28.08 -17.36
CA SER GA 5 -27.63 -28.15 -18.28
C SER GA 5 -26.59 -27.15 -17.81
N ILE GA 6 -25.62 -26.85 -18.68
CA ILE GA 6 -24.52 -25.94 -18.32
C ILE GA 6 -25.06 -24.63 -17.77
N SER GA 7 -26.03 -24.04 -18.47
CA SER GA 7 -26.68 -22.84 -17.96
C SER GA 7 -27.68 -23.17 -16.85
N GLY GA 8 -28.42 -24.26 -17.01
CA GLY GA 8 -29.48 -24.62 -16.11
C GLY GA 8 -30.87 -24.57 -16.71
N LEU GA 9 -30.97 -24.49 -18.03
CA LEU GA 9 -32.25 -24.39 -18.72
C LEU GA 9 -32.44 -25.55 -19.67
N SER GA 10 -33.69 -25.86 -19.99
CA SER GA 10 -34.02 -26.87 -20.98
C SER GA 10 -33.92 -26.28 -22.38
N GLU GA 11 -34.40 -27.01 -23.38
CA GLU GA 11 -34.43 -26.47 -24.74
C GLU GA 11 -35.69 -25.67 -25.00
N ALA GA 12 -36.84 -26.14 -24.51
CA ALA GA 12 -38.08 -25.38 -24.66
C ALA GA 12 -38.02 -24.07 -23.88
N GLU GA 13 -37.47 -24.11 -22.67
CA GLU GA 13 -37.27 -22.89 -21.90
C GLU GA 13 -36.37 -21.91 -22.63
N ALA GA 14 -35.30 -22.43 -23.25
CA ALA GA 14 -34.40 -21.57 -24.01
C ALA GA 14 -35.11 -20.96 -25.21
N LYS GA 15 -35.99 -21.72 -25.86
CA LYS GA 15 -36.72 -21.18 -27.00
C LYS GA 15 -37.70 -20.10 -26.58
N GLU GA 16 -38.37 -20.30 -25.45
CA GLU GA 16 -39.25 -19.25 -24.92
C GLU GA 16 -38.46 -17.98 -24.62
N PHE GA 17 -37.35 -18.13 -23.89
CA PHE GA 17 -36.47 -17.01 -23.60
C PHE GA 17 -36.06 -16.30 -24.88
N HIS GA 18 -35.70 -17.06 -25.92
CA HIS GA 18 -35.22 -16.44 -27.14
C HIS GA 18 -36.32 -15.69 -27.86
N SER GA 19 -37.53 -16.25 -27.88
CA SER GA 19 -38.66 -15.55 -28.51
C SER GA 19 -38.90 -14.21 -27.82
N ILE GA 20 -38.97 -14.22 -26.49
CA ILE GA 20 -39.25 -12.98 -25.77
C ILE GA 20 -38.11 -11.98 -25.97
N PHE GA 21 -36.86 -12.44 -25.86
CA PHE GA 21 -35.71 -11.59 -26.08
C PHE GA 21 -35.77 -10.93 -27.44
N VAL GA 22 -36.09 -11.71 -28.49
CA VAL GA 22 -36.12 -11.18 -29.84
C VAL GA 22 -37.19 -10.12 -29.99
N THR GA 23 -38.41 -10.40 -29.49
CA THR GA 23 -39.47 -9.44 -29.70
C THR GA 23 -39.21 -8.13 -28.94
N SER GA 24 -38.64 -8.23 -27.73
CA SER GA 24 -38.34 -7.01 -26.97
C SER GA 24 -37.24 -6.21 -27.65
N PHE GA 25 -36.17 -6.89 -28.11
CA PHE GA 25 -35.11 -6.20 -28.83
C PHE GA 25 -35.64 -5.53 -30.09
N PHE GA 26 -36.58 -6.18 -30.77
N PHE GA 26 -36.58 -6.18 -30.77
CA PHE GA 26 -37.16 -5.61 -31.98
CA PHE GA 26 -37.16 -5.61 -31.98
C PHE GA 26 -37.94 -4.34 -31.68
C PHE GA 26 -37.94 -4.35 -31.68
N LEU GA 27 -38.72 -4.36 -30.60
CA LEU GA 27 -39.45 -3.15 -30.21
C LEU GA 27 -38.49 -2.03 -29.84
N PHE GA 28 -37.40 -2.37 -29.13
CA PHE GA 28 -36.39 -1.37 -28.83
C PHE GA 28 -35.81 -0.75 -30.10
N ILE GA 29 -35.51 -1.60 -31.09
CA ILE GA 29 -34.92 -1.10 -32.32
C ILE GA 29 -35.89 -0.20 -33.07
N VAL GA 30 -37.17 -0.57 -33.12
CA VAL GA 30 -38.11 0.25 -33.89
C VAL GA 30 -38.30 1.61 -33.22
N VAL GA 31 -38.39 1.64 -31.89
CA VAL GA 31 -38.57 2.94 -31.25
C VAL GA 31 -37.29 3.78 -31.39
N ALA GA 32 -36.12 3.14 -31.39
CA ALA GA 32 -34.89 3.89 -31.63
C ALA GA 32 -34.88 4.49 -33.03
N VAL GA 33 -35.36 3.75 -34.03
CA VAL GA 33 -35.41 4.28 -35.39
C VAL GA 33 -36.32 5.48 -35.47
N VAL GA 34 -37.47 5.41 -34.81
CA VAL GA 34 -38.38 6.56 -34.79
C VAL GA 34 -37.69 7.77 -34.15
N ALA GA 35 -36.99 7.54 -33.02
CA ALA GA 35 -36.25 8.61 -32.37
C ALA GA 35 -35.22 9.24 -33.30
N HIS GA 36 -34.54 8.41 -34.10
CA HIS GA 36 -33.52 8.93 -35.00
C HIS GA 36 -34.13 9.75 -36.13
N ILE GA 37 -35.28 9.31 -36.65
CA ILE GA 37 -35.96 10.10 -37.67
C ILE GA 37 -36.33 11.47 -37.12
N LEU GA 38 -36.90 11.50 -35.91
CA LEU GA 38 -37.24 12.77 -35.29
C LEU GA 38 -36.00 13.65 -35.10
N ALA GA 39 -34.92 13.06 -34.59
CA ALA GA 39 -33.70 13.82 -34.35
C ALA GA 39 -33.13 14.37 -35.64
N TRP GA 40 -33.21 13.60 -36.73
CA TRP GA 40 -32.75 14.11 -38.02
C TRP GA 40 -33.60 15.29 -38.47
N MET GA 41 -34.91 15.23 -38.24
CA MET GA 41 -35.74 16.37 -38.60
C MET GA 41 -35.44 17.58 -37.74
N TRP GA 42 -34.95 17.38 -36.51
CA TRP GA 42 -34.62 18.54 -35.67
C TRP GA 42 -33.31 19.19 -36.11
N ARG GA 43 -32.22 18.44 -36.07
CA ARG GA 43 -30.88 18.98 -36.34
C ARG GA 43 -30.13 17.97 -37.19
N PRO GA 44 -30.21 18.09 -38.51
CA PRO GA 44 -29.60 17.08 -39.39
C PRO GA 44 -28.09 17.11 -39.28
N TRP GA 45 -27.50 15.99 -38.87
CA TRP GA 45 -26.08 15.81 -39.04
C TRP GA 45 -25.79 15.51 -40.51
N LEU GA 46 -24.51 15.38 -40.85
CA LEU GA 46 -24.10 15.32 -42.25
C LEU GA 46 -24.59 16.56 -42.98
N PRO GA 47 -24.14 17.75 -42.59
CA PRO GA 47 -24.64 18.98 -43.22
C PRO GA 47 -23.98 19.25 -44.55
N LYS GA 48 -24.26 20.41 -45.14
CA LYS GA 48 -23.70 20.76 -46.43
C LYS GA 48 -22.20 21.05 -46.28
N ALA GA 49 -21.56 21.42 -47.39
CA ALA GA 49 -20.10 21.49 -47.51
C ALA GA 49 -19.41 22.04 -46.26
N THR GA 50 -19.92 23.13 -45.70
CA THR GA 50 -19.41 23.67 -44.44
C THR GA 50 -20.60 24.11 -43.57
N GLY GA 51 -21.08 23.18 -42.74
CA GLY GA 51 -22.20 23.46 -41.87
C GLY GA 51 -21.77 23.74 -40.44
N TYR GA 52 -22.62 24.47 -39.73
CA TYR GA 52 -22.34 24.84 -38.35
C TYR GA 52 -23.62 24.81 -37.50
N TRP HA 2 -21.13 -27.61 -45.83
CA TRP HA 2 -19.77 -27.10 -45.75
C TRP HA 2 -19.04 -27.62 -44.53
N ARG HA 3 -17.91 -28.28 -44.77
CA ARG HA 3 -17.11 -28.88 -43.73
C ARG HA 3 -16.41 -27.86 -42.85
N ILE HA 4 -16.53 -26.57 -43.16
CA ILE HA 4 -15.83 -25.55 -42.37
C ILE HA 4 -16.33 -25.54 -40.94
N TRP HA 5 -17.62 -25.79 -40.74
CA TRP HA 5 -18.21 -25.89 -39.42
C TRP HA 5 -18.13 -27.30 -38.86
N LEU HA 6 -17.28 -28.14 -39.43
CA LEU HA 6 -16.96 -29.45 -38.89
C LEU HA 6 -15.58 -29.52 -38.27
N LEU HA 7 -14.59 -28.86 -38.87
CA LEU HA 7 -13.26 -28.79 -38.28
C LEU HA 7 -13.06 -27.58 -37.38
N PHE HA 8 -13.93 -26.57 -37.48
CA PHE HA 8 -13.75 -25.32 -36.77
C PHE HA 8 -15.03 -24.99 -36.02
N ASP HA 9 -14.94 -24.89 -34.70
CA ASP HA 9 -16.12 -24.74 -33.85
C ASP HA 9 -16.68 -23.33 -33.99
N PRO HA 10 -17.99 -23.19 -34.22
CA PRO HA 10 -18.56 -21.85 -34.45
C PRO HA 10 -18.70 -21.00 -33.20
N ARG HA 11 -19.06 -21.61 -32.06
CA ARG HA 11 -19.35 -20.82 -30.88
C ARG HA 11 -18.11 -20.10 -30.36
N ARG HA 12 -16.92 -20.63 -30.63
CA ARG HA 12 -15.71 -19.96 -30.23
C ARG HA 12 -15.20 -19.00 -31.29
N ALA HA 13 -15.51 -19.26 -32.55
CA ALA HA 13 -15.12 -18.33 -33.62
C ALA HA 13 -15.93 -17.06 -33.56
N LEU HA 14 -17.22 -17.17 -33.23
CA LEU HA 14 -18.09 -16.01 -33.31
C LEU HA 14 -17.72 -14.94 -32.30
N VAL HA 15 -17.37 -15.34 -31.08
CA VAL HA 15 -17.07 -14.34 -30.05
C VAL HA 15 -15.80 -13.58 -30.39
N LEU HA 16 -14.77 -14.28 -30.86
CA LEU HA 16 -13.53 -13.60 -31.23
C LEU HA 16 -13.74 -12.72 -32.45
N LEU HA 17 -14.51 -13.21 -33.43
CA LEU HA 17 -14.85 -12.40 -34.59
C LEU HA 17 -15.55 -11.11 -34.17
N PHE HA 18 -16.50 -11.23 -33.24
CA PHE HA 18 -17.26 -10.06 -32.81
C PHE HA 18 -16.38 -9.09 -32.04
N VAL HA 19 -15.49 -9.61 -31.20
CA VAL HA 19 -14.54 -8.74 -30.50
C VAL HA 19 -13.72 -7.93 -31.49
N PHE HA 20 -13.12 -8.62 -32.47
CA PHE HA 20 -12.29 -7.92 -33.45
C PHE HA 20 -13.10 -6.90 -34.25
N LEU HA 21 -14.32 -7.26 -34.64
CA LEU HA 21 -15.13 -6.37 -35.45
C LEU HA 21 -15.54 -5.13 -34.67
N PHE HA 22 -15.98 -5.31 -33.42
CA PHE HA 22 -16.36 -4.17 -32.59
C PHE HA 22 -15.18 -3.26 -32.33
N GLY HA 23 -14.01 -3.84 -32.05
CA GLY HA 23 -12.81 -3.03 -31.88
C GLY HA 23 -12.47 -2.22 -33.11
N LEU HA 24 -12.56 -2.85 -34.29
CA LEU HA 24 -12.25 -2.13 -35.51
C LEU HA 24 -13.21 -0.98 -35.75
N ALA HA 25 -14.50 -1.21 -35.50
CA ALA HA 25 -15.48 -0.14 -35.67
C ALA HA 25 -15.19 1.02 -34.73
N ILE HA 26 -14.86 0.71 -33.47
CA ILE HA 26 -14.52 1.75 -32.50
C ILE HA 26 -13.31 2.54 -32.98
N ILE HA 27 -12.29 1.83 -33.49
CA ILE HA 27 -11.06 2.49 -33.93
C ILE HA 27 -11.37 3.46 -35.07
N ILE HA 28 -12.14 3.01 -36.06
CA ILE HA 28 -12.42 3.87 -37.22
C ILE HA 28 -13.24 5.08 -36.79
N HIS HA 29 -14.23 4.87 -35.94
CA HIS HA 29 -15.05 6.01 -35.51
C HIS HA 29 -14.22 7.02 -34.73
N PHE HA 30 -13.31 6.55 -33.88
CA PHE HA 30 -12.42 7.47 -33.16
C PHE HA 30 -11.54 8.24 -34.13
N ILE HA 31 -10.92 7.55 -35.08
CA ILE HA 31 -10.04 8.21 -36.03
C ILE HA 31 -10.80 9.29 -36.81
N LEU HA 32 -12.04 9.00 -37.18
CA LEU HA 32 -12.83 9.99 -37.90
C LEU HA 32 -13.21 11.16 -37.01
N LEU HA 33 -13.52 10.90 -35.74
CA LEU HA 33 -13.88 11.99 -34.84
C LEU HA 33 -12.71 12.93 -34.57
N SER HA 34 -11.49 12.41 -34.58
CA SER HA 34 -10.30 13.19 -34.22
C SER HA 34 -9.73 13.97 -35.39
N THR HA 35 -10.55 14.24 -36.42
CA THR HA 35 -10.12 14.98 -37.59
C THR HA 35 -11.02 16.19 -37.76
N SER HA 36 -10.60 17.12 -38.61
CA SER HA 36 -11.36 18.34 -38.84
C SER HA 36 -12.37 18.20 -39.96
N ARG HA 37 -12.05 17.44 -41.00
CA ARG HA 37 -12.94 17.35 -42.15
C ARG HA 37 -14.13 16.43 -41.89
N PHE HA 38 -13.90 15.30 -41.22
CA PHE HA 38 -14.93 14.29 -41.06
C PHE HA 38 -15.50 14.24 -39.65
N ASN HA 39 -15.34 15.32 -38.88
CA ASN HA 39 -15.99 15.42 -37.58
C ASN HA 39 -17.43 15.88 -37.81
N TRP HA 40 -18.38 14.98 -37.57
CA TRP HA 40 -19.78 15.28 -37.83
C TRP HA 40 -20.49 15.93 -36.66
N LEU HA 41 -19.82 16.06 -35.51
CA LEU HA 41 -20.47 16.63 -34.34
C LEU HA 41 -20.65 18.13 -34.48
N ASP HA 42 -19.55 18.86 -34.67
CA ASP HA 42 -19.60 20.29 -34.93
C ASP HA 42 -19.15 20.64 -36.34
N GLY HA 43 -17.97 20.19 -36.73
CA GLY HA 43 -17.42 20.49 -38.03
C GLY HA 43 -15.95 20.88 -37.94
N PRO HA 44 -15.52 21.79 -38.79
CA PRO HA 44 -14.13 22.28 -38.71
C PRO HA 44 -13.90 23.05 -37.44
N ARG HA 45 -12.63 23.12 -37.05
CA ARG HA 45 -12.22 23.88 -35.87
C ARG HA 45 -11.97 25.36 -36.17
N ALA HA 46 -12.26 25.80 -37.40
CA ALA HA 46 -12.09 27.20 -37.81
C ALA HA 46 -10.66 27.68 -37.58
N GLY IA 4 -13.01 -37.57 -39.34
CA GLY IA 4 -14.06 -37.04 -40.19
C GLY IA 4 -14.59 -35.71 -39.72
N SER IA 5 -14.74 -35.57 -38.40
CA SER IA 5 -15.20 -34.33 -37.79
C SER IA 5 -14.31 -34.01 -36.61
N ILE IA 6 -14.27 -32.72 -36.26
CA ILE IA 6 -13.43 -32.24 -35.17
C ILE IA 6 -14.28 -31.54 -34.12
N SER IA 7 -15.01 -30.50 -34.55
CA SER IA 7 -15.74 -29.66 -33.62
C SER IA 7 -16.99 -30.32 -33.05
N GLY IA 8 -17.37 -31.48 -33.55
CA GLY IA 8 -18.51 -32.18 -33.01
C GLY IA 8 -19.84 -31.55 -33.34
N LEU IA 9 -20.15 -31.48 -34.64
CA LEU IA 9 -21.45 -30.99 -35.10
C LEU IA 9 -21.97 -31.93 -36.18
N SER IA 10 -23.24 -32.31 -36.06
CA SER IA 10 -23.88 -33.06 -37.11
C SER IA 10 -24.00 -32.21 -38.37
N GLU IA 11 -24.19 -32.87 -39.51
CA GLU IA 11 -24.21 -32.14 -40.77
C GLU IA 11 -25.39 -31.20 -40.86
N ALA IA 12 -26.52 -31.58 -40.25
CA ALA IA 12 -27.69 -30.69 -40.23
C ALA IA 12 -27.36 -29.38 -39.51
N GLU IA 13 -26.73 -29.48 -38.33
CA GLU IA 13 -26.31 -28.29 -37.62
C GLU IA 13 -25.35 -27.46 -38.46
N ALA IA 14 -24.45 -28.12 -39.17
CA ALA IA 14 -23.50 -27.43 -40.03
C ALA IA 14 -24.21 -26.61 -41.08
N LYS IA 15 -25.15 -27.22 -41.81
CA LYS IA 15 -25.85 -26.47 -42.85
C LYS IA 15 -26.69 -25.34 -42.27
N GLU IA 16 -27.35 -25.59 -41.14
CA GLU IA 16 -28.12 -24.54 -40.48
C GLU IA 16 -27.25 -23.33 -40.17
N PHE IA 17 -26.15 -23.56 -39.45
CA PHE IA 17 -25.29 -22.46 -39.06
C PHE IA 17 -24.69 -21.78 -40.27
N HIS IA 18 -24.33 -22.55 -41.29
CA HIS IA 18 -23.73 -21.96 -42.48
C HIS IA 18 -24.70 -21.03 -43.18
N SER IA 19 -25.95 -21.45 -43.34
CA SER IA 19 -26.94 -20.60 -43.98
C SER IA 19 -27.16 -19.32 -43.19
N ILE IA 20 -27.36 -19.46 -41.87
CA ILE IA 20 -27.58 -18.26 -41.05
C ILE IA 20 -26.39 -17.33 -41.14
N PHE IA 21 -25.18 -17.88 -41.07
CA PHE IA 21 -23.97 -17.08 -41.10
C PHE IA 21 -23.85 -16.31 -42.40
N VAL IA 22 -24.06 -16.97 -43.54
CA VAL IA 22 -23.91 -16.25 -44.80
C VAL IA 22 -24.98 -15.19 -44.95
N THR IA 23 -26.22 -15.47 -44.53
CA THR IA 23 -27.27 -14.46 -44.70
C THR IA 23 -26.98 -13.23 -43.85
N SER IA 24 -26.58 -13.44 -42.59
CA SER IA 24 -26.30 -12.30 -41.72
C SER IA 24 -25.09 -11.53 -42.20
N PHE IA 25 -24.02 -12.23 -42.60
CA PHE IA 25 -22.85 -11.57 -43.15
C PHE IA 25 -23.20 -10.73 -44.37
N PHE IA 26 -24.10 -11.22 -45.22
N PHE IA 26 -24.09 -11.23 -45.22
CA PHE IA 26 -24.44 -10.48 -46.43
CA PHE IA 26 -24.46 -10.50 -46.43
C PHE IA 26 -25.29 -9.26 -46.10
C PHE IA 26 -25.29 -9.27 -46.11
N LEU IA 27 -26.19 -9.37 -45.13
CA LEU IA 27 -26.94 -8.18 -44.70
C LEU IA 27 -26.00 -7.14 -44.14
N PHE IA 28 -25.02 -7.57 -43.33
CA PHE IA 28 -24.01 -6.65 -42.82
C PHE IA 28 -23.29 -5.94 -43.96
N ILE IA 29 -22.86 -6.71 -44.97
CA ILE IA 29 -22.09 -6.12 -46.06
C ILE IA 29 -22.93 -5.13 -46.86
N VAL IA 30 -24.20 -5.46 -47.09
CA VAL IA 30 -25.07 -4.55 -47.85
C VAL IA 30 -25.27 -3.25 -47.08
N VAL IA 31 -25.53 -3.35 -45.77
CA VAL IA 31 -25.71 -2.15 -44.95
C VAL IA 31 -24.45 -1.29 -44.98
N ALA IA 32 -23.27 -1.94 -44.90
CA ALA IA 32 -22.03 -1.19 -44.93
C ALA IA 32 -21.82 -0.50 -46.27
N VAL IA 33 -22.19 -1.16 -47.36
CA VAL IA 33 -22.05 -0.57 -48.68
C VAL IA 33 -22.92 0.68 -48.79
N VAL IA 34 -24.17 0.58 -48.35
CA VAL IA 34 -25.06 1.74 -48.36
C VAL IA 34 -24.47 2.87 -47.54
N ALA IA 35 -23.96 2.55 -46.35
CA ALA IA 35 -23.36 3.56 -45.48
C ALA IA 35 -22.19 4.26 -46.17
N HIS IA 36 -21.34 3.51 -46.86
CA HIS IA 36 -20.20 4.12 -47.52
C HIS IA 36 -20.62 4.99 -48.69
N ILE IA 37 -21.65 4.58 -49.44
CA ILE IA 37 -22.13 5.41 -50.53
C ILE IA 37 -22.65 6.74 -50.00
N LEU IA 38 -23.43 6.68 -48.92
CA LEU IA 38 -23.90 7.92 -48.29
C LEU IA 38 -22.75 8.78 -47.81
N ALA IA 39 -21.77 8.17 -47.15
CA ALA IA 39 -20.64 8.94 -46.63
C ALA IA 39 -19.84 9.60 -47.75
N TRP IA 40 -19.71 8.92 -48.88
CA TRP IA 40 -18.99 9.53 -50.00
C TRP IA 40 -19.77 10.68 -50.60
N MET IA 41 -21.09 10.54 -50.75
CA MET IA 41 -21.83 11.68 -51.28
C MET IA 41 -22.00 12.78 -50.25
N TRP IA 42 -21.64 12.56 -48.99
CA TRP IA 42 -21.58 13.67 -48.04
C TRP IA 42 -20.27 14.43 -48.15
N ARG IA 43 -19.15 13.76 -47.89
CA ARG IA 43 -17.82 14.35 -47.97
C ARG IA 43 -16.85 13.34 -48.55
N PRO IA 44 -16.29 13.61 -49.72
CA PRO IA 44 -15.34 12.65 -50.32
C PRO IA 44 -13.98 12.73 -49.67
N TRP IA 45 -13.27 11.60 -49.72
CA TRP IA 45 -11.90 11.50 -49.27
C TRP IA 45 -10.97 11.33 -50.47
N LEU IA 46 -9.71 11.01 -50.19
CA LEU IA 46 -8.65 10.89 -51.19
C LEU IA 46 -8.45 12.21 -51.93
N PRO IA 47 -7.91 13.24 -51.27
CA PRO IA 47 -7.72 14.52 -51.94
C PRO IA 47 -6.56 14.52 -52.92
N LYS IA 48 -6.26 15.68 -53.50
CA LYS IA 48 -5.11 15.86 -54.37
C LYS IA 48 -3.93 16.39 -53.55
N ALA IA 49 -2.75 16.34 -54.16
CA ALA IA 49 -1.53 16.68 -53.44
C ALA IA 49 -1.50 18.14 -52.98
N THR IA 50 -2.31 19.01 -53.58
CA THR IA 50 -2.39 20.39 -53.13
C THR IA 50 -3.42 20.58 -52.03
N GLY IA 51 -4.31 19.62 -51.82
CA GLY IA 51 -5.38 19.72 -50.86
C GLY IA 51 -6.74 19.73 -51.53
N TYR IA 52 -7.77 19.73 -50.70
CA TYR IA 52 -9.14 19.77 -51.19
C TYR IA 52 -9.43 21.12 -51.85
#